data_2LPM
#
_entry.id   2LPM
#
_entity_poly.entity_id   1
_entity_poly.type   'polypeptide(L)'
_entity_poly.pdbx_seq_one_letter_code
;GSHMTERRLRVLVVEDESMIAMLIEDTLCELGHEVAATASRMQEALDIARKGQFDIAIIDVNLDGEPSYPVADILAERNV
PFIFATGYGSKGLDTRYSNIPLLTKPFLDSELEAVLVQISKEV
;
_entity_poly.pdbx_strand_id   A
#
# COMPACT_ATOMS: atom_id res chain seq x y z
N GLY A 1 -33.35 7.01 3.06
CA GLY A 1 -32.76 6.62 1.75
C GLY A 1 -31.31 6.15 1.96
N SER A 2 -30.79 5.38 1.05
CA SER A 2 -29.39 4.90 1.21
C SER A 2 -28.68 4.88 -0.15
N HIS A 3 -29.28 5.46 -1.15
CA HIS A 3 -28.63 5.48 -2.50
C HIS A 3 -27.50 6.50 -2.53
N MET A 4 -26.32 6.10 -2.12
CA MET A 4 -25.17 7.06 -2.13
C MET A 4 -23.86 6.31 -2.31
N THR A 5 -22.78 7.01 -2.48
CA THR A 5 -21.46 6.34 -2.67
C THR A 5 -20.44 6.96 -1.71
N GLU A 6 -19.34 6.29 -1.48
CA GLU A 6 -18.33 6.86 -0.56
C GLU A 6 -16.92 6.59 -1.10
N ARG A 7 -16.79 6.46 -2.39
CA ARG A 7 -15.47 6.21 -3.00
C ARG A 7 -14.89 4.86 -2.55
N ARG A 8 -15.05 3.85 -3.36
CA ARG A 8 -14.50 2.51 -3.00
C ARG A 8 -13.12 2.32 -3.66
N LEU A 9 -12.09 2.19 -2.89
CA LEU A 9 -10.74 2.02 -3.48
C LEU A 9 -10.13 0.67 -3.10
N ARG A 10 -9.05 0.26 -3.72
CA ARG A 10 -8.42 -1.05 -3.36
C ARG A 10 -6.98 -0.86 -2.89
N VAL A 11 -6.52 -1.66 -1.98
CA VAL A 11 -5.12 -1.51 -1.50
C VAL A 11 -4.47 -2.87 -1.29
N LEU A 12 -3.84 -3.41 -2.29
CA LEU A 12 -3.19 -4.75 -2.11
C LEU A 12 -1.99 -4.57 -1.18
N VAL A 13 -2.22 -4.63 0.10
CA VAL A 13 -1.08 -4.45 1.03
C VAL A 13 -0.56 -5.80 1.49
N VAL A 14 0.72 -5.95 1.55
CA VAL A 14 1.30 -7.25 1.95
C VAL A 14 2.73 -7.07 2.49
N GLU A 15 3.18 -7.97 3.32
CA GLU A 15 4.56 -7.83 3.87
C GLU A 15 4.94 -9.03 4.75
N ASP A 16 4.14 -9.37 5.72
CA ASP A 16 4.47 -10.53 6.60
C ASP A 16 3.24 -11.42 6.80
N GLU A 17 2.52 -11.25 7.88
CA GLU A 17 1.32 -12.11 8.10
C GLU A 17 0.27 -11.41 8.97
N SER A 18 0.38 -11.50 10.27
CA SER A 18 -0.62 -10.86 11.15
C SER A 18 -0.32 -9.37 11.35
N MET A 19 0.89 -8.96 11.09
CA MET A 19 1.23 -7.52 11.27
C MET A 19 0.59 -6.66 10.18
N ILE A 20 0.32 -7.26 9.04
CA ILE A 20 -0.32 -6.49 7.93
C ILE A 20 -1.79 -6.88 7.80
N ALA A 21 -2.16 -7.96 8.42
CA ALA A 21 -3.58 -8.42 8.33
C ALA A 21 -4.48 -7.52 9.18
N MET A 22 -4.64 -7.82 10.43
CA MET A 22 -5.51 -6.97 11.31
C MET A 22 -5.25 -5.48 11.04
N LEU A 23 -4.08 -5.16 10.57
CA LEU A 23 -3.75 -3.73 10.30
C LEU A 23 -4.40 -3.28 8.98
N ILE A 24 -5.03 -4.17 8.26
CA ILE A 24 -5.67 -3.76 6.98
C ILE A 24 -7.20 -3.87 7.08
N GLU A 25 -7.69 -4.75 7.89
CA GLU A 25 -9.17 -4.89 8.02
C GLU A 25 -9.71 -3.85 9.00
N ASP A 26 -8.88 -3.41 9.91
CA ASP A 26 -9.33 -2.38 10.89
C ASP A 26 -9.25 -0.99 10.24
N THR A 27 -8.24 -0.76 9.45
CA THR A 27 -8.12 0.56 8.79
C THR A 27 -9.33 0.77 7.87
N LEU A 28 -9.68 -0.25 7.12
CA LEU A 28 -10.86 -0.14 6.22
C LEU A 28 -12.11 0.13 7.07
N CYS A 29 -12.24 -0.56 8.17
CA CYS A 29 -13.43 -0.34 9.04
C CYS A 29 -13.67 1.16 9.22
N GLU A 30 -12.64 1.94 9.11
CA GLU A 30 -12.78 3.40 9.27
C GLU A 30 -12.91 4.11 7.91
N LEU A 31 -12.08 3.77 6.96
CA LEU A 31 -12.16 4.44 5.62
C LEU A 31 -13.28 3.83 4.77
N GLY A 32 -13.24 2.54 4.54
CA GLY A 32 -14.31 1.90 3.72
C GLY A 32 -13.72 1.29 2.45
N HIS A 33 -12.42 1.20 2.36
CA HIS A 33 -11.80 0.61 1.13
C HIS A 33 -12.54 -0.69 0.75
N GLU A 34 -12.22 -1.25 -0.39
CA GLU A 34 -12.94 -2.49 -0.81
C GLU A 34 -12.03 -3.73 -0.71
N VAL A 35 -11.38 -3.93 0.41
CA VAL A 35 -10.49 -5.12 0.60
C VAL A 35 -9.47 -5.27 -0.55
N ALA A 36 -8.35 -5.85 -0.29
CA ALA A 36 -7.34 -6.01 -1.37
C ALA A 36 -6.34 -7.13 -1.05
N ALA A 37 -5.20 -6.80 -0.49
CA ALA A 37 -4.21 -7.87 -0.19
C ALA A 37 -3.77 -7.81 1.28
N THR A 38 -3.39 -8.95 1.82
CA THR A 38 -2.93 -9.02 3.23
C THR A 38 -1.74 -9.98 3.31
N ALA A 39 -0.90 -9.83 4.29
CA ALA A 39 0.28 -10.74 4.39
C ALA A 39 1.08 -10.63 3.11
N SER A 40 2.15 -11.35 2.95
CA SER A 40 2.91 -11.23 1.67
C SER A 40 2.72 -12.47 0.80
N ARG A 41 2.20 -12.27 -0.38
CA ARG A 41 1.96 -13.39 -1.31
C ARG A 41 2.64 -13.13 -2.65
N MET A 42 3.20 -14.15 -3.26
CA MET A 42 3.87 -13.96 -4.57
C MET A 42 2.84 -13.92 -5.69
N GLN A 43 1.74 -14.59 -5.51
CA GLN A 43 0.67 -14.59 -6.55
C GLN A 43 -0.02 -13.23 -6.59
N GLU A 44 -0.37 -12.70 -5.45
CA GLU A 44 -1.04 -11.37 -5.42
C GLU A 44 -0.10 -10.30 -5.99
N ALA A 45 1.12 -10.25 -5.52
CA ALA A 45 2.06 -9.22 -6.05
C ALA A 45 2.07 -9.27 -7.57
N LEU A 46 2.29 -10.43 -8.13
CA LEU A 46 2.30 -10.55 -9.62
C LEU A 46 1.03 -9.92 -10.19
N ASP A 47 -0.08 -10.14 -9.56
CA ASP A 47 -1.36 -9.56 -10.06
C ASP A 47 -1.27 -8.02 -10.03
N ILE A 48 -0.91 -7.46 -8.90
CA ILE A 48 -0.81 -5.97 -8.84
C ILE A 48 0.41 -5.54 -9.63
N ALA A 49 1.29 -6.45 -9.94
CA ALA A 49 2.49 -6.10 -10.74
C ALA A 49 2.12 -6.06 -12.23
N ARG A 50 1.11 -6.81 -12.60
CA ARG A 50 0.68 -6.83 -14.02
C ARG A 50 -0.59 -5.99 -14.19
N LYS A 51 -1.32 -5.79 -13.12
CA LYS A 51 -2.57 -4.99 -13.20
C LYS A 51 -2.23 -3.51 -13.43
N GLY A 52 -1.33 -2.96 -12.66
CA GLY A 52 -1.00 -1.52 -12.84
C GLY A 52 -2.29 -0.72 -12.70
N GLN A 53 -3.28 -1.31 -12.07
CA GLN A 53 -4.58 -0.62 -11.89
C GLN A 53 -5.26 -1.14 -10.63
N PHE A 54 -4.69 -0.87 -9.49
CA PHE A 54 -5.28 -1.37 -8.22
C PHE A 54 -5.19 -0.32 -7.12
N ASP A 55 -5.25 0.93 -7.47
CA ASP A 55 -5.17 2.02 -6.46
C ASP A 55 -3.84 1.98 -5.69
N ILE A 56 -3.55 0.93 -4.95
CA ILE A 56 -2.25 0.94 -4.19
C ILE A 56 -1.59 -0.46 -4.10
N ALA A 57 -0.30 -0.48 -3.76
CA ALA A 57 0.44 -1.78 -3.68
C ALA A 57 1.52 -1.73 -2.59
N ILE A 58 1.31 -2.33 -1.46
CA ILE A 58 2.38 -2.32 -0.42
C ILE A 58 3.01 -3.70 -0.37
N ILE A 59 4.31 -3.75 -0.29
CA ILE A 59 5.02 -5.06 -0.26
C ILE A 59 6.39 -4.88 0.43
N ASP A 60 6.42 -4.74 1.72
CA ASP A 60 7.72 -4.55 2.44
C ASP A 60 8.81 -5.49 1.92
N VAL A 61 9.97 -4.96 1.64
CA VAL A 61 11.09 -5.80 1.12
C VAL A 61 12.20 -6.00 2.16
N ASN A 62 11.90 -5.86 3.42
CA ASN A 62 12.98 -6.05 4.43
C ASN A 62 12.41 -6.34 5.81
N LEU A 63 11.15 -6.65 5.90
CA LEU A 63 10.57 -6.95 7.23
C LEU A 63 10.16 -8.43 7.28
N ASP A 64 10.52 -9.10 8.33
CA ASP A 64 10.18 -10.53 8.46
C ASP A 64 10.85 -11.40 7.38
N GLY A 65 11.60 -10.82 6.47
CA GLY A 65 12.27 -11.69 5.45
C GLY A 65 12.26 -11.05 4.05
N GLU A 66 12.07 -9.77 3.96
CA GLU A 66 12.07 -9.10 2.62
C GLU A 66 11.40 -9.97 1.56
N PRO A 67 10.21 -10.38 1.84
CA PRO A 67 9.45 -11.22 0.87
C PRO A 67 8.80 -10.35 -0.22
N SER A 68 9.33 -9.18 -0.47
CA SER A 68 8.71 -8.30 -1.51
C SER A 68 9.14 -8.71 -2.92
N TYR A 69 9.64 -9.90 -3.09
CA TYR A 69 10.06 -10.37 -4.45
C TYR A 69 10.89 -9.31 -5.19
N PRO A 70 11.44 -9.75 -6.29
CA PRO A 70 12.26 -8.85 -7.13
C PRO A 70 11.36 -7.81 -7.81
N VAL A 71 10.06 -7.93 -7.63
CA VAL A 71 9.16 -6.93 -8.28
C VAL A 71 8.95 -5.74 -7.34
N ALA A 72 8.49 -5.94 -6.12
CA ALA A 72 8.37 -4.77 -5.19
C ALA A 72 9.65 -3.96 -5.32
N ASP A 73 10.73 -4.67 -5.51
CA ASP A 73 12.03 -3.99 -5.73
C ASP A 73 11.92 -3.11 -6.97
N ILE A 74 11.48 -3.71 -8.03
CA ILE A 74 11.30 -2.97 -9.31
C ILE A 74 10.19 -1.93 -9.15
N LEU A 75 9.09 -2.34 -8.58
CA LEU A 75 7.96 -1.40 -8.37
C LEU A 75 8.50 -0.11 -7.76
N ALA A 76 9.61 -0.18 -7.10
CA ALA A 76 10.21 1.03 -6.48
C ALA A 76 11.19 1.70 -7.44
N GLU A 77 11.84 0.94 -8.28
CA GLU A 77 12.81 1.54 -9.25
C GLU A 77 12.08 2.45 -10.24
N ARG A 78 10.91 2.05 -10.68
CA ARG A 78 10.16 2.90 -11.64
C ARG A 78 8.95 3.54 -10.97
N ASN A 79 8.39 2.88 -9.98
CA ASN A 79 7.22 3.43 -9.26
C ASN A 79 6.07 3.76 -10.23
N VAL A 80 4.86 3.50 -9.82
CA VAL A 80 3.67 3.78 -10.67
C VAL A 80 2.58 4.38 -9.75
N PRO A 81 1.40 4.66 -10.26
CA PRO A 81 0.34 5.20 -9.36
C PRO A 81 0.01 4.14 -8.31
N PHE A 82 0.30 4.42 -7.07
CA PHE A 82 0.07 3.40 -6.01
C PHE A 82 0.61 3.87 -4.65
N ILE A 83 1.24 2.97 -3.95
CA ILE A 83 1.87 3.30 -2.65
C ILE A 83 2.73 2.10 -2.25
N PHE A 84 3.65 2.26 -1.35
CA PHE A 84 4.51 1.09 -0.98
C PHE A 84 5.11 1.26 0.41
N ALA A 85 5.64 0.20 0.93
CA ALA A 85 6.27 0.27 2.27
C ALA A 85 7.39 -0.74 2.33
N THR A 86 8.46 -0.44 3.01
CA THR A 86 9.58 -1.43 3.10
C THR A 86 10.55 -1.02 4.21
N GLY A 87 11.56 -1.83 4.43
CA GLY A 87 12.56 -1.49 5.49
C GLY A 87 13.14 -0.09 5.26
N TYR A 88 13.28 0.32 4.03
CA TYR A 88 13.85 1.68 3.78
C TYR A 88 12.74 2.73 3.63
N GLY A 89 11.50 2.31 3.64
CA GLY A 89 10.40 3.29 3.51
C GLY A 89 10.35 3.82 2.08
N SER A 90 10.06 2.96 1.14
CA SER A 90 9.99 3.39 -0.29
C SER A 90 11.35 3.90 -0.78
N LYS A 91 11.64 5.16 -0.52
CA LYS A 91 12.93 5.84 -0.95
C LYS A 91 12.57 7.09 -1.75
N GLY A 92 11.50 7.75 -1.37
CA GLY A 92 11.08 8.96 -2.14
C GLY A 92 10.38 8.47 -3.41
N LEU A 93 9.89 7.26 -3.38
CA LEU A 93 9.20 6.68 -4.56
C LEU A 93 8.35 7.75 -5.28
N ASP A 94 8.14 7.58 -6.56
CA ASP A 94 7.34 8.58 -7.32
C ASP A 94 5.99 8.01 -7.75
N THR A 95 4.96 8.82 -7.77
CA THR A 95 3.62 8.33 -8.19
C THR A 95 2.62 9.48 -8.14
N ARG A 96 1.42 9.26 -8.61
CA ARG A 96 0.41 10.34 -8.58
C ARG A 96 -0.13 10.50 -7.16
N TYR A 97 0.36 9.72 -6.23
CA TYR A 97 -0.15 9.82 -4.83
C TYR A 97 0.67 10.83 -4.02
N SER A 98 2.00 10.71 -4.01
CA SER A 98 2.93 11.63 -3.26
C SER A 98 3.43 10.99 -1.96
N ASN A 99 4.13 9.89 -2.06
CA ASN A 99 4.68 9.20 -0.82
C ASN A 99 3.53 8.75 0.08
N ILE A 100 2.69 9.66 0.47
CA ILE A 100 1.52 9.30 1.30
C ILE A 100 1.98 8.44 2.52
N PRO A 101 1.28 7.36 2.90
CA PRO A 101 1.74 6.61 4.09
C PRO A 101 2.84 5.61 3.77
N LEU A 102 4.06 6.06 3.73
CA LEU A 102 5.19 5.10 3.48
C LEU A 102 5.29 4.21 4.71
N LEU A 103 5.24 2.91 4.57
CA LEU A 103 5.27 2.09 5.83
C LEU A 103 6.53 1.25 6.02
N THR A 104 6.90 1.15 7.28
CA THR A 104 8.07 0.36 7.72
C THR A 104 8.20 0.50 9.25
N LYS A 105 7.10 0.70 9.94
CA LYS A 105 7.11 0.87 11.42
C LYS A 105 5.90 0.15 12.03
N PRO A 106 5.70 0.28 13.32
CA PRO A 106 4.57 -0.38 13.99
C PRO A 106 3.27 0.43 13.86
N PHE A 107 3.07 1.08 12.75
CA PHE A 107 1.81 1.86 12.53
C PHE A 107 1.78 3.14 13.40
N LEU A 108 1.66 4.28 12.76
CA LEU A 108 1.60 5.58 13.49
C LEU A 108 1.51 6.73 12.48
N ASP A 109 2.59 7.46 12.27
CA ASP A 109 2.53 8.55 11.27
C ASP A 109 1.97 7.99 9.98
N SER A 110 2.10 6.70 9.80
CA SER A 110 1.57 6.05 8.57
C SER A 110 0.17 6.56 8.27
N GLU A 111 -0.80 6.16 9.06
CA GLU A 111 -2.18 6.63 8.81
C GLU A 111 -2.21 8.15 8.73
N LEU A 112 -1.33 8.80 9.44
CA LEU A 112 -1.30 10.29 9.38
C LEU A 112 -0.86 10.72 7.97
N GLU A 113 0.32 10.37 7.57
CA GLU A 113 0.77 10.72 6.21
C GLU A 113 -0.13 10.00 5.20
N ALA A 114 -0.81 8.98 5.65
CA ALA A 114 -1.68 8.23 4.72
C ALA A 114 -2.79 9.12 4.16
N VAL A 115 -3.33 10.00 4.95
CA VAL A 115 -4.43 10.86 4.42
C VAL A 115 -4.04 12.34 4.37
N LEU A 116 -3.13 12.77 5.20
CA LEU A 116 -2.73 14.21 5.18
C LEU A 116 -1.77 14.50 4.03
N VAL A 117 -1.20 13.49 3.43
CA VAL A 117 -0.25 13.74 2.30
C VAL A 117 -0.93 13.43 0.96
N GLN A 118 -2.11 12.88 0.98
CA GLN A 118 -2.80 12.53 -0.29
C GLN A 118 -3.38 13.77 -0.96
N ILE A 119 -2.58 14.78 -1.12
CA ILE A 119 -3.06 16.01 -1.80
C ILE A 119 -2.68 15.93 -3.27
N SER A 120 -1.92 14.92 -3.63
CA SER A 120 -1.46 14.74 -5.04
C SER A 120 -0.25 15.63 -5.30
N LYS A 121 -0.31 16.87 -4.88
CA LYS A 121 0.83 17.79 -5.10
C LYS A 121 1.15 17.88 -6.59
N GLU A 122 0.72 18.94 -7.23
CA GLU A 122 0.98 19.09 -8.70
C GLU A 122 0.75 17.76 -9.39
N VAL A 123 -0.10 16.96 -8.84
CA VAL A 123 -0.40 15.63 -9.42
C VAL A 123 0.85 15.01 -10.04
N GLY A 1 -28.79 -3.88 -0.30
CA GLY A 1 -27.85 -4.16 -1.44
C GLY A 1 -26.45 -3.65 -1.09
N SER A 2 -25.59 -3.53 -2.06
CA SER A 2 -24.22 -3.03 -1.79
C SER A 2 -23.85 -1.94 -2.79
N HIS A 3 -24.80 -1.45 -3.54
CA HIS A 3 -24.51 -0.38 -4.55
C HIS A 3 -23.22 -0.71 -5.29
N MET A 4 -22.55 0.28 -5.81
CA MET A 4 -21.29 0.03 -6.55
C MET A 4 -20.12 0.73 -5.87
N THR A 5 -20.12 2.04 -5.86
CA THR A 5 -19.01 2.77 -5.22
C THR A 5 -19.56 3.84 -4.26
N GLU A 6 -18.72 4.32 -3.39
CA GLU A 6 -19.17 5.36 -2.43
C GLU A 6 -17.97 5.81 -1.61
N ARG A 7 -17.09 6.56 -2.21
CA ARG A 7 -15.85 7.00 -1.50
C ARG A 7 -15.04 5.76 -1.12
N ARG A 8 -15.05 4.78 -1.98
CA ARG A 8 -14.29 3.53 -1.70
C ARG A 8 -12.97 3.52 -2.47
N LEU A 9 -11.87 3.61 -1.77
CA LEU A 9 -10.56 3.61 -2.45
C LEU A 9 -10.00 2.18 -2.45
N ARG A 10 -8.95 1.94 -3.17
CA ARG A 10 -8.40 0.55 -3.18
C ARG A 10 -7.01 0.53 -2.53
N VAL A 11 -6.89 -0.10 -1.40
CA VAL A 11 -5.57 -0.14 -0.72
C VAL A 11 -5.16 -1.60 -0.46
N LEU A 12 -4.36 -2.16 -1.32
CA LEU A 12 -3.91 -3.57 -1.11
C LEU A 12 -2.59 -3.59 -0.36
N VAL A 13 -2.64 -3.76 0.93
CA VAL A 13 -1.38 -3.79 1.72
C VAL A 13 -1.02 -5.24 2.08
N VAL A 14 0.25 -5.56 2.08
CA VAL A 14 0.64 -6.96 2.41
C VAL A 14 2.03 -6.98 3.09
N GLU A 15 2.19 -7.81 4.11
CA GLU A 15 3.49 -7.91 4.84
C GLU A 15 3.24 -8.47 6.24
N ASP A 16 3.66 -9.68 6.50
CA ASP A 16 3.44 -10.30 7.83
C ASP A 16 2.01 -10.80 7.94
N GLU A 17 1.85 -11.99 8.41
CA GLU A 17 0.48 -12.58 8.51
C GLU A 17 -0.42 -11.87 9.54
N SER A 18 0.06 -11.62 10.74
CA SER A 18 -0.84 -10.99 11.76
C SER A 18 -0.53 -9.51 12.04
N MET A 19 0.43 -8.92 11.42
CA MET A 19 0.71 -7.48 11.69
C MET A 19 -0.13 -6.60 10.78
N ILE A 20 0.05 -6.75 9.51
CA ILE A 20 -0.72 -5.94 8.51
C ILE A 20 -2.20 -6.31 8.56
N ALA A 21 -2.49 -7.40 9.21
CA ALA A 21 -3.88 -7.87 9.32
C ALA A 21 -4.79 -6.79 9.93
N MET A 22 -5.02 -6.85 11.21
CA MET A 22 -5.89 -5.83 11.86
C MET A 22 -5.48 -4.43 11.38
N LEU A 23 -4.27 -4.29 10.94
CA LEU A 23 -3.77 -2.97 10.47
C LEU A 23 -4.60 -2.43 9.29
N ILE A 24 -5.26 -3.28 8.56
CA ILE A 24 -6.07 -2.80 7.40
C ILE A 24 -7.56 -2.91 7.68
N GLU A 25 -8.00 -4.02 8.21
CA GLU A 25 -9.46 -4.18 8.48
C GLU A 25 -9.93 -3.17 9.53
N ASP A 26 -9.02 -2.61 10.28
CA ASP A 26 -9.44 -1.61 11.31
C ASP A 26 -9.45 -0.21 10.68
N THR A 27 -8.42 0.14 9.95
CA THR A 27 -8.40 1.48 9.31
C THR A 27 -9.59 1.56 8.34
N LEU A 28 -9.88 0.47 7.69
CA LEU A 28 -11.04 0.46 6.75
C LEU A 28 -12.33 0.64 7.55
N CYS A 29 -12.43 0.00 8.68
CA CYS A 29 -13.65 0.14 9.51
C CYS A 29 -13.97 1.63 9.69
N GLU A 30 -12.97 2.45 9.69
CA GLU A 30 -13.18 3.90 9.87
C GLU A 30 -13.23 4.60 8.51
N LEU A 31 -12.35 4.24 7.62
CA LEU A 31 -12.34 4.90 6.27
C LEU A 31 -13.42 4.30 5.38
N GLY A 32 -13.39 3.00 5.17
CA GLY A 32 -14.43 2.36 4.30
C GLY A 32 -13.79 1.87 3.01
N HIS A 33 -12.47 1.80 2.96
CA HIS A 33 -11.79 1.33 1.71
C HIS A 33 -12.61 0.22 1.04
N GLU A 34 -12.66 0.21 -0.28
CA GLU A 34 -13.47 -0.82 -0.99
C GLU A 34 -12.90 -2.22 -0.78
N VAL A 35 -11.74 -2.50 -1.34
CA VAL A 35 -11.15 -3.84 -1.19
C VAL A 35 -9.68 -3.73 -0.78
N ALA A 36 -9.38 -3.88 0.47
CA ALA A 36 -7.97 -3.78 0.93
C ALA A 36 -7.32 -5.17 0.91
N ALA A 37 -6.03 -5.22 1.05
CA ALA A 37 -5.35 -6.54 1.06
C ALA A 37 -4.54 -6.68 2.35
N THR A 38 -4.34 -7.87 2.83
CA THR A 38 -3.59 -8.03 4.10
C THR A 38 -2.53 -9.13 3.99
N ALA A 39 -1.67 -9.20 4.96
CA ALA A 39 -0.59 -10.23 4.95
C ALA A 39 0.16 -10.16 3.65
N SER A 40 1.26 -10.85 3.52
CA SER A 40 2.00 -10.79 2.23
C SER A 40 1.58 -11.94 1.31
N ARG A 41 1.05 -11.63 0.17
CA ARG A 41 0.60 -12.70 -0.76
C ARG A 41 0.97 -12.35 -2.21
N MET A 42 1.43 -13.31 -2.96
CA MET A 42 1.79 -13.03 -4.38
C MET A 42 0.53 -13.03 -5.24
N GLN A 43 -0.43 -13.86 -4.92
CA GLN A 43 -1.69 -13.90 -5.72
C GLN A 43 -2.30 -12.50 -5.72
N GLU A 44 -2.70 -12.01 -4.58
CA GLU A 44 -3.29 -10.65 -4.52
C GLU A 44 -2.29 -9.67 -5.12
N ALA A 45 -1.05 -9.76 -4.71
CA ALA A 45 -0.01 -8.85 -5.27
C ALA A 45 -0.06 -8.93 -6.78
N LEU A 46 -0.36 -10.09 -7.30
CA LEU A 46 -0.45 -10.24 -8.77
C LEU A 46 -1.52 -9.29 -9.31
N ASP A 47 -2.65 -9.25 -8.66
CA ASP A 47 -3.73 -8.34 -9.12
C ASP A 47 -3.28 -6.88 -8.99
N ILE A 48 -2.40 -6.59 -8.07
CA ILE A 48 -1.93 -5.19 -7.90
C ILE A 48 -0.80 -4.91 -8.90
N ALA A 49 -0.25 -5.92 -9.50
CA ALA A 49 0.85 -5.70 -10.48
C ALA A 49 0.30 -5.61 -11.90
N ARG A 50 -0.55 -6.53 -12.27
CA ARG A 50 -1.11 -6.51 -13.64
C ARG A 50 -2.16 -5.41 -13.76
N LYS A 51 -2.59 -4.87 -12.66
CA LYS A 51 -3.62 -3.79 -12.71
C LYS A 51 -3.11 -2.62 -13.57
N GLY A 52 -1.93 -2.17 -13.30
CA GLY A 52 -1.37 -1.02 -14.08
C GLY A 52 -2.05 0.29 -13.69
N GLN A 53 -3.10 0.26 -12.89
CA GLN A 53 -3.78 1.54 -12.52
C GLN A 53 -4.37 1.51 -11.09
N PHE A 54 -4.58 0.35 -10.51
CA PHE A 54 -5.17 0.31 -9.13
C PHE A 54 -4.54 1.38 -8.23
N ASP A 55 -5.18 1.65 -7.12
CA ASP A 55 -4.71 2.75 -6.23
C ASP A 55 -3.37 2.52 -5.51
N ILE A 56 -3.22 1.53 -4.68
CA ILE A 56 -1.91 1.43 -3.94
C ILE A 56 -1.45 0.01 -3.60
N ALA A 57 -0.14 -0.19 -3.50
CA ALA A 57 0.42 -1.55 -3.21
C ALA A 57 1.48 -1.53 -2.10
N ILE A 58 1.17 -1.98 -0.92
CA ILE A 58 2.21 -2.01 0.13
C ILE A 58 2.71 -3.43 0.29
N ILE A 59 4.00 -3.62 0.32
CA ILE A 59 4.56 -4.99 0.43
C ILE A 59 5.95 -4.92 1.09
N ASP A 60 6.00 -4.78 2.38
CA ASP A 60 7.33 -4.69 3.06
C ASP A 60 8.33 -5.66 2.42
N VAL A 61 9.46 -5.16 2.00
CA VAL A 61 10.48 -6.04 1.36
C VAL A 61 11.52 -6.49 2.38
N ASN A 62 11.31 -6.16 3.62
CA ASN A 62 12.29 -6.58 4.67
C ASN A 62 11.54 -6.95 5.95
N LEU A 63 10.26 -7.17 5.84
CA LEU A 63 9.46 -7.54 7.04
C LEU A 63 9.12 -9.03 7.00
N ASP A 64 9.39 -9.74 8.06
CA ASP A 64 9.09 -11.21 8.09
C ASP A 64 10.14 -11.99 7.28
N GLY A 65 10.92 -11.34 6.45
CA GLY A 65 11.94 -12.08 5.67
C GLY A 65 11.90 -11.68 4.20
N GLU A 66 11.65 -10.43 3.93
CA GLU A 66 11.61 -9.97 2.51
C GLU A 66 10.50 -10.71 1.72
N PRO A 67 9.30 -10.54 2.18
CA PRO A 67 8.13 -11.16 1.52
C PRO A 67 7.63 -10.27 0.38
N SER A 68 8.50 -9.48 -0.19
CA SER A 68 8.10 -8.56 -1.30
C SER A 68 8.14 -9.28 -2.65
N TYR A 69 8.48 -10.54 -2.65
CA TYR A 69 8.57 -11.30 -3.93
C TYR A 69 9.39 -10.51 -4.96
N PRO A 70 9.63 -11.15 -6.06
CA PRO A 70 10.42 -10.54 -7.14
C PRO A 70 9.64 -9.39 -7.78
N VAL A 71 8.42 -9.15 -7.37
CA VAL A 71 7.66 -8.04 -7.99
C VAL A 71 7.75 -6.77 -7.13
N ALA A 72 7.36 -6.82 -5.87
CA ALA A 72 7.52 -5.60 -5.01
C ALA A 72 8.86 -4.99 -5.34
N ASP A 73 9.82 -5.85 -5.51
CA ASP A 73 11.18 -5.41 -5.88
C ASP A 73 11.12 -4.68 -7.22
N ILE A 74 10.59 -5.34 -8.20
CA ILE A 74 10.48 -4.71 -9.54
C ILE A 74 9.58 -3.49 -9.44
N LEU A 75 8.55 -3.58 -8.66
CA LEU A 75 7.64 -2.43 -8.47
C LEU A 75 8.46 -1.21 -8.08
N ALA A 76 9.63 -1.45 -7.53
CA ALA A 76 10.52 -0.34 -7.12
C ALA A 76 11.53 -0.04 -8.24
N GLU A 77 11.67 -0.96 -9.16
CA GLU A 77 12.63 -0.74 -10.28
C GLU A 77 11.97 0.11 -11.38
N ARG A 78 10.66 0.17 -11.39
CA ARG A 78 9.96 0.99 -12.41
C ARG A 78 8.92 1.91 -11.74
N ASN A 79 8.40 1.50 -10.62
CA ASN A 79 7.41 2.33 -9.86
C ASN A 79 6.34 2.95 -10.77
N VAL A 80 5.12 2.51 -10.63
CA VAL A 80 3.99 3.09 -11.41
C VAL A 80 3.10 3.87 -10.42
N PRO A 81 1.82 4.02 -10.68
CA PRO A 81 0.96 4.74 -9.71
C PRO A 81 0.65 3.79 -8.56
N PHE A 82 1.03 4.14 -7.37
CA PHE A 82 0.81 3.24 -6.21
C PHE A 82 1.47 3.80 -4.95
N ILE A 83 1.96 2.94 -4.13
CA ILE A 83 2.65 3.35 -2.89
C ILE A 83 3.31 2.11 -2.30
N PHE A 84 4.43 2.25 -1.65
CA PHE A 84 5.09 1.03 -1.10
C PHE A 84 5.95 1.37 0.12
N ALA A 85 6.18 0.41 0.95
CA ALA A 85 7.02 0.67 2.13
C ALA A 85 7.95 -0.51 2.37
N THR A 86 8.96 -0.32 3.16
CA THR A 86 9.89 -1.44 3.42
C THR A 86 10.65 -1.20 4.71
N GLY A 87 11.49 -2.13 5.11
CA GLY A 87 12.26 -1.95 6.37
C GLY A 87 13.55 -1.18 6.08
N TYR A 88 13.58 -0.40 5.03
CA TYR A 88 14.83 0.35 4.74
C TYR A 88 14.54 1.72 4.10
N GLY A 89 13.30 2.02 3.77
CA GLY A 89 13.03 3.36 3.16
C GLY A 89 13.00 3.25 1.64
N SER A 90 11.85 2.86 1.10
CA SER A 90 11.66 2.73 -0.38
C SER A 90 12.86 3.23 -1.17
N LYS A 91 13.44 2.36 -1.95
CA LYS A 91 14.60 2.75 -2.77
C LYS A 91 14.23 3.95 -3.65
N GLY A 92 14.31 5.14 -3.12
CA GLY A 92 13.94 6.35 -3.92
C GLY A 92 12.70 6.04 -4.76
N LEU A 93 11.86 5.15 -4.29
CA LEU A 93 10.64 4.79 -5.06
C LEU A 93 9.92 6.05 -5.56
N ASP A 94 9.58 6.07 -6.82
CA ASP A 94 8.89 7.26 -7.39
C ASP A 94 7.45 6.91 -7.73
N THR A 95 6.57 7.88 -7.71
CA THR A 95 5.15 7.57 -8.04
C THR A 95 4.36 8.85 -8.28
N ARG A 96 3.32 8.75 -9.06
CA ARG A 96 2.47 9.95 -9.29
C ARG A 96 1.95 10.43 -7.93
N TYR A 97 2.03 9.56 -6.95
CA TYR A 97 1.55 9.89 -5.59
C TYR A 97 2.47 10.92 -4.93
N SER A 98 3.67 11.07 -5.42
CA SER A 98 4.62 12.08 -4.84
C SER A 98 5.15 11.60 -3.49
N ASN A 99 5.29 10.32 -3.30
CA ASN A 99 5.82 9.82 -2.00
C ASN A 99 4.95 10.27 -0.82
N ILE A 100 4.27 9.35 -0.18
CA ILE A 100 3.42 9.72 0.99
C ILE A 100 3.54 8.60 2.07
N PRO A 101 2.57 7.71 2.30
CA PRO A 101 2.81 6.66 3.33
C PRO A 101 3.78 5.63 2.76
N LEU A 102 5.06 5.86 2.88
CA LEU A 102 6.02 4.89 2.30
C LEU A 102 7.02 4.38 3.34
N LEU A 103 8.09 3.81 2.88
CA LEU A 103 9.16 3.27 3.78
C LEU A 103 8.57 2.56 5.01
N THR A 104 9.33 2.44 6.08
CA THR A 104 8.81 1.73 7.28
C THR A 104 7.90 2.63 8.12
N LYS A 105 6.94 2.06 8.79
CA LYS A 105 6.01 2.87 9.63
C LYS A 105 5.63 2.09 10.90
N PRO A 106 5.69 2.79 12.01
CA PRO A 106 5.35 2.16 13.32
C PRO A 106 3.83 2.01 13.49
N PHE A 107 3.19 1.31 12.59
CA PHE A 107 1.70 1.12 12.71
C PHE A 107 0.98 2.47 12.70
N LEU A 108 1.06 3.22 13.76
CA LEU A 108 0.36 4.53 13.81
C LEU A 108 0.73 5.37 12.58
N ASP A 109 1.93 5.92 12.55
CA ASP A 109 2.35 6.76 11.39
C ASP A 109 1.81 6.17 10.08
N SER A 110 1.60 4.89 10.03
CA SER A 110 1.09 4.26 8.78
C SER A 110 -0.13 5.02 8.27
N GLU A 111 -1.12 5.24 9.11
CA GLU A 111 -2.34 5.96 8.66
C GLU A 111 -2.13 7.47 8.72
N LEU A 112 -1.15 7.91 9.44
CA LEU A 112 -0.90 9.38 9.54
C LEU A 112 -0.21 9.88 8.28
N GLU A 113 0.88 9.26 7.92
CA GLU A 113 1.62 9.68 6.71
C GLU A 113 0.81 9.34 5.46
N ALA A 114 -0.07 8.38 5.57
CA ALA A 114 -0.87 7.97 4.38
C ALA A 114 -2.04 8.91 4.10
N VAL A 115 -2.54 9.58 5.09
CA VAL A 115 -3.70 10.47 4.82
C VAL A 115 -3.32 11.94 5.06
N LEU A 116 -2.27 12.19 5.79
CA LEU A 116 -1.87 13.61 6.03
C LEU A 116 -0.82 14.05 5.01
N VAL A 117 0.05 13.17 4.60
CA VAL A 117 1.08 13.57 3.61
C VAL A 117 0.47 13.64 2.20
N GLN A 118 -0.57 12.87 1.94
CA GLN A 118 -1.21 12.93 0.59
C GLN A 118 -2.23 14.06 0.58
N ILE A 119 -3.08 14.09 1.57
CA ILE A 119 -4.08 15.17 1.69
C ILE A 119 -4.61 15.65 0.33
N SER A 120 -4.63 14.79 -0.66
CA SER A 120 -5.18 15.20 -2.00
C SER A 120 -4.33 16.33 -2.62
N LYS A 121 -4.20 17.44 -1.93
CA LYS A 121 -3.41 18.58 -2.49
C LYS A 121 -4.19 19.29 -3.58
N GLU A 122 -4.07 20.60 -3.64
CA GLU A 122 -4.83 21.40 -4.65
C GLU A 122 -6.31 21.10 -4.51
N VAL A 123 -6.73 20.81 -3.31
CA VAL A 123 -8.16 20.49 -3.07
C VAL A 123 -9.04 21.68 -3.46
N GLY A 1 -33.52 -1.66 -10.16
CA GLY A 1 -32.50 -1.07 -9.25
C GLY A 1 -31.09 -1.38 -9.78
N SER A 2 -30.10 -1.24 -8.97
CA SER A 2 -28.71 -1.53 -9.42
C SER A 2 -27.99 -2.44 -8.42
N HIS A 3 -26.71 -2.63 -8.60
CA HIS A 3 -25.96 -3.51 -7.65
C HIS A 3 -24.47 -3.16 -7.69
N MET A 4 -23.64 -4.00 -7.10
CA MET A 4 -22.18 -3.72 -7.11
C MET A 4 -21.88 -2.49 -6.24
N THR A 5 -20.62 -2.22 -5.99
CA THR A 5 -20.27 -1.04 -5.16
C THR A 5 -19.32 -0.12 -5.94
N GLU A 6 -19.21 1.11 -5.52
CA GLU A 6 -18.30 2.06 -6.24
C GLU A 6 -17.83 3.16 -5.29
N ARG A 7 -17.75 2.88 -4.02
CA ARG A 7 -17.31 3.93 -3.05
C ARG A 7 -16.25 3.38 -2.08
N ARG A 8 -16.08 2.08 -2.04
CA ARG A 8 -15.07 1.50 -1.12
C ARG A 8 -13.73 1.46 -1.83
N LEU A 9 -12.73 2.11 -1.29
CA LEU A 9 -11.41 2.10 -1.95
C LEU A 9 -10.69 0.81 -1.59
N ARG A 10 -9.61 0.50 -2.23
CA ARG A 10 -8.92 -0.77 -1.89
C ARG A 10 -7.43 -0.48 -1.54
N VAL A 11 -7.00 -0.91 -0.39
CA VAL A 11 -5.58 -0.65 0.01
C VAL A 11 -4.80 -1.96 0.07
N LEU A 12 -4.26 -2.41 -1.04
CA LEU A 12 -3.47 -3.67 -1.02
C LEU A 12 -2.19 -3.43 -0.22
N VAL A 13 -2.24 -3.65 1.05
CA VAL A 13 -1.03 -3.39 1.90
C VAL A 13 -0.45 -4.70 2.41
N VAL A 14 0.84 -4.85 2.34
CA VAL A 14 1.48 -6.10 2.84
C VAL A 14 2.89 -5.79 3.36
N GLU A 15 3.39 -6.58 4.28
CA GLU A 15 4.75 -6.30 4.83
C GLU A 15 5.37 -7.58 5.44
N ASP A 16 5.09 -7.83 6.69
CA ASP A 16 5.66 -9.04 7.34
C ASP A 16 4.60 -10.14 7.46
N GLU A 17 3.70 -10.02 8.40
CA GLU A 17 2.65 -11.07 8.54
C GLU A 17 1.69 -10.76 9.69
N SER A 18 2.20 -10.64 10.89
CA SER A 18 1.30 -10.34 12.04
C SER A 18 1.18 -8.84 12.30
N MET A 19 1.99 -8.04 11.65
CA MET A 19 1.91 -6.56 11.87
C MET A 19 0.95 -5.93 10.87
N ILE A 20 1.05 -6.29 9.62
CA ILE A 20 0.14 -5.70 8.61
C ILE A 20 -1.09 -6.57 8.43
N ALA A 21 -1.81 -6.77 9.49
CA ALA A 21 -3.04 -7.60 9.40
C ALA A 21 -4.17 -6.93 10.17
N MET A 22 -4.38 -7.31 11.41
CA MET A 22 -5.47 -6.65 12.19
C MET A 22 -5.24 -5.14 12.18
N LEU A 23 -4.00 -4.72 12.02
CA LEU A 23 -3.70 -3.27 11.99
C LEU A 23 -4.34 -2.61 10.76
N ILE A 24 -4.48 -3.34 9.69
CA ILE A 24 -5.09 -2.74 8.46
C ILE A 24 -6.61 -2.89 8.50
N GLU A 25 -7.10 -3.87 9.21
CA GLU A 25 -8.57 -4.06 9.30
C GLU A 25 -9.14 -3.21 10.43
N ASP A 26 -8.30 -2.74 11.31
CA ASP A 26 -8.80 -1.91 12.44
C ASP A 26 -8.92 -0.44 12.00
N THR A 27 -7.89 0.10 11.41
CA THR A 27 -7.97 1.51 10.94
C THR A 27 -9.00 1.59 9.81
N LEU A 28 -8.96 0.65 8.92
CA LEU A 28 -9.94 0.64 7.79
C LEU A 28 -11.35 0.48 8.37
N CYS A 29 -11.47 -0.23 9.45
CA CYS A 29 -12.81 -0.42 10.08
C CYS A 29 -13.51 0.93 10.22
N GLU A 30 -12.78 1.96 10.53
CA GLU A 30 -13.41 3.30 10.69
C GLU A 30 -13.31 4.09 9.37
N LEU A 31 -12.18 4.05 8.72
CA LEU A 31 -12.06 4.80 7.44
C LEU A 31 -13.11 4.32 6.45
N GLY A 32 -13.24 3.03 6.27
CA GLY A 32 -14.24 2.50 5.31
C GLY A 32 -13.51 1.81 4.16
N HIS A 33 -12.27 2.16 3.95
CA HIS A 33 -11.47 1.53 2.86
C HIS A 33 -11.83 0.06 2.70
N GLU A 34 -11.94 -0.41 1.49
CA GLU A 34 -12.28 -1.83 1.28
C GLU A 34 -11.08 -2.71 1.66
N VAL A 35 -11.32 -3.92 2.04
CA VAL A 35 -10.19 -4.83 2.42
C VAL A 35 -9.40 -5.20 1.17
N ALA A 36 -8.11 -5.06 1.20
CA ALA A 36 -7.30 -5.39 0.02
C ALA A 36 -6.22 -6.42 0.35
N ALA A 37 -5.08 -6.00 0.83
CA ALA A 37 -4.02 -7.00 1.15
C ALA A 37 -3.54 -6.88 2.60
N THR A 38 -3.20 -7.99 3.20
CA THR A 38 -2.70 -7.99 4.61
C THR A 38 -1.53 -8.97 4.72
N ALA A 39 -0.56 -8.68 5.55
CA ALA A 39 0.62 -9.60 5.64
C ALA A 39 1.38 -9.50 4.33
N SER A 40 2.28 -10.39 4.04
CA SER A 40 3.00 -10.27 2.74
C SER A 40 2.85 -11.56 1.92
N ARG A 41 2.22 -11.45 0.79
CA ARG A 41 1.99 -12.63 -0.07
C ARG A 41 2.50 -12.40 -1.49
N MET A 42 3.11 -13.39 -2.08
CA MET A 42 3.62 -13.24 -3.46
C MET A 42 2.47 -13.38 -4.46
N GLN A 43 1.53 -14.25 -4.19
CA GLN A 43 0.39 -14.42 -5.12
C GLN A 43 -0.45 -13.14 -5.13
N GLU A 44 -0.92 -12.72 -3.99
CA GLU A 44 -1.73 -11.47 -3.93
C GLU A 44 -0.99 -10.36 -4.68
N ALA A 45 0.31 -10.32 -4.54
CA ALA A 45 1.10 -9.26 -5.25
C ALA A 45 0.88 -9.41 -6.76
N LEU A 46 0.63 -10.61 -7.19
CA LEU A 46 0.37 -10.84 -8.64
C LEU A 46 -0.96 -10.18 -9.02
N ASP A 47 -1.94 -10.29 -8.16
CA ASP A 47 -3.26 -9.67 -8.47
C ASP A 47 -3.13 -8.15 -8.58
N ILE A 48 -2.26 -7.56 -7.81
CA ILE A 48 -2.08 -6.08 -7.88
C ILE A 48 -0.90 -5.77 -8.79
N ALA A 49 -0.14 -6.77 -9.18
CA ALA A 49 1.01 -6.53 -10.07
C ALA A 49 0.55 -6.43 -11.53
N ARG A 50 -0.29 -7.35 -11.96
CA ARG A 50 -0.76 -7.31 -13.36
C ARG A 50 -2.00 -6.41 -13.47
N LYS A 51 -2.75 -6.30 -12.41
CA LYS A 51 -3.97 -5.44 -12.44
C LYS A 51 -3.63 -4.00 -12.81
N GLY A 52 -2.68 -3.41 -12.14
CA GLY A 52 -2.30 -2.01 -12.46
C GLY A 52 -3.55 -1.13 -12.39
N GLN A 53 -4.58 -1.59 -11.72
CA GLN A 53 -5.83 -0.77 -11.63
C GLN A 53 -6.25 -0.63 -10.15
N PHE A 54 -5.71 -1.44 -9.28
CA PHE A 54 -6.09 -1.34 -7.85
C PHE A 54 -5.91 0.08 -7.36
N ASP A 55 -6.12 0.33 -6.10
CA ASP A 55 -5.95 1.71 -5.58
C ASP A 55 -4.55 1.91 -5.03
N ILE A 56 -4.09 1.05 -4.15
CA ILE A 56 -2.72 1.23 -3.59
C ILE A 56 -2.02 -0.11 -3.35
N ALA A 57 -0.73 -0.07 -3.14
CA ALA A 57 0.03 -1.35 -2.93
C ALA A 57 1.22 -1.15 -1.99
N ILE A 58 1.11 -1.57 -0.74
CA ILE A 58 2.26 -1.41 0.18
C ILE A 58 2.93 -2.77 0.38
N ILE A 59 4.22 -2.82 0.24
CA ILE A 59 4.92 -4.13 0.40
C ILE A 59 6.34 -3.93 0.92
N ASP A 60 6.50 -3.64 2.17
CA ASP A 60 7.88 -3.44 2.70
C ASP A 60 8.84 -4.50 2.14
N VAL A 61 9.95 -4.09 1.59
CA VAL A 61 10.93 -5.07 1.01
C VAL A 61 12.19 -5.12 1.87
N ASN A 62 12.06 -4.82 3.13
CA ASN A 62 13.26 -4.87 4.03
C ASN A 62 12.80 -4.99 5.47
N LEU A 63 11.60 -5.45 5.68
CA LEU A 63 11.08 -5.60 7.06
C LEU A 63 10.79 -7.08 7.33
N ASP A 64 11.50 -7.65 8.26
CA ASP A 64 11.29 -9.10 8.59
C ASP A 64 11.96 -10.01 7.55
N GLY A 65 12.43 -9.49 6.44
CA GLY A 65 13.09 -10.39 5.45
C GLY A 65 12.67 -10.05 4.01
N GLU A 66 12.76 -8.79 3.65
CA GLU A 66 12.40 -8.34 2.27
C GLU A 66 11.43 -9.30 1.57
N PRO A 67 10.28 -9.46 2.15
CA PRO A 67 9.24 -10.33 1.56
C PRO A 67 8.44 -9.55 0.51
N SER A 68 8.94 -8.42 0.08
CA SER A 68 8.21 -7.59 -0.92
C SER A 68 8.40 -8.14 -2.35
N TYR A 69 8.93 -9.32 -2.47
CA TYR A 69 9.15 -9.95 -3.80
C TYR A 69 9.83 -8.99 -4.79
N PRO A 70 10.33 -9.58 -5.84
CA PRO A 70 11.01 -8.80 -6.89
C PRO A 70 9.99 -7.94 -7.64
N VAL A 71 8.73 -8.08 -7.34
CA VAL A 71 7.74 -7.24 -8.06
C VAL A 71 7.59 -5.91 -7.33
N ALA A 72 7.26 -5.89 -6.06
CA ALA A 72 7.19 -4.58 -5.34
C ALA A 72 8.40 -3.76 -5.78
N ASP A 73 9.50 -4.44 -5.92
CA ASP A 73 10.74 -3.79 -6.39
C ASP A 73 10.52 -3.22 -7.79
N ILE A 74 10.11 -4.07 -8.68
CA ILE A 74 9.88 -3.64 -10.09
C ILE A 74 8.66 -2.72 -10.15
N LEU A 75 7.64 -3.02 -9.41
CA LEU A 75 6.44 -2.16 -9.40
C LEU A 75 6.90 -0.72 -9.16
N ALA A 76 7.76 -0.53 -8.21
CA ALA A 76 8.28 0.84 -7.91
C ALA A 76 9.02 1.43 -9.12
N GLU A 77 9.74 0.63 -9.84
CA GLU A 77 10.49 1.14 -11.02
C GLU A 77 9.52 1.65 -12.11
N ARG A 78 8.41 1.00 -12.26
CA ARG A 78 7.41 1.44 -13.28
C ARG A 78 6.08 1.71 -12.58
N ASN A 79 6.15 1.97 -11.31
CA ASN A 79 4.92 2.20 -10.50
C ASN A 79 4.19 3.46 -10.97
N VAL A 80 2.89 3.40 -11.06
CA VAL A 80 2.13 4.61 -11.49
C VAL A 80 1.06 5.00 -10.40
N PRO A 81 -0.22 4.63 -10.53
CA PRO A 81 -1.18 5.01 -9.46
C PRO A 81 -1.15 3.98 -8.33
N PHE A 82 -0.78 4.40 -7.14
CA PHE A 82 -0.72 3.45 -5.98
C PHE A 82 0.02 4.11 -4.80
N ILE A 83 0.70 3.31 -4.03
CA ILE A 83 1.51 3.83 -2.89
C ILE A 83 2.39 2.68 -2.40
N PHE A 84 3.48 2.95 -1.73
CA PHE A 84 4.32 1.81 -1.27
C PHE A 84 5.23 2.19 -0.09
N ALA A 85 5.78 1.19 0.54
CA ALA A 85 6.70 1.46 1.65
C ALA A 85 7.76 0.37 1.73
N THR A 86 8.87 0.65 2.34
CA THR A 86 9.93 -0.40 2.44
C THR A 86 11.05 0.08 3.38
N GLY A 87 11.89 -0.81 3.82
CA GLY A 87 13.01 -0.41 4.74
C GLY A 87 13.99 0.49 3.98
N TYR A 88 13.53 1.60 3.47
CA TYR A 88 14.43 2.52 2.73
C TYR A 88 13.73 3.88 2.54
N GLY A 89 12.45 3.87 2.24
CA GLY A 89 11.74 5.17 2.05
C GLY A 89 11.31 5.34 0.59
N SER A 90 11.16 4.27 -0.14
CA SER A 90 10.73 4.39 -1.57
C SER A 90 11.84 5.01 -2.43
N LYS A 91 12.02 4.51 -3.63
CA LYS A 91 13.07 5.08 -4.51
C LYS A 91 12.51 6.31 -5.22
N GLY A 92 12.09 7.30 -4.48
CA GLY A 92 11.49 8.48 -5.14
C GLY A 92 10.43 7.98 -6.12
N LEU A 93 9.92 6.80 -5.87
CA LEU A 93 8.88 6.20 -6.76
C LEU A 93 7.95 7.28 -7.32
N ASP A 94 7.43 7.04 -8.50
CA ASP A 94 6.53 8.06 -9.13
C ASP A 94 5.08 7.56 -9.11
N THR A 95 4.14 8.48 -9.12
CA THR A 95 2.70 8.06 -9.11
C THR A 95 1.79 9.27 -9.20
N ARG A 96 0.57 9.07 -9.64
CA ARG A 96 -0.38 10.21 -9.72
C ARG A 96 -0.64 10.72 -8.30
N TYR A 97 -0.21 9.98 -7.32
CA TYR A 97 -0.43 10.37 -5.91
C TYR A 97 0.54 11.49 -5.49
N SER A 98 1.63 11.64 -6.20
CA SER A 98 2.61 12.70 -5.84
C SER A 98 3.34 12.30 -4.55
N ASN A 99 3.61 11.03 -4.39
CA ASN A 99 4.33 10.57 -3.18
C ASN A 99 3.54 10.96 -1.93
N ILE A 100 3.07 9.99 -1.19
CA ILE A 100 2.29 10.29 0.04
C ILE A 100 2.83 9.43 1.22
N PRO A 101 2.27 8.26 1.56
CA PRO A 101 2.89 7.46 2.67
C PRO A 101 4.21 6.83 2.19
N LEU A 102 5.07 7.57 1.56
CA LEU A 102 6.34 6.94 1.10
C LEU A 102 7.23 6.60 2.30
N LEU A 103 7.21 5.38 2.75
CA LEU A 103 8.07 5.05 3.93
C LEU A 103 8.08 3.55 4.24
N THR A 104 8.15 3.20 5.50
CA THR A 104 8.18 1.76 5.86
C THR A 104 7.16 1.46 6.96
N LYS A 105 6.51 2.47 7.47
CA LYS A 105 5.50 2.24 8.56
C LYS A 105 4.11 2.02 7.95
N PRO A 106 3.40 1.11 8.54
CA PRO A 106 2.03 0.79 8.06
C PRO A 106 1.04 1.92 8.40
N PHE A 107 0.40 1.84 9.53
CA PHE A 107 -0.58 2.91 9.90
C PHE A 107 -0.11 3.65 11.16
N LEU A 108 0.47 4.80 10.99
CA LEU A 108 0.95 5.58 12.16
C LEU A 108 1.60 6.88 11.70
N ASP A 109 2.67 7.31 12.33
CA ASP A 109 3.34 8.56 11.90
C ASP A 109 3.41 8.61 10.37
N SER A 110 3.45 7.47 9.73
CA SER A 110 3.53 7.44 8.25
C SER A 110 2.15 7.73 7.65
N GLU A 111 1.14 7.05 8.14
CA GLU A 111 -0.24 7.30 7.60
C GLU A 111 -0.49 8.79 7.49
N LEU A 112 0.19 9.58 8.29
CA LEU A 112 0.00 11.05 8.22
C LEU A 112 0.43 11.52 6.83
N GLU A 113 1.68 11.33 6.49
CA GLU A 113 2.15 11.74 5.15
C GLU A 113 1.26 11.10 4.10
N ALA A 114 0.58 10.05 4.46
CA ALA A 114 -0.28 9.34 3.48
C ALA A 114 -1.58 10.11 3.22
N VAL A 115 -2.02 10.92 4.14
CA VAL A 115 -3.29 11.64 3.88
C VAL A 115 -3.05 13.15 3.72
N LEU A 116 -2.11 13.70 4.43
CA LEU A 116 -1.85 15.17 4.30
C LEU A 116 -1.00 15.47 3.06
N VAL A 117 -0.01 14.68 2.75
CA VAL A 117 0.79 15.00 1.54
C VAL A 117 -0.14 15.26 0.36
N GLN A 118 -1.27 14.60 0.34
CA GLN A 118 -2.24 14.84 -0.76
C GLN A 118 -2.55 16.33 -0.80
N ILE A 119 -2.81 16.90 0.34
CA ILE A 119 -3.12 18.36 0.39
C ILE A 119 -2.30 19.02 1.50
N SER A 120 -1.06 18.67 1.62
CA SER A 120 -0.22 19.30 2.67
C SER A 120 0.70 20.28 1.98
N LYS A 121 1.62 19.75 1.25
CA LYS A 121 2.58 20.61 0.50
C LYS A 121 3.47 21.33 1.50
N GLU A 122 3.58 20.79 2.67
CA GLU A 122 4.41 21.36 3.74
C GLU A 122 4.17 20.53 4.99
N VAL A 123 2.93 20.26 5.27
CA VAL A 123 2.57 19.40 6.44
C VAL A 123 1.05 19.39 6.63
N GLY A 1 -12.20 0.93 -18.67
CA GLY A 1 -12.46 1.68 -17.40
C GLY A 1 -11.28 1.52 -16.45
N SER A 2 -11.15 2.39 -15.49
CA SER A 2 -10.01 2.28 -14.53
C SER A 2 -10.50 2.45 -13.09
N HIS A 3 -11.57 3.18 -12.89
CA HIS A 3 -12.09 3.38 -11.51
C HIS A 3 -13.55 3.81 -11.54
N MET A 4 -14.25 3.65 -10.46
CA MET A 4 -15.68 4.05 -10.41
C MET A 4 -16.16 4.09 -8.95
N THR A 5 -15.32 4.57 -8.07
CA THR A 5 -15.70 4.64 -6.63
C THR A 5 -15.52 6.05 -6.09
N GLU A 6 -16.10 6.36 -4.96
CA GLU A 6 -15.96 7.73 -4.40
C GLU A 6 -16.08 7.67 -2.87
N ARG A 7 -15.79 6.54 -2.29
CA ARG A 7 -15.89 6.41 -0.81
C ARG A 7 -15.30 5.07 -0.36
N ARG A 8 -15.67 4.01 -1.02
CA ARG A 8 -15.13 2.67 -0.64
C ARG A 8 -13.76 2.51 -1.28
N LEU A 9 -12.72 2.69 -0.53
CA LEU A 9 -11.37 2.56 -1.11
C LEU A 9 -10.83 1.15 -0.83
N ARG A 10 -9.75 0.78 -1.47
CA ARG A 10 -9.20 -0.57 -1.23
C ARG A 10 -7.68 -0.47 -1.08
N VAL A 11 -7.16 -0.79 0.08
CA VAL A 11 -5.68 -0.71 0.26
C VAL A 11 -5.10 -2.09 0.52
N LEU A 12 -4.28 -2.59 -0.37
CA LEU A 12 -3.66 -3.92 -0.16
C LEU A 12 -2.29 -3.74 0.49
N VAL A 13 -2.17 -4.03 1.77
CA VAL A 13 -0.84 -3.84 2.42
C VAL A 13 -0.30 -5.17 2.95
N VAL A 14 0.65 -5.73 2.26
CA VAL A 14 1.24 -7.03 2.71
C VAL A 14 2.72 -6.83 3.06
N GLU A 15 3.22 -7.57 4.02
CA GLU A 15 4.65 -7.39 4.41
C GLU A 15 5.19 -8.60 5.18
N ASP A 16 4.77 -8.80 6.40
CA ASP A 16 5.28 -9.95 7.18
C ASP A 16 4.11 -10.76 7.77
N GLU A 17 3.64 -10.39 8.94
CA GLU A 17 2.52 -11.17 9.55
C GLU A 17 1.83 -10.42 10.70
N SER A 18 2.56 -10.07 11.73
CA SER A 18 1.92 -9.38 12.88
C SER A 18 2.05 -7.85 12.79
N MET A 19 3.02 -7.36 12.08
CA MET A 19 3.17 -5.87 11.98
C MET A 19 2.13 -5.29 11.02
N ILE A 20 1.90 -5.94 9.92
CA ILE A 20 0.90 -5.43 8.94
C ILE A 20 -0.45 -6.11 9.17
N ALA A 21 -0.95 -6.02 10.37
CA ALA A 21 -2.26 -6.66 10.68
C ALA A 21 -3.08 -5.73 11.58
N MET A 22 -2.94 -5.85 12.87
CA MET A 22 -3.69 -4.95 13.76
C MET A 22 -3.48 -3.51 13.28
N LEU A 23 -2.38 -3.26 12.60
CA LEU A 23 -2.11 -1.88 12.09
C LEU A 23 -2.97 -1.61 10.85
N ILE A 24 -3.50 -2.65 10.25
CA ILE A 24 -4.35 -2.45 9.03
C ILE A 24 -5.81 -2.77 9.34
N GLU A 25 -6.03 -3.66 10.27
CA GLU A 25 -7.44 -4.05 10.62
C GLU A 25 -8.10 -2.96 11.47
N ASP A 26 -7.33 -2.22 12.22
CA ASP A 26 -7.92 -1.15 13.06
C ASP A 26 -8.37 0.03 12.20
N THR A 27 -7.55 0.44 11.27
CA THR A 27 -7.94 1.58 10.39
C THR A 27 -9.22 1.22 9.62
N LEU A 28 -9.23 0.09 8.98
CA LEU A 28 -10.45 -0.32 8.22
C LEU A 28 -11.63 -0.44 9.18
N CYS A 29 -11.39 -0.92 10.37
CA CYS A 29 -12.51 -1.05 11.34
C CYS A 29 -13.28 0.27 11.45
N GLU A 30 -12.60 1.37 11.29
CA GLU A 30 -13.29 2.69 11.40
C GLU A 30 -13.69 3.22 10.01
N LEU A 31 -12.86 3.03 9.02
CA LEU A 31 -13.20 3.55 7.66
C LEU A 31 -14.16 2.59 6.94
N GLY A 32 -13.77 1.36 6.78
CA GLY A 32 -14.66 0.38 6.09
C GLY A 32 -14.11 0.04 4.71
N HIS A 33 -12.89 0.44 4.42
CA HIS A 33 -12.29 0.14 3.09
C HIS A 33 -12.74 -1.23 2.59
N GLU A 34 -12.80 -1.41 1.29
CA GLU A 34 -13.26 -2.72 0.73
C GLU A 34 -12.26 -3.83 1.07
N VAL A 35 -12.01 -4.06 2.33
CA VAL A 35 -11.05 -5.12 2.72
C VAL A 35 -9.66 -4.82 2.18
N ALA A 36 -8.68 -4.75 3.05
CA ALA A 36 -7.30 -4.47 2.60
C ALA A 36 -6.51 -5.77 2.55
N ALA A 37 -5.21 -5.69 2.67
CA ALA A 37 -4.39 -6.93 2.64
C ALA A 37 -3.54 -6.98 3.90
N THR A 38 -3.43 -8.13 4.51
CA THR A 38 -2.63 -8.24 5.76
C THR A 38 -1.46 -9.21 5.57
N ALA A 39 -0.38 -8.97 6.24
CA ALA A 39 0.80 -9.86 6.10
C ALA A 39 1.15 -9.98 4.63
N SER A 40 2.21 -10.68 4.31
CA SER A 40 2.58 -10.81 2.87
C SER A 40 2.04 -12.13 2.31
N ARG A 41 1.37 -12.06 1.18
CA ARG A 41 0.81 -13.30 0.58
C ARG A 41 1.02 -13.31 -0.94
N MET A 42 1.63 -14.34 -1.45
CA MET A 42 1.87 -14.41 -2.91
C MET A 42 0.53 -14.56 -3.66
N GLN A 43 -0.40 -15.28 -3.10
CA GLN A 43 -1.71 -15.46 -3.78
C GLN A 43 -2.39 -14.10 -3.97
N GLU A 44 -2.59 -13.39 -2.90
CA GLU A 44 -3.24 -12.05 -3.01
C GLU A 44 -2.26 -11.06 -3.65
N ALA A 45 -1.03 -11.04 -3.20
CA ALA A 45 -0.04 -10.10 -3.81
C ALA A 45 -0.11 -10.17 -5.33
N LEU A 46 -0.42 -11.32 -5.87
CA LEU A 46 -0.52 -11.44 -7.34
C LEU A 46 -1.74 -10.67 -7.83
N ASP A 47 -2.82 -10.73 -7.11
CA ASP A 47 -4.05 -10.00 -7.52
C ASP A 47 -3.75 -8.50 -7.64
N ILE A 48 -2.85 -8.00 -6.84
CA ILE A 48 -2.51 -6.55 -6.92
C ILE A 48 -1.25 -6.35 -7.76
N ALA A 49 -0.60 -7.43 -8.14
CA ALA A 49 0.63 -7.30 -8.95
C ALA A 49 0.30 -7.27 -10.45
N ARG A 50 -0.65 -8.05 -10.88
CA ARG A 50 -1.00 -8.08 -12.32
C ARG A 50 -2.30 -7.30 -12.57
N LYS A 51 -2.94 -6.84 -11.53
CA LYS A 51 -4.22 -6.09 -11.72
C LYS A 51 -3.95 -4.60 -11.96
N GLY A 52 -3.15 -3.98 -11.15
CA GLY A 52 -2.88 -2.53 -11.34
C GLY A 52 -4.20 -1.78 -11.47
N GLN A 53 -5.18 -2.17 -10.69
CA GLN A 53 -6.51 -1.49 -10.76
C GLN A 53 -6.96 -1.08 -9.36
N PHE A 54 -6.62 -1.86 -8.37
CA PHE A 54 -7.03 -1.51 -6.97
C PHE A 54 -6.59 -0.09 -6.63
N ASP A 55 -6.65 0.27 -5.38
CA ASP A 55 -6.24 1.64 -4.98
C ASP A 55 -4.76 1.66 -4.59
N ILE A 56 -4.32 0.72 -3.78
CA ILE A 56 -2.88 0.75 -3.39
C ILE A 56 -2.30 -0.64 -3.22
N ALA A 57 -1.00 -0.73 -3.08
CA ALA A 57 -0.35 -2.07 -2.92
C ALA A 57 0.95 -1.96 -2.13
N ILE A 58 0.94 -2.34 -0.88
CA ILE A 58 2.20 -2.29 -0.11
C ILE A 58 2.74 -3.71 0.05
N ILE A 59 3.96 -3.90 -0.32
CA ILE A 59 4.58 -5.24 -0.24
C ILE A 59 6.08 -5.09 0.06
N ASP A 60 6.41 -4.81 1.29
CA ASP A 60 7.85 -4.62 1.65
C ASP A 60 8.72 -5.67 0.95
N VAL A 61 9.88 -5.29 0.50
CA VAL A 61 10.78 -6.26 -0.20
C VAL A 61 12.12 -6.37 0.54
N ASN A 62 12.13 -6.02 1.79
CA ASN A 62 13.39 -6.12 2.59
C ASN A 62 13.06 -6.63 3.99
N LEU A 63 11.83 -7.00 4.22
CA LEU A 63 11.43 -7.49 5.55
C LEU A 63 11.18 -9.00 5.46
N ASP A 64 11.72 -9.76 6.37
CA ASP A 64 11.53 -11.24 6.33
C ASP A 64 12.42 -11.88 5.24
N GLY A 65 12.98 -11.11 4.34
CA GLY A 65 13.85 -11.72 3.30
C GLY A 65 13.44 -11.26 1.90
N GLU A 66 12.79 -10.14 1.79
CA GLU A 66 12.38 -9.65 0.45
C GLU A 66 11.31 -10.54 -0.20
N PRO A 67 10.21 -10.69 0.49
CA PRO A 67 9.09 -11.50 -0.04
C PRO A 67 8.18 -10.64 -0.93
N SER A 68 8.74 -9.66 -1.59
CA SER A 68 7.90 -8.77 -2.45
C SER A 68 7.82 -9.30 -3.88
N TYR A 69 8.18 -10.54 -4.09
CA TYR A 69 8.11 -11.13 -5.46
C TYR A 69 8.72 -10.18 -6.50
N PRO A 70 8.84 -10.71 -7.69
CA PRO A 70 9.40 -9.93 -8.80
C PRO A 70 8.40 -8.87 -9.27
N VAL A 71 7.25 -8.78 -8.65
CA VAL A 71 6.27 -7.76 -9.10
C VAL A 71 6.40 -6.49 -8.25
N ALA A 72 6.23 -6.54 -6.95
CA ALA A 72 6.42 -5.31 -6.15
C ALA A 72 7.74 -4.69 -6.60
N ASP A 73 8.68 -5.56 -6.88
CA ASP A 73 9.99 -5.11 -7.38
C ASP A 73 9.79 -4.31 -8.67
N ILE A 74 9.10 -4.91 -9.60
CA ILE A 74 8.83 -4.23 -10.89
C ILE A 74 7.90 -3.04 -10.65
N LEU A 75 6.90 -3.24 -9.83
CA LEU A 75 5.96 -2.14 -9.51
C LEU A 75 6.78 -0.88 -9.21
N ALA A 76 8.01 -1.06 -8.80
CA ALA A 76 8.88 0.08 -8.49
C ALA A 76 9.72 0.49 -9.72
N GLU A 77 10.20 -0.48 -10.47
CA GLU A 77 11.04 -0.15 -11.66
C GLU A 77 10.26 0.76 -12.63
N ARG A 78 8.97 0.88 -12.45
CA ARG A 78 8.16 1.74 -13.35
C ARG A 78 7.12 2.50 -12.55
N ASN A 79 6.56 1.88 -11.56
CA ASN A 79 5.54 2.57 -10.71
C ASN A 79 4.30 2.93 -11.54
N VAL A 80 3.15 2.62 -11.00
CA VAL A 80 1.87 2.93 -11.69
C VAL A 80 0.90 3.48 -10.61
N PRO A 81 -0.38 3.59 -10.88
CA PRO A 81 -1.28 4.10 -9.81
C PRO A 81 -1.29 3.10 -8.66
N PHE A 82 -0.78 3.50 -7.53
CA PHE A 82 -0.67 2.57 -6.37
C PHE A 82 0.10 3.22 -5.23
N ILE A 83 0.79 2.41 -4.49
CA ILE A 83 1.64 2.91 -3.39
C ILE A 83 2.48 1.75 -2.90
N PHE A 84 3.60 1.99 -2.27
CA PHE A 84 4.43 0.84 -1.83
C PHE A 84 5.36 1.18 -0.67
N ALA A 85 5.92 0.17 -0.10
CA ALA A 85 6.86 0.38 1.03
C ALA A 85 7.93 -0.70 0.97
N THR A 86 9.03 -0.52 1.64
CA THR A 86 10.10 -1.56 1.60
C THR A 86 11.37 -1.03 2.27
N GLY A 87 12.34 -1.87 2.48
CA GLY A 87 13.62 -1.42 3.10
C GLY A 87 14.33 -0.55 2.07
N TYR A 88 13.70 0.53 1.69
CA TYR A 88 14.28 1.44 0.67
C TYR A 88 13.76 2.86 0.90
N GLY A 89 12.52 2.99 1.31
CA GLY A 89 11.97 4.35 1.57
C GLY A 89 11.28 4.87 0.30
N SER A 90 10.91 3.99 -0.59
CA SER A 90 10.24 4.44 -1.84
C SER A 90 10.97 5.65 -2.41
N LYS A 91 11.91 5.43 -3.29
CA LYS A 91 12.66 6.56 -3.89
C LYS A 91 11.69 7.55 -4.53
N GLY A 92 11.10 8.41 -3.77
CA GLY A 92 10.14 9.38 -4.34
C GLY A 92 8.86 8.64 -4.75
N LEU A 93 9.00 7.62 -5.56
CA LEU A 93 7.79 6.86 -5.98
C LEU A 93 6.84 7.79 -6.73
N ASP A 94 6.54 7.47 -7.95
CA ASP A 94 5.63 8.36 -8.74
C ASP A 94 4.28 7.69 -8.96
N THR A 95 3.23 8.44 -8.80
CA THR A 95 1.88 7.86 -8.99
C THR A 95 0.82 8.94 -8.78
N ARG A 96 -0.40 8.69 -9.19
CA ARG A 96 -1.47 9.70 -9.00
C ARG A 96 -1.80 9.82 -7.51
N TYR A 97 -1.17 9.03 -6.69
CA TYR A 97 -1.48 9.07 -5.23
C TYR A 97 -0.72 10.18 -4.50
N SER A 98 0.35 10.68 -5.06
CA SER A 98 1.11 11.78 -4.38
C SER A 98 1.83 11.25 -3.14
N ASN A 99 2.50 10.15 -3.24
CA ASN A 99 3.22 9.63 -2.04
C ASN A 99 2.28 9.51 -0.84
N ILE A 100 1.92 8.30 -0.46
CA ILE A 100 1.00 8.11 0.69
C ILE A 100 1.81 7.44 1.85
N PRO A 101 1.34 6.38 2.52
CA PRO A 101 2.19 5.80 3.59
C PRO A 101 3.42 5.10 2.98
N LEU A 102 4.09 5.73 2.07
CA LEU A 102 5.28 5.08 1.43
C LEU A 102 6.47 5.05 2.39
N LEU A 103 7.14 3.93 2.46
CA LEU A 103 8.34 3.80 3.36
C LEU A 103 8.65 2.33 3.62
N THR A 104 9.45 2.04 4.60
CA THR A 104 9.77 0.61 4.91
C THR A 104 8.57 -0.06 5.58
N LYS A 105 8.37 0.19 6.84
CA LYS A 105 7.20 -0.43 7.55
C LYS A 105 6.23 0.66 8.00
N PRO A 106 4.99 0.49 7.66
CA PRO A 106 3.95 1.48 8.03
C PRO A 106 3.56 1.36 9.50
N PHE A 107 3.75 2.41 10.28
CA PHE A 107 3.38 2.34 11.72
C PHE A 107 3.42 3.74 12.35
N LEU A 108 4.40 4.53 12.03
CA LEU A 108 4.48 5.90 12.62
C LEU A 108 4.15 6.95 11.56
N ASP A 109 5.14 7.52 10.91
CA ASP A 109 4.87 8.55 9.88
C ASP A 109 3.92 7.99 8.82
N SER A 110 3.90 6.69 8.66
CA SER A 110 2.99 6.10 7.65
C SER A 110 1.55 6.53 7.95
N GLU A 111 0.98 6.04 9.02
CA GLU A 111 -0.41 6.44 9.38
C GLU A 111 -0.61 7.93 9.11
N LEU A 112 0.34 8.73 9.52
CA LEU A 112 0.21 10.21 9.28
C LEU A 112 0.28 10.48 7.78
N GLU A 113 1.34 10.06 7.15
CA GLU A 113 1.48 10.29 5.68
C GLU A 113 0.41 9.54 4.91
N ALA A 114 -0.12 8.50 5.47
CA ALA A 114 -1.13 7.71 4.72
C ALA A 114 -2.51 8.33 4.73
N VAL A 115 -2.82 9.23 5.61
CA VAL A 115 -4.19 9.78 5.59
C VAL A 115 -4.22 11.24 5.13
N LEU A 116 -3.12 11.92 5.16
CA LEU A 116 -3.13 13.35 4.71
C LEU A 116 -2.74 13.44 3.24
N VAL A 117 -1.74 12.71 2.84
CA VAL A 117 -1.29 12.73 1.42
C VAL A 117 -2.47 12.77 0.44
N GLN A 118 -3.49 11.99 0.69
CA GLN A 118 -4.64 11.96 -0.26
C GLN A 118 -5.44 13.27 -0.26
N ILE A 119 -5.05 14.24 0.52
CA ILE A 119 -5.81 15.53 0.51
C ILE A 119 -4.89 16.72 0.78
N SER A 120 -3.97 16.58 1.70
CA SER A 120 -3.04 17.71 2.03
C SER A 120 -2.77 18.55 0.78
N LYS A 121 -1.84 18.13 -0.04
CA LYS A 121 -1.53 18.91 -1.28
C LYS A 121 -1.08 20.32 -0.90
N GLU A 122 -0.76 20.51 0.35
CA GLU A 122 -0.31 21.84 0.83
C GLU A 122 -0.27 21.82 2.37
N VAL A 123 0.06 20.68 2.92
CA VAL A 123 0.12 20.53 4.40
C VAL A 123 -0.87 21.47 5.11
N GLY A 1 -22.02 2.92 9.79
CA GLY A 1 -23.51 3.04 9.72
C GLY A 1 -23.92 3.38 8.28
N SER A 2 -23.34 2.71 7.32
CA SER A 2 -23.71 3.00 5.90
C SER A 2 -23.46 1.77 5.04
N HIS A 3 -24.50 1.17 4.52
CA HIS A 3 -24.33 -0.04 3.67
C HIS A 3 -24.64 0.33 2.21
N MET A 4 -23.63 0.41 1.39
CA MET A 4 -23.86 0.75 -0.05
C MET A 4 -22.53 0.76 -0.80
N THR A 5 -22.57 0.90 -2.10
CA THR A 5 -21.29 0.92 -2.87
C THR A 5 -21.27 2.13 -3.80
N GLU A 6 -20.11 2.59 -4.15
CA GLU A 6 -20.01 3.76 -5.06
C GLU A 6 -18.56 3.95 -5.50
N ARG A 7 -18.03 3.02 -6.24
CA ARG A 7 -16.63 3.11 -6.70
C ARG A 7 -15.67 3.13 -5.51
N ARG A 8 -15.39 2.00 -4.95
CA ARG A 8 -14.45 1.96 -3.81
C ARG A 8 -13.06 1.64 -4.36
N LEU A 9 -12.05 2.26 -3.82
CA LEU A 9 -10.69 1.98 -4.34
C LEU A 9 -10.18 0.70 -3.72
N ARG A 10 -9.27 0.04 -4.36
CA ARG A 10 -8.76 -1.23 -3.78
C ARG A 10 -7.27 -1.09 -3.47
N VAL A 11 -6.84 -1.58 -2.34
CA VAL A 11 -5.41 -1.44 -1.97
C VAL A 11 -4.75 -2.81 -1.78
N LEU A 12 -3.91 -3.21 -2.70
CA LEU A 12 -3.22 -4.51 -2.55
C LEU A 12 -2.08 -4.35 -1.54
N VAL A 13 -2.32 -4.69 -0.31
CA VAL A 13 -1.27 -4.52 0.74
C VAL A 13 -0.53 -5.84 0.97
N VAL A 14 0.64 -5.76 1.52
CA VAL A 14 1.44 -6.98 1.77
C VAL A 14 2.60 -6.67 2.74
N GLU A 15 2.97 -7.63 3.53
CA GLU A 15 4.08 -7.43 4.50
C GLU A 15 4.59 -8.80 4.95
N ASP A 16 5.80 -8.85 5.43
CA ASP A 16 6.40 -10.15 5.86
C ASP A 16 5.35 -11.18 6.31
N GLU A 17 4.68 -10.95 7.42
CA GLU A 17 3.68 -11.95 7.86
C GLU A 17 2.29 -11.32 8.12
N SER A 18 1.49 -11.96 8.92
CA SER A 18 0.11 -11.45 9.20
C SER A 18 0.14 -10.13 9.99
N MET A 19 1.30 -9.64 10.35
CA MET A 19 1.35 -8.35 11.09
C MET A 19 0.54 -7.31 10.31
N ILE A 20 0.38 -7.55 9.05
CA ILE A 20 -0.39 -6.61 8.17
C ILE A 20 -1.77 -7.21 7.90
N ALA A 21 -2.25 -8.03 8.78
CA ALA A 21 -3.57 -8.67 8.57
C ALA A 21 -4.60 -8.13 9.57
N MET A 22 -4.57 -8.59 10.80
CA MET A 22 -5.55 -8.06 11.78
C MET A 22 -5.36 -6.55 11.89
N LEU A 23 -4.24 -6.05 11.41
CA LEU A 23 -3.96 -4.60 11.46
C LEU A 23 -4.42 -3.92 10.15
N ILE A 24 -4.70 -4.67 9.12
CA ILE A 24 -5.13 -4.05 7.84
C ILE A 24 -6.65 -4.22 7.60
N GLU A 25 -7.19 -5.35 7.94
CA GLU A 25 -8.66 -5.55 7.72
C GLU A 25 -9.44 -4.66 8.69
N ASP A 26 -8.85 -4.28 9.78
CA ASP A 26 -9.56 -3.42 10.77
C ASP A 26 -9.57 -1.97 10.26
N THR A 27 -8.51 -1.52 9.65
CA THR A 27 -8.48 -0.14 9.13
C THR A 27 -9.52 0.01 8.03
N LEU A 28 -9.43 -0.78 7.00
CA LEU A 28 -10.42 -0.71 5.90
C LEU A 28 -11.83 -0.71 6.51
N CYS A 29 -12.01 -1.44 7.57
CA CYS A 29 -13.35 -1.49 8.23
C CYS A 29 -13.89 -0.08 8.43
N GLU A 30 -13.01 0.89 8.50
CA GLU A 30 -13.48 2.29 8.71
C GLU A 30 -13.59 3.04 7.38
N LEU A 31 -12.68 2.83 6.46
CA LEU A 31 -12.75 3.56 5.17
C LEU A 31 -13.66 2.83 4.17
N GLY A 32 -13.37 1.59 3.87
CA GLY A 32 -14.23 0.84 2.91
C GLY A 32 -13.38 0.30 1.76
N HIS A 33 -12.32 1.00 1.43
CA HIS A 33 -11.41 0.56 0.30
C HIS A 33 -11.60 -0.91 -0.04
N GLU A 34 -12.04 -1.20 -1.24
CA GLU A 34 -12.25 -2.61 -1.65
C GLU A 34 -11.04 -3.46 -1.24
N VAL A 35 -11.16 -4.21 -0.18
CA VAL A 35 -10.03 -5.06 0.30
C VAL A 35 -9.29 -5.66 -0.89
N ALA A 36 -8.01 -5.91 -0.76
CA ALA A 36 -7.24 -6.47 -1.90
C ALA A 36 -6.18 -7.47 -1.43
N ALA A 37 -5.08 -6.99 -0.92
CA ALA A 37 -4.01 -7.94 -0.47
C ALA A 37 -3.63 -7.71 0.99
N THR A 38 -3.28 -8.77 1.68
CA THR A 38 -2.88 -8.64 3.11
C THR A 38 -1.78 -9.66 3.42
N ALA A 39 -0.62 -9.19 3.83
CA ALA A 39 0.54 -10.09 4.13
C ALA A 39 1.38 -10.25 2.88
N SER A 40 2.55 -10.78 2.98
CA SER A 40 3.38 -10.88 1.76
C SER A 40 3.27 -12.25 1.09
N ARG A 41 2.98 -12.24 -0.17
CA ARG A 41 2.84 -13.49 -0.94
C ARG A 41 3.37 -13.26 -2.35
N MET A 42 4.27 -14.09 -2.80
CA MET A 42 4.87 -13.91 -4.16
C MET A 42 3.81 -14.05 -5.26
N GLN A 43 2.82 -14.88 -5.05
CA GLN A 43 1.77 -15.07 -6.09
C GLN A 43 0.86 -13.84 -6.15
N GLU A 44 0.28 -13.45 -5.05
CA GLU A 44 -0.61 -12.27 -5.03
C GLU A 44 0.15 -11.01 -5.44
N ALA A 45 1.35 -10.84 -4.95
CA ALA A 45 2.14 -9.64 -5.33
C ALA A 45 2.13 -9.47 -6.84
N LEU A 46 2.49 -10.50 -7.56
CA LEU A 46 2.49 -10.42 -9.04
C LEU A 46 1.15 -9.86 -9.52
N ASP A 47 0.10 -10.28 -8.91
CA ASP A 47 -1.25 -9.79 -9.31
C ASP A 47 -1.32 -8.27 -9.23
N ILE A 48 -0.87 -7.68 -8.16
CA ILE A 48 -0.94 -6.18 -8.05
C ILE A 48 -0.13 -5.55 -9.18
N ALA A 49 0.92 -6.20 -9.61
CA ALA A 49 1.74 -5.63 -10.71
C ALA A 49 0.98 -5.73 -12.03
N ARG A 50 0.44 -6.89 -12.33
CA ARG A 50 -0.33 -7.06 -13.59
C ARG A 50 -1.75 -6.53 -13.44
N LYS A 51 -2.25 -6.44 -12.22
CA LYS A 51 -3.62 -5.93 -12.01
C LYS A 51 -3.76 -4.53 -12.60
N GLY A 52 -2.86 -3.64 -12.27
CA GLY A 52 -2.93 -2.27 -12.83
C GLY A 52 -4.15 -1.53 -12.27
N GLN A 53 -5.33 -2.02 -12.55
CA GLN A 53 -6.56 -1.34 -12.04
C GLN A 53 -6.49 -1.18 -10.52
N PHE A 54 -5.62 -1.90 -9.86
CA PHE A 54 -5.53 -1.76 -8.37
C PHE A 54 -5.14 -0.32 -8.02
N ASP A 55 -5.51 0.14 -6.86
CA ASP A 55 -5.19 1.55 -6.49
C ASP A 55 -3.84 1.68 -5.78
N ILE A 56 -3.46 0.73 -4.96
CA ILE A 56 -2.14 0.89 -4.27
C ILE A 56 -1.38 -0.43 -4.13
N ALA A 57 -0.12 -0.34 -3.77
CA ALA A 57 0.73 -1.57 -3.61
C ALA A 57 1.62 -1.45 -2.36
N ILE A 58 1.29 -2.09 -1.28
CA ILE A 58 2.16 -2.00 -0.08
C ILE A 58 2.88 -3.32 0.14
N ILE A 59 4.16 -3.33 0.04
CA ILE A 59 4.93 -4.59 0.24
C ILE A 59 6.25 -4.28 0.94
N ASP A 60 6.22 -4.09 2.23
CA ASP A 60 7.47 -3.77 2.97
C ASP A 60 8.66 -4.57 2.42
N VAL A 61 9.73 -3.89 2.10
CA VAL A 61 10.92 -4.61 1.58
C VAL A 61 12.09 -4.47 2.56
N ASN A 62 11.79 -4.30 3.82
CA ASN A 62 12.88 -4.17 4.84
C ASN A 62 12.32 -4.36 6.24
N LEU A 63 11.17 -4.97 6.36
CA LEU A 63 10.58 -5.18 7.70
C LEU A 63 10.50 -6.67 8.03
N ASP A 64 11.38 -7.14 8.87
CA ASP A 64 11.37 -8.57 9.26
C ASP A 64 11.94 -9.48 8.16
N GLY A 65 12.42 -8.95 7.06
CA GLY A 65 12.98 -9.87 6.02
C GLY A 65 12.86 -9.32 4.60
N GLU A 66 12.36 -8.12 4.44
CA GLU A 66 12.23 -7.55 3.06
C GLU A 66 11.83 -8.61 2.05
N PRO A 67 10.69 -9.22 2.28
CA PRO A 67 10.17 -10.26 1.37
C PRO A 67 9.40 -9.61 0.23
N SER A 68 9.68 -8.36 -0.06
CA SER A 68 8.97 -7.66 -1.17
C SER A 68 9.51 -8.08 -2.55
N TYR A 69 10.33 -9.10 -2.58
CA TYR A 69 10.90 -9.59 -3.88
C TYR A 69 11.44 -8.42 -4.72
N PRO A 70 12.06 -8.78 -5.82
CA PRO A 70 12.63 -7.76 -6.72
C PRO A 70 11.51 -6.98 -7.39
N VAL A 71 10.27 -7.35 -7.16
CA VAL A 71 9.16 -6.61 -7.78
C VAL A 71 8.89 -5.33 -6.99
N ALA A 72 8.39 -5.42 -5.78
CA ALA A 72 8.18 -4.19 -4.96
C ALA A 72 9.38 -3.30 -5.18
N ASP A 73 10.51 -3.93 -5.32
CA ASP A 73 11.76 -3.20 -5.59
C ASP A 73 11.64 -2.49 -6.93
N ILE A 74 11.31 -3.24 -7.93
CA ILE A 74 11.15 -2.67 -9.30
C ILE A 74 9.93 -1.76 -9.33
N LEU A 75 8.87 -2.17 -8.71
CA LEU A 75 7.66 -1.32 -8.68
C LEU A 75 8.03 0.04 -8.10
N ALA A 76 9.13 0.11 -7.39
CA ALA A 76 9.57 1.39 -6.80
C ALA A 76 10.46 2.15 -7.79
N GLU A 77 11.11 1.46 -8.67
CA GLU A 77 12.00 2.15 -9.66
C GLU A 77 11.17 2.99 -10.65
N ARG A 78 9.99 2.55 -11.01
CA ARG A 78 9.17 3.33 -11.97
C ARG A 78 7.76 3.58 -11.40
N ASN A 79 7.19 2.58 -10.77
CA ASN A 79 5.83 2.68 -10.15
C ASN A 79 4.80 3.45 -11.00
N VAL A 80 3.58 3.40 -10.55
CA VAL A 80 2.44 4.09 -11.24
C VAL A 80 1.58 4.71 -10.12
N PRO A 81 0.30 4.94 -10.34
CA PRO A 81 -0.51 5.51 -9.23
C PRO A 81 -0.60 4.46 -8.13
N PHE A 82 -0.12 4.75 -6.95
CA PHE A 82 -0.13 3.71 -5.87
C PHE A 82 0.50 4.24 -4.58
N ILE A 83 1.10 3.35 -3.83
CA ILE A 83 1.78 3.76 -2.57
C ILE A 83 2.59 2.57 -2.04
N PHE A 84 3.65 2.82 -1.33
CA PHE A 84 4.48 1.69 -0.82
C PHE A 84 5.29 2.09 0.42
N ALA A 85 5.59 1.15 1.26
CA ALA A 85 6.40 1.50 2.44
C ALA A 85 7.56 0.52 2.60
N THR A 86 8.74 1.03 2.84
CA THR A 86 9.92 0.13 2.99
C THR A 86 10.89 0.72 4.03
N GLY A 87 11.67 -0.11 4.65
CA GLY A 87 12.63 0.35 5.70
C GLY A 87 13.28 1.71 5.36
N TYR A 88 13.34 2.12 4.12
CA TYR A 88 14.02 3.43 3.85
C TYR A 88 13.05 4.51 3.35
N GLY A 89 11.79 4.23 3.22
CA GLY A 89 10.85 5.29 2.76
C GLY A 89 10.50 5.15 1.28
N SER A 90 10.84 4.06 0.67
CA SER A 90 10.51 3.85 -0.78
C SER A 90 11.43 4.66 -1.68
N LYS A 91 12.63 4.93 -1.25
CA LYS A 91 13.58 5.67 -2.12
C LYS A 91 12.95 7.00 -2.58
N GLY A 92 12.20 6.96 -3.63
CA GLY A 92 11.58 8.22 -4.14
C GLY A 92 10.64 7.88 -5.30
N LEU A 93 9.97 6.76 -5.19
CA LEU A 93 9.03 6.33 -6.26
C LEU A 93 8.28 7.53 -6.84
N ASP A 94 7.82 7.44 -8.06
CA ASP A 94 7.10 8.60 -8.67
C ASP A 94 5.61 8.28 -8.84
N THR A 95 4.76 9.16 -8.40
CA THR A 95 3.30 8.92 -8.55
C THR A 95 2.52 10.20 -8.20
N ARG A 96 1.38 10.41 -8.80
CA ARG A 96 0.58 11.62 -8.47
C ARG A 96 0.56 11.82 -6.95
N TYR A 97 0.73 10.75 -6.23
CA TYR A 97 0.73 10.83 -4.76
C TYR A 97 1.93 11.66 -4.27
N SER A 98 3.13 11.25 -4.63
CA SER A 98 4.37 12.00 -4.23
C SER A 98 4.85 11.56 -2.85
N ASN A 99 5.14 10.29 -2.69
CA ASN A 99 5.65 9.78 -1.38
C ASN A 99 4.64 9.99 -0.25
N ILE A 100 4.30 11.23 0.01
CA ILE A 100 3.32 11.60 1.10
C ILE A 100 3.01 10.41 2.08
N PRO A 101 1.88 9.71 1.98
CA PRO A 101 1.60 8.59 2.93
C PRO A 101 2.66 7.51 2.93
N LEU A 102 3.08 7.09 1.78
CA LEU A 102 4.04 5.98 1.71
C LEU A 102 5.40 6.36 2.27
N LEU A 103 6.03 5.42 2.93
CA LEU A 103 7.36 5.69 3.55
C LEU A 103 7.83 4.45 4.32
N THR A 104 7.51 4.36 5.59
CA THR A 104 7.95 3.19 6.39
C THR A 104 7.21 3.17 7.75
N LYS A 105 6.12 2.45 7.85
CA LYS A 105 5.36 2.39 9.15
C LYS A 105 4.02 1.68 8.93
N PRO A 106 3.23 1.55 9.97
CA PRO A 106 1.93 0.87 9.84
C PRO A 106 0.90 1.80 9.18
N PHE A 107 -0.36 1.53 9.37
CA PHE A 107 -1.40 2.40 8.73
C PHE A 107 -1.88 3.46 9.72
N LEU A 108 -3.11 3.40 10.16
CA LEU A 108 -3.59 4.43 11.12
C LEU A 108 -3.20 5.81 10.57
N ASP A 109 -2.37 6.55 11.27
CA ASP A 109 -1.96 7.88 10.74
C ASP A 109 -1.61 7.76 9.26
N SER A 110 -1.04 6.65 8.87
CA SER A 110 -0.67 6.44 7.44
C SER A 110 -1.92 6.49 6.56
N GLU A 111 -2.82 5.55 6.73
CA GLU A 111 -4.06 5.54 5.90
C GLU A 111 -4.58 6.97 5.74
N LEU A 112 -4.56 7.73 6.80
CA LEU A 112 -5.03 9.13 6.71
C LEU A 112 -4.18 9.84 5.67
N GLU A 113 -2.89 9.81 5.84
CA GLU A 113 -2.00 10.44 4.84
C GLU A 113 -2.18 9.74 3.51
N ALA A 114 -2.50 8.47 3.57
CA ALA A 114 -2.67 7.69 2.31
C ALA A 114 -3.74 8.33 1.43
N VAL A 115 -4.63 9.07 2.01
CA VAL A 115 -5.67 9.74 1.19
C VAL A 115 -5.49 11.26 1.26
N LEU A 116 -4.95 11.74 2.35
CA LEU A 116 -4.73 13.20 2.47
C LEU A 116 -3.68 13.64 1.45
N VAL A 117 -2.93 12.70 0.93
CA VAL A 117 -1.88 13.02 -0.09
C VAL A 117 -2.42 14.04 -1.09
N GLN A 118 -3.70 14.06 -1.30
CA GLN A 118 -4.28 15.02 -2.27
C GLN A 118 -4.34 16.43 -1.66
N ILE A 119 -3.81 16.60 -0.48
CA ILE A 119 -3.82 17.94 0.18
C ILE A 119 -2.86 17.96 1.39
N SER A 120 -2.60 16.82 1.97
CA SER A 120 -1.69 16.73 3.16
C SER A 120 -0.65 17.84 3.19
N LYS A 121 0.51 17.62 2.64
CA LYS A 121 1.55 18.67 2.66
C LYS A 121 1.93 18.95 4.12
N GLU A 122 3.00 18.37 4.57
CA GLU A 122 3.43 18.56 6.00
C GLU A 122 2.25 18.32 6.93
N VAL A 123 1.28 17.58 6.46
CA VAL A 123 0.07 17.28 7.27
C VAL A 123 -0.28 18.45 8.19
N GLY A 1 -25.19 -3.74 -5.66
CA GLY A 1 -25.77 -3.84 -4.29
C GLY A 1 -26.36 -2.48 -3.88
N SER A 2 -27.63 -2.27 -4.13
CA SER A 2 -28.25 -0.98 -3.76
C SER A 2 -27.46 0.19 -4.39
N HIS A 3 -27.89 1.40 -4.16
CA HIS A 3 -27.17 2.57 -4.74
C HIS A 3 -25.82 2.76 -4.01
N MET A 4 -25.86 3.27 -2.81
CA MET A 4 -24.59 3.50 -2.06
C MET A 4 -23.54 4.16 -2.95
N THR A 5 -22.29 3.89 -2.71
CA THR A 5 -21.22 4.50 -3.54
C THR A 5 -20.25 3.43 -4.02
N GLU A 6 -19.45 3.72 -5.01
CA GLU A 6 -18.49 2.71 -5.50
C GLU A 6 -17.16 3.37 -5.86
N ARG A 7 -16.80 4.42 -5.16
CA ARG A 7 -15.51 5.11 -5.44
C ARG A 7 -14.58 4.96 -4.25
N ARG A 8 -14.58 3.82 -3.63
CA ARG A 8 -13.67 3.61 -2.48
C ARG A 8 -12.31 3.23 -3.03
N LEU A 9 -11.27 3.82 -2.54
CA LEU A 9 -9.94 3.50 -3.07
C LEU A 9 -9.49 2.15 -2.53
N ARG A 10 -8.44 1.61 -3.06
CA ARG A 10 -7.99 0.30 -2.54
C ARG A 10 -6.54 0.38 -2.09
N VAL A 11 -6.28 0.14 -0.84
CA VAL A 11 -4.88 0.20 -0.35
C VAL A 11 -4.27 -1.19 -0.34
N LEU A 12 -3.71 -1.64 -1.43
CA LEU A 12 -3.10 -3.00 -1.45
C LEU A 12 -1.87 -2.97 -0.55
N VAL A 13 -2.04 -3.31 0.70
CA VAL A 13 -0.89 -3.28 1.64
C VAL A 13 -0.57 -4.69 2.13
N VAL A 14 0.62 -5.16 1.85
CA VAL A 14 0.99 -6.52 2.31
C VAL A 14 2.39 -6.51 2.94
N GLU A 15 2.58 -7.26 4.01
CA GLU A 15 3.91 -7.32 4.70
C GLU A 15 3.74 -7.88 6.12
N ASP A 16 3.96 -9.16 6.28
CA ASP A 16 3.82 -9.85 7.61
C ASP A 16 2.44 -10.47 7.76
N GLU A 17 2.41 -11.73 8.08
CA GLU A 17 1.12 -12.48 8.23
C GLU A 17 0.00 -11.66 8.91
N SER A 18 -0.22 -11.87 10.19
CA SER A 18 -1.33 -11.19 10.90
C SER A 18 -1.03 -9.73 11.31
N MET A 19 0.09 -9.19 10.93
CA MET A 19 0.38 -7.78 11.35
C MET A 19 -0.32 -6.81 10.41
N ILE A 20 -0.31 -7.10 9.15
CA ILE A 20 -0.98 -6.20 8.16
C ILE A 20 -2.27 -6.82 7.68
N ALA A 21 -2.92 -7.53 8.54
CA ALA A 21 -4.18 -8.20 8.16
C ALA A 21 -5.36 -7.55 8.90
N MET A 22 -5.86 -8.16 9.94
CA MET A 22 -6.97 -7.52 10.68
C MET A 22 -6.62 -6.06 10.93
N LEU A 23 -5.34 -5.76 10.97
CA LEU A 23 -4.91 -4.36 11.18
C LEU A 23 -5.38 -3.48 10.01
N ILE A 24 -5.77 -4.07 8.91
CA ILE A 24 -6.25 -3.26 7.76
C ILE A 24 -7.78 -3.33 7.67
N GLU A 25 -8.32 -4.52 7.73
CA GLU A 25 -9.81 -4.65 7.66
C GLU A 25 -10.47 -3.83 8.76
N ASP A 26 -9.78 -3.62 9.85
CA ASP A 26 -10.38 -2.81 10.96
C ASP A 26 -10.26 -1.32 10.63
N THR A 27 -9.10 -0.87 10.22
CA THR A 27 -8.96 0.56 9.86
C THR A 27 -9.79 0.85 8.62
N LEU A 28 -9.56 0.12 7.55
CA LEU A 28 -10.36 0.33 6.33
C LEU A 28 -11.84 0.32 6.72
N CYS A 29 -12.19 -0.49 7.69
CA CYS A 29 -13.60 -0.55 8.15
C CYS A 29 -14.10 0.87 8.42
N GLU A 30 -13.23 1.73 8.88
CA GLU A 30 -13.64 3.13 9.15
C GLU A 30 -13.43 4.00 7.91
N LEU A 31 -12.40 3.72 7.16
CA LEU A 31 -12.14 4.53 5.93
C LEU A 31 -13.17 4.21 4.85
N GLY A 32 -13.30 2.98 4.47
CA GLY A 32 -14.31 2.63 3.43
C GLY A 32 -13.62 2.12 2.16
N HIS A 33 -12.30 2.23 2.11
CA HIS A 33 -11.54 1.75 0.90
C HIS A 33 -12.21 0.52 0.31
N GLU A 34 -12.17 0.36 -0.99
CA GLU A 34 -12.81 -0.82 -1.63
C GLU A 34 -11.94 -2.07 -1.50
N VAL A 35 -11.91 -2.67 -0.34
CA VAL A 35 -11.06 -3.89 -0.14
C VAL A 35 -9.62 -3.59 -0.54
N ALA A 36 -8.68 -4.29 0.03
CA ALA A 36 -7.26 -4.03 -0.30
C ALA A 36 -6.44 -5.31 -0.18
N ALA A 37 -5.21 -5.20 0.25
CA ALA A 37 -4.38 -6.43 0.40
C ALA A 37 -3.89 -6.52 1.83
N THR A 38 -3.76 -7.72 2.35
CA THR A 38 -3.31 -7.86 3.76
C THR A 38 -2.20 -8.92 3.86
N ALA A 39 -1.34 -8.79 4.83
CA ALA A 39 -0.23 -9.77 4.96
C ALA A 39 0.59 -9.78 3.69
N SER A 40 1.64 -10.56 3.63
CA SER A 40 2.42 -10.59 2.37
C SER A 40 2.05 -11.86 1.61
N ARG A 41 1.45 -11.70 0.46
CA ARG A 41 1.01 -12.89 -0.31
C ARG A 41 1.34 -12.72 -1.79
N MET A 42 2.09 -13.63 -2.35
CA MET A 42 2.43 -13.52 -3.79
C MET A 42 1.15 -13.55 -4.63
N GLN A 43 0.19 -14.31 -4.22
CA GLN A 43 -1.09 -14.37 -4.99
C GLN A 43 -1.69 -12.96 -5.06
N GLU A 44 -1.95 -12.36 -3.93
CA GLU A 44 -2.52 -10.98 -3.93
C GLU A 44 -1.54 -10.02 -4.61
N ALA A 45 -0.28 -10.12 -4.26
CA ALA A 45 0.73 -9.22 -4.89
C ALA A 45 0.57 -9.24 -6.40
N LEU A 46 0.51 -10.41 -6.99
CA LEU A 46 0.34 -10.50 -8.46
C LEU A 46 -0.83 -9.61 -8.90
N ASP A 47 -1.86 -9.57 -8.11
CA ASP A 47 -3.04 -8.72 -8.45
C ASP A 47 -2.66 -7.24 -8.37
N ILE A 48 -1.65 -6.93 -7.60
CA ILE A 48 -1.21 -5.50 -7.46
C ILE A 48 -0.01 -5.24 -8.38
N ALA A 49 0.50 -6.27 -9.00
CA ALA A 49 1.67 -6.10 -9.90
C ALA A 49 1.22 -5.80 -11.34
N ARG A 50 0.24 -6.52 -11.83
CA ARG A 50 -0.24 -6.29 -13.22
C ARG A 50 -1.46 -5.36 -13.23
N LYS A 51 -2.21 -5.34 -12.17
CA LYS A 51 -3.42 -4.47 -12.12
C LYS A 51 -3.03 -3.00 -12.35
N GLY A 52 -2.01 -2.53 -11.67
CA GLY A 52 -1.61 -1.10 -11.85
C GLY A 52 -2.87 -0.24 -11.83
N GLN A 53 -3.81 -0.57 -10.98
CA GLN A 53 -5.08 0.20 -10.91
C GLN A 53 -5.71 0.02 -9.52
N PHE A 54 -4.90 -0.14 -8.52
CA PHE A 54 -5.42 -0.33 -7.14
C PHE A 54 -5.06 0.86 -6.26
N ASP A 55 -4.90 2.01 -6.86
CA ASP A 55 -4.53 3.21 -6.06
C ASP A 55 -3.15 3.06 -5.42
N ILE A 56 -2.98 2.12 -4.52
CA ILE A 56 -1.63 2.00 -3.86
C ILE A 56 -1.24 0.54 -3.57
N ALA A 57 0.03 0.27 -3.38
CA ALA A 57 0.49 -1.13 -3.15
C ALA A 57 1.67 -1.19 -2.16
N ILE A 58 1.51 -1.74 -0.99
CA ILE A 58 2.66 -1.83 -0.05
C ILE A 58 3.09 -3.29 0.10
N ILE A 59 4.37 -3.51 0.00
CA ILE A 59 4.92 -4.89 0.12
C ILE A 59 6.29 -4.80 0.79
N ASP A 60 6.32 -4.58 2.07
CA ASP A 60 7.63 -4.45 2.78
C ASP A 60 8.65 -5.45 2.23
N VAL A 61 9.92 -5.10 2.30
CA VAL A 61 10.96 -6.02 1.79
C VAL A 61 12.02 -6.27 2.88
N ASN A 62 11.72 -5.93 4.10
CA ASN A 62 12.69 -6.15 5.21
C ASN A 62 11.93 -6.46 6.51
N LEU A 63 10.67 -6.76 6.41
CA LEU A 63 9.89 -7.08 7.63
C LEU A 63 9.67 -8.58 7.70
N ASP A 64 9.78 -9.17 8.84
CA ASP A 64 9.60 -10.63 8.92
C ASP A 64 10.63 -11.29 8.00
N GLY A 65 11.64 -10.54 7.61
CA GLY A 65 12.68 -11.11 6.71
C GLY A 65 12.76 -10.26 5.44
N GLU A 66 11.64 -10.13 4.74
CA GLU A 66 11.56 -9.32 3.47
C GLU A 66 10.56 -9.95 2.50
N PRO A 67 9.34 -10.08 2.91
CA PRO A 67 8.30 -10.68 2.03
C PRO A 67 7.95 -9.72 0.90
N SER A 68 8.92 -9.36 0.09
CA SER A 68 8.63 -8.41 -1.02
C SER A 68 8.94 -9.06 -2.37
N TYR A 69 9.56 -10.22 -2.35
CA TYR A 69 9.92 -10.92 -3.60
C TYR A 69 10.61 -9.96 -4.58
N PRO A 70 11.08 -10.52 -5.66
CA PRO A 70 11.80 -9.70 -6.68
C PRO A 70 10.84 -8.77 -7.42
N VAL A 71 9.59 -8.70 -7.05
CA VAL A 71 8.68 -7.78 -7.78
C VAL A 71 8.61 -6.43 -7.07
N ALA A 72 8.24 -6.39 -5.83
CA ALA A 72 8.26 -5.10 -5.10
C ALA A 72 9.62 -4.50 -5.35
N ASP A 73 10.60 -5.36 -5.38
CA ASP A 73 11.98 -4.94 -5.64
C ASP A 73 12.05 -4.31 -7.03
N ILE A 74 11.62 -5.06 -8.00
CA ILE A 74 11.64 -4.55 -9.40
C ILE A 74 10.73 -3.33 -9.48
N LEU A 75 9.60 -3.42 -8.85
CA LEU A 75 8.67 -2.27 -8.84
C LEU A 75 9.46 -1.03 -8.45
N ALA A 76 10.41 -1.20 -7.57
CA ALA A 76 11.25 -0.05 -7.15
C ALA A 76 12.10 0.43 -8.33
N GLU A 77 12.53 -0.47 -9.18
CA GLU A 77 13.36 -0.07 -10.35
C GLU A 77 12.58 0.87 -11.28
N ARG A 78 11.29 0.77 -11.32
CA ARG A 78 10.50 1.67 -12.21
C ARG A 78 9.39 2.40 -11.45
N ASN A 79 8.71 1.70 -10.57
CA ASN A 79 7.63 2.33 -9.77
C ASN A 79 6.63 3.09 -10.64
N VAL A 80 5.38 2.70 -10.59
CA VAL A 80 4.31 3.38 -11.39
C VAL A 80 3.41 4.18 -10.42
N PRO A 81 2.21 4.54 -10.81
CA PRO A 81 1.34 5.27 -9.86
C PRO A 81 0.96 4.31 -8.73
N PHE A 82 1.29 4.67 -7.52
CA PHE A 82 1.04 3.75 -6.36
C PHE A 82 1.73 4.27 -5.10
N ILE A 83 2.22 3.35 -4.31
CA ILE A 83 2.97 3.71 -3.07
C ILE A 83 3.60 2.42 -2.52
N PHE A 84 4.62 2.53 -1.71
CA PHE A 84 5.27 1.29 -1.19
C PHE A 84 6.03 1.56 0.12
N ALA A 85 6.40 0.52 0.80
CA ALA A 85 7.16 0.71 2.05
C ALA A 85 8.17 -0.44 2.24
N THR A 86 9.26 -0.17 2.89
CA THR A 86 10.28 -1.22 3.13
C THR A 86 11.12 -0.86 4.36
N GLY A 87 11.72 -1.83 5.00
CA GLY A 87 12.55 -1.51 6.20
C GLY A 87 13.58 -0.45 5.82
N TYR A 88 13.86 -0.30 4.56
CA TYR A 88 14.85 0.71 4.12
C TYR A 88 14.27 2.13 4.18
N GLY A 89 12.98 2.26 4.02
CA GLY A 89 12.38 3.63 4.07
C GLY A 89 12.20 4.18 2.66
N SER A 90 12.14 3.31 1.68
CA SER A 90 11.95 3.77 0.27
C SER A 90 13.10 4.69 -0.16
N LYS A 91 13.26 4.86 -1.45
CA LYS A 91 14.34 5.74 -1.96
C LYS A 91 13.73 6.98 -2.63
N GLY A 92 12.51 7.31 -2.29
CA GLY A 92 11.86 8.47 -2.95
C GLY A 92 11.49 8.05 -4.38
N LEU A 93 10.93 6.87 -4.51
CA LEU A 93 10.55 6.35 -5.86
C LEU A 93 9.80 7.40 -6.67
N ASP A 94 9.31 7.02 -7.82
CA ASP A 94 8.57 7.99 -8.66
C ASP A 94 7.09 7.60 -8.69
N THR A 95 6.21 8.55 -8.71
CA THR A 95 4.77 8.22 -8.75
C THR A 95 3.95 9.50 -8.76
N ARG A 96 2.76 9.45 -9.30
CA ARG A 96 1.91 10.66 -9.29
C ARG A 96 1.60 11.03 -7.84
N TYR A 97 1.94 10.15 -6.92
CA TYR A 97 1.66 10.40 -5.49
C TYR A 97 2.63 11.45 -4.92
N SER A 98 3.66 11.79 -5.66
CA SER A 98 4.62 12.84 -5.17
C SER A 98 5.48 12.33 -4.03
N ASN A 99 5.72 11.04 -3.98
CA ASN A 99 6.56 10.49 -2.88
C ASN A 99 6.07 10.99 -1.52
N ILE A 100 5.38 10.16 -0.79
CA ILE A 100 4.84 10.59 0.53
C ILE A 100 4.74 9.38 1.51
N PRO A 101 3.59 8.72 1.70
CA PRO A 101 3.57 7.57 2.65
C PRO A 101 4.40 6.39 2.15
N LEU A 102 5.66 6.59 1.89
CA LEU A 102 6.47 5.45 1.40
C LEU A 102 7.75 5.31 2.21
N LEU A 103 7.87 4.21 2.91
CA LEU A 103 9.09 3.97 3.75
C LEU A 103 8.83 2.78 4.70
N THR A 104 8.98 2.98 5.99
CA THR A 104 8.74 1.86 6.95
C THR A 104 7.77 2.31 8.04
N LYS A 105 6.56 1.80 8.05
CA LYS A 105 5.59 2.23 9.09
C LYS A 105 4.41 1.24 9.17
N PRO A 106 3.84 1.16 10.35
CA PRO A 106 2.68 0.26 10.58
C PRO A 106 1.40 0.94 10.08
N PHE A 107 0.65 1.56 10.96
CA PHE A 107 -0.60 2.25 10.52
C PHE A 107 -0.81 3.53 11.33
N LEU A 108 0.18 3.95 12.08
CA LEU A 108 0.05 5.20 12.87
C LEU A 108 0.65 6.37 12.07
N ASP A 109 1.89 6.70 12.31
CA ASP A 109 2.51 7.81 11.52
C ASP A 109 2.19 7.59 10.05
N SER A 110 1.97 6.35 9.67
CA SER A 110 1.64 6.03 8.26
C SER A 110 0.32 6.72 7.89
N GLU A 111 -0.74 6.37 8.56
CA GLU A 111 -2.05 7.00 8.27
C GLU A 111 -1.87 8.48 7.96
N LEU A 112 -0.93 9.10 8.62
CA LEU A 112 -0.67 10.55 8.38
C LEU A 112 -0.17 10.76 6.95
N GLU A 113 1.03 10.33 6.66
CA GLU A 113 1.55 10.49 5.28
C GLU A 113 0.68 9.66 4.34
N ALA A 114 0.19 8.56 4.83
CA ALA A 114 -0.65 7.66 4.00
C ALA A 114 -1.86 8.39 3.42
N VAL A 115 -2.34 9.42 4.06
CA VAL A 115 -3.52 10.11 3.49
C VAL A 115 -3.18 11.52 3.01
N LEU A 116 -2.49 12.29 3.82
CA LEU A 116 -2.14 13.66 3.38
C LEU A 116 -1.65 13.63 1.93
N VAL A 117 -1.12 12.52 1.50
CA VAL A 117 -0.62 12.40 0.10
C VAL A 117 -1.74 12.71 -0.91
N GLN A 118 -2.96 12.34 -0.62
CA GLN A 118 -4.06 12.61 -1.58
C GLN A 118 -4.58 14.04 -1.42
N ILE A 119 -3.90 14.86 -0.65
CA ILE A 119 -4.37 16.25 -0.47
C ILE A 119 -3.19 17.23 -0.55
N SER A 120 -2.03 16.73 -0.91
CA SER A 120 -0.84 17.62 -1.02
C SER A 120 -0.97 18.49 -2.27
N LYS A 121 -2.01 18.30 -3.03
CA LYS A 121 -2.21 19.11 -4.26
C LYS A 121 -2.49 20.56 -3.87
N GLU A 122 -3.13 20.74 -2.76
CA GLU A 122 -3.45 22.10 -2.26
C GLU A 122 -3.23 22.16 -0.76
N VAL A 123 -2.48 21.22 -0.25
CA VAL A 123 -2.19 21.18 1.20
C VAL A 123 -3.42 21.58 2.02
N GLY A 1 -28.45 -7.43 -2.06
CA GLY A 1 -27.57 -7.77 -3.20
C GLY A 1 -27.92 -6.88 -4.40
N SER A 2 -27.98 -5.59 -4.19
CA SER A 2 -28.31 -4.67 -5.31
C SER A 2 -27.04 -4.21 -6.02
N HIS A 3 -26.99 -2.96 -6.42
CA HIS A 3 -25.77 -2.45 -7.12
C HIS A 3 -25.42 -1.05 -6.61
N MET A 4 -25.68 -0.02 -7.37
CA MET A 4 -25.36 1.36 -6.90
C MET A 4 -23.88 1.47 -6.52
N THR A 5 -23.00 1.40 -7.48
CA THR A 5 -21.54 1.50 -7.16
C THR A 5 -20.90 2.61 -7.99
N GLU A 6 -19.77 3.10 -7.56
CA GLU A 6 -19.08 4.18 -8.32
C GLU A 6 -17.57 4.12 -8.04
N ARG A 7 -16.96 3.01 -8.34
CA ARG A 7 -15.49 2.87 -8.11
C ARG A 7 -15.19 2.75 -6.62
N ARG A 8 -14.93 1.55 -6.15
CA ARG A 8 -14.59 1.37 -4.73
C ARG A 8 -13.07 1.49 -4.59
N LEU A 9 -12.59 2.03 -3.51
CA LEU A 9 -11.13 2.16 -3.37
C LEU A 9 -10.55 0.89 -2.77
N ARG A 10 -9.40 0.47 -3.22
CA ARG A 10 -8.83 -0.75 -2.63
C ARG A 10 -7.32 -0.68 -2.46
N VAL A 11 -6.85 -1.04 -1.30
CA VAL A 11 -5.39 -0.99 -1.02
C VAL A 11 -4.84 -2.41 -0.78
N LEU A 12 -4.30 -3.03 -1.78
CA LEU A 12 -3.74 -4.40 -1.57
C LEU A 12 -2.46 -4.29 -0.74
N VAL A 13 -2.56 -4.41 0.56
CA VAL A 13 -1.36 -4.30 1.42
C VAL A 13 -0.72 -5.68 1.61
N VAL A 14 0.53 -5.72 1.95
CA VAL A 14 1.22 -7.02 2.12
C VAL A 14 2.53 -6.84 2.90
N GLU A 15 2.94 -7.85 3.62
CA GLU A 15 4.21 -7.73 4.41
C GLU A 15 4.51 -9.03 5.16
N ASP A 16 4.04 -9.17 6.37
CA ASP A 16 4.31 -10.41 7.14
C ASP A 16 3.08 -11.33 7.14
N GLU A 17 2.27 -11.27 8.15
CA GLU A 17 1.06 -12.16 8.21
C GLU A 17 0.00 -11.58 9.14
N SER A 18 0.24 -11.60 10.42
CA SER A 18 -0.77 -11.05 11.39
C SER A 18 -0.46 -9.59 11.73
N MET A 19 0.78 -9.18 11.57
CA MET A 19 1.14 -7.77 11.90
C MET A 19 0.50 -6.82 10.87
N ILE A 20 0.49 -7.21 9.62
CA ILE A 20 -0.11 -6.34 8.57
C ILE A 20 -1.64 -6.44 8.62
N ALA A 21 -2.13 -7.44 9.31
CA ALA A 21 -3.61 -7.65 9.40
C ALA A 21 -4.29 -6.47 10.11
N MET A 22 -4.34 -6.47 11.43
CA MET A 22 -4.98 -5.34 12.14
C MET A 22 -4.53 -4.02 11.52
N LEU A 23 -3.36 -4.03 10.95
CA LEU A 23 -2.81 -2.82 10.30
C LEU A 23 -3.69 -2.41 9.11
N ILE A 24 -4.52 -3.30 8.65
CA ILE A 24 -5.38 -2.99 7.48
C ILE A 24 -6.84 -2.75 7.90
N GLU A 25 -7.35 -3.58 8.77
CA GLU A 25 -8.76 -3.42 9.22
C GLU A 25 -8.93 -2.13 10.03
N ASP A 26 -7.87 -1.65 10.63
CA ASP A 26 -7.99 -0.41 11.45
C ASP A 26 -7.97 0.82 10.54
N THR A 27 -7.12 0.82 9.53
CA THR A 27 -7.06 1.98 8.61
C THR A 27 -8.37 2.12 7.84
N LEU A 28 -8.84 1.05 7.26
CA LEU A 28 -10.12 1.12 6.51
C LEU A 28 -11.25 1.43 7.49
N CYS A 29 -11.07 1.13 8.75
CA CYS A 29 -12.13 1.44 9.74
C CYS A 29 -12.34 2.95 9.77
N GLU A 30 -11.42 3.69 9.21
CA GLU A 30 -11.54 5.17 9.21
C GLU A 30 -12.14 5.66 7.89
N LEU A 31 -11.56 5.26 6.78
CA LEU A 31 -12.09 5.73 5.46
C LEU A 31 -13.32 4.92 5.04
N GLY A 32 -13.17 3.63 4.92
CA GLY A 32 -14.32 2.78 4.50
C GLY A 32 -13.79 1.67 3.60
N HIS A 33 -13.25 2.04 2.48
CA HIS A 33 -12.66 1.04 1.56
C HIS A 33 -13.55 -0.20 1.42
N GLU A 34 -13.13 -1.15 0.64
CA GLU A 34 -13.95 -2.40 0.44
C GLU A 34 -13.32 -3.60 1.18
N VAL A 35 -12.20 -4.09 0.70
CA VAL A 35 -11.53 -5.26 1.37
C VAL A 35 -10.08 -5.32 0.88
N ALA A 36 -9.18 -4.72 1.60
CA ALA A 36 -7.76 -4.71 1.18
C ALA A 36 -7.12 -6.08 1.32
N ALA A 37 -5.84 -6.12 1.29
CA ALA A 37 -5.12 -7.41 1.41
C ALA A 37 -4.03 -7.28 2.48
N THR A 38 -3.92 -8.26 3.32
CA THR A 38 -2.91 -8.19 4.42
C THR A 38 -2.03 -9.46 4.44
N ALA A 39 -0.73 -9.27 4.48
CA ALA A 39 0.28 -10.39 4.49
C ALA A 39 0.99 -10.41 3.15
N SER A 40 2.06 -11.12 3.02
CA SER A 40 2.74 -11.11 1.72
C SER A 40 2.60 -12.44 0.99
N ARG A 41 2.04 -12.38 -0.18
CA ARG A 41 1.84 -13.60 -0.99
C ARG A 41 2.39 -13.36 -2.40
N MET A 42 3.21 -14.23 -2.88
CA MET A 42 3.80 -14.03 -4.24
C MET A 42 2.73 -14.01 -5.33
N GLN A 43 1.66 -14.74 -5.16
CA GLN A 43 0.60 -14.74 -6.21
C GLN A 43 -0.20 -13.43 -6.16
N GLU A 44 -0.73 -13.09 -5.01
CA GLU A 44 -1.51 -11.83 -4.91
C GLU A 44 -0.63 -10.64 -5.28
N ALA A 45 0.55 -10.57 -4.73
CA ALA A 45 1.47 -9.43 -5.08
C ALA A 45 1.42 -9.19 -6.58
N LEU A 46 1.77 -10.18 -7.35
CA LEU A 46 1.71 -10.03 -8.83
C LEU A 46 0.35 -9.45 -9.21
N ASP A 47 -0.69 -9.94 -8.59
CA ASP A 47 -2.06 -9.44 -8.89
C ASP A 47 -2.18 -7.94 -8.59
N ILE A 48 -1.78 -7.51 -7.43
CA ILE A 48 -1.90 -6.05 -7.11
C ILE A 48 -1.11 -5.24 -8.14
N ALA A 49 -0.14 -5.86 -8.76
CA ALA A 49 0.67 -5.14 -9.78
C ALA A 49 -0.03 -5.18 -11.14
N ARG A 50 -0.57 -6.32 -11.50
CA ARG A 50 -1.28 -6.43 -12.80
C ARG A 50 -2.76 -6.06 -12.64
N LYS A 51 -3.22 -5.99 -11.43
CA LYS A 51 -4.66 -5.64 -11.19
C LYS A 51 -4.93 -4.20 -11.63
N GLY A 52 -4.14 -3.27 -11.17
CA GLY A 52 -4.34 -1.85 -11.55
C GLY A 52 -5.60 -1.30 -10.86
N GLN A 53 -6.72 -1.96 -11.02
CA GLN A 53 -7.97 -1.44 -10.37
C GLN A 53 -7.69 -1.04 -8.92
N PHE A 54 -7.04 -1.88 -8.16
CA PHE A 54 -6.74 -1.51 -6.74
C PHE A 54 -6.18 -0.08 -6.70
N ASP A 55 -6.26 0.58 -5.58
CA ASP A 55 -5.76 1.98 -5.52
C ASP A 55 -4.37 2.07 -4.88
N ILE A 56 -3.90 1.03 -4.23
CA ILE A 56 -2.55 1.14 -3.60
C ILE A 56 -1.88 -0.23 -3.45
N ALA A 57 -0.61 -0.23 -3.14
CA ALA A 57 0.12 -1.52 -2.99
C ALA A 57 1.18 -1.44 -1.89
N ILE A 58 0.95 -2.06 -0.78
CA ILE A 58 1.98 -2.01 0.29
C ILE A 58 2.66 -3.37 0.39
N ILE A 59 3.94 -3.37 0.26
CA ILE A 59 4.71 -4.64 0.32
C ILE A 59 6.08 -4.35 0.96
N ASP A 60 6.08 -4.13 2.25
CA ASP A 60 7.34 -3.80 2.97
C ASP A 60 8.47 -4.78 2.66
N VAL A 61 9.69 -4.31 2.66
CA VAL A 61 10.85 -5.19 2.38
C VAL A 61 11.85 -5.13 3.54
N ASN A 62 11.43 -4.62 4.66
CA ASN A 62 12.33 -4.54 5.84
C ASN A 62 11.55 -4.79 7.13
N LEU A 63 10.29 -5.09 7.04
CA LEU A 63 9.48 -5.34 8.25
C LEU A 63 9.18 -6.83 8.36
N ASP A 64 9.49 -7.41 9.49
CA ASP A 64 9.23 -8.86 9.70
C ASP A 64 10.20 -9.74 8.89
N GLY A 65 10.96 -9.20 7.96
CA GLY A 65 11.91 -10.09 7.23
C GLY A 65 11.92 -9.81 5.72
N GLU A 66 11.72 -8.59 5.34
CA GLU A 66 11.75 -8.26 3.89
C GLU A 66 10.95 -9.26 3.05
N PRO A 67 9.68 -9.27 3.29
CA PRO A 67 8.77 -10.16 2.53
C PRO A 67 8.29 -9.44 1.26
N SER A 68 9.03 -8.46 0.81
CA SER A 68 8.61 -7.70 -0.42
C SER A 68 9.11 -8.39 -1.69
N TYR A 69 9.81 -9.49 -1.55
CA TYR A 69 10.36 -10.21 -2.74
C TYR A 69 11.01 -9.23 -3.73
N PRO A 70 11.59 -9.78 -4.75
CA PRO A 70 12.24 -8.95 -5.78
C PRO A 70 11.21 -8.12 -6.53
N VAL A 71 9.94 -8.33 -6.27
CA VAL A 71 8.92 -7.52 -6.98
C VAL A 71 8.81 -6.14 -6.30
N ALA A 72 8.24 -6.06 -5.12
CA ALA A 72 8.17 -4.73 -4.42
C ALA A 72 9.44 -3.98 -4.73
N ASP A 73 10.51 -4.71 -4.82
CA ASP A 73 11.81 -4.10 -5.16
C ASP A 73 11.74 -3.56 -6.60
N ILE A 74 11.44 -4.44 -7.50
CA ILE A 74 11.31 -4.03 -8.93
C ILE A 74 10.17 -3.02 -9.03
N LEU A 75 9.12 -3.26 -8.31
CA LEU A 75 7.99 -2.31 -8.31
C LEU A 75 8.56 -0.92 -8.11
N ALA A 76 9.34 -0.74 -7.09
CA ALA A 76 9.97 0.59 -6.85
C ALA A 76 10.60 1.09 -8.17
N GLU A 77 11.12 0.20 -8.95
CA GLU A 77 11.73 0.64 -10.24
C GLU A 77 10.65 1.07 -11.24
N ARG A 78 9.63 0.28 -11.45
CA ARG A 78 8.57 0.68 -12.42
C ARG A 78 7.43 1.43 -11.72
N ASN A 79 6.93 0.91 -10.63
CA ASN A 79 5.83 1.57 -9.85
C ASN A 79 4.67 2.08 -10.73
N VAL A 80 3.50 2.08 -10.17
CA VAL A 80 2.29 2.57 -10.90
C VAL A 80 1.46 3.43 -9.92
N PRO A 81 0.18 3.60 -10.16
CA PRO A 81 -0.64 4.40 -9.23
C PRO A 81 -0.91 3.58 -7.96
N PHE A 82 -0.48 4.07 -6.82
CA PHE A 82 -0.66 3.31 -5.56
C PHE A 82 0.11 3.99 -4.40
N ILE A 83 0.85 3.20 -3.65
CA ILE A 83 1.65 3.73 -2.52
C ILE A 83 2.57 2.62 -2.03
N PHE A 84 3.68 2.96 -1.41
CA PHE A 84 4.58 1.86 -0.93
C PHE A 84 5.48 2.29 0.23
N ALA A 85 6.11 1.34 0.84
CA ALA A 85 7.02 1.65 1.95
C ALA A 85 8.15 0.62 2.00
N THR A 86 9.31 0.99 2.49
CA THR A 86 10.43 0.00 2.55
C THR A 86 11.64 0.60 3.26
N GLY A 87 11.93 0.12 4.44
CA GLY A 87 13.11 0.61 5.21
C GLY A 87 13.42 2.09 4.91
N TYR A 88 14.20 2.36 3.91
CA TYR A 88 14.57 3.77 3.60
C TYR A 88 13.33 4.62 3.25
N GLY A 89 12.29 4.03 2.74
CA GLY A 89 11.08 4.86 2.40
C GLY A 89 11.02 5.04 0.88
N SER A 90 10.79 3.97 0.17
CA SER A 90 10.69 4.02 -1.32
C SER A 90 11.62 5.08 -1.92
N LYS A 91 12.74 4.67 -2.48
CA LYS A 91 13.68 5.64 -3.10
C LYS A 91 12.91 6.74 -3.84
N GLY A 92 12.60 6.53 -5.09
CA GLY A 92 11.86 7.57 -5.86
C GLY A 92 10.73 6.90 -6.64
N LEU A 93 10.05 5.96 -6.03
CA LEU A 93 8.94 5.27 -6.75
C LEU A 93 8.06 6.29 -7.48
N ASP A 94 7.49 5.92 -8.58
CA ASP A 94 6.62 6.87 -9.35
C ASP A 94 5.15 6.47 -9.22
N THR A 95 4.25 7.40 -9.33
CA THR A 95 2.79 7.05 -9.20
C THR A 95 1.91 8.29 -9.30
N ARG A 96 0.65 8.10 -9.60
CA ARG A 96 -0.28 9.27 -9.69
C ARG A 96 -0.31 9.99 -8.34
N TYR A 97 0.17 9.34 -7.33
CA TYR A 97 0.15 9.96 -5.98
C TYR A 97 1.20 11.07 -5.86
N SER A 98 2.24 11.01 -6.66
CA SER A 98 3.33 12.05 -6.66
C SER A 98 4.44 11.66 -5.70
N ASN A 99 4.55 10.40 -5.35
CA ASN A 99 5.64 9.98 -4.43
C ASN A 99 5.59 10.81 -3.16
N ILE A 100 5.12 10.25 -2.09
CA ILE A 100 5.02 11.06 -0.84
C ILE A 100 4.89 10.17 0.41
N PRO A 101 3.84 9.40 0.51
CA PRO A 101 3.63 8.54 1.71
C PRO A 101 4.59 7.34 1.72
N LEU A 102 5.84 7.55 1.44
CA LEU A 102 6.76 6.40 1.48
C LEU A 102 7.25 6.21 2.90
N LEU A 103 7.09 5.03 3.45
CA LEU A 103 7.54 4.84 4.87
C LEU A 103 7.87 3.37 5.17
N THR A 104 7.79 3.00 6.42
CA THR A 104 8.11 1.61 6.84
C THR A 104 7.93 1.49 8.36
N LYS A 105 6.87 2.04 8.88
CA LYS A 105 6.63 1.97 10.36
C LYS A 105 5.19 1.50 10.63
N PRO A 106 4.85 1.41 11.90
CA PRO A 106 3.49 0.96 12.29
C PRO A 106 2.43 2.01 11.93
N PHE A 107 1.30 2.02 12.60
CA PHE A 107 0.25 3.04 12.27
C PHE A 107 0.43 4.29 13.13
N LEU A 108 -0.62 5.05 13.32
CA LEU A 108 -0.50 6.28 14.16
C LEU A 108 0.34 7.34 13.42
N ASP A 109 1.40 7.86 14.02
CA ASP A 109 2.24 8.86 13.30
C ASP A 109 2.46 8.44 11.85
N SER A 110 2.30 7.19 11.55
CA SER A 110 2.49 6.71 10.16
C SER A 110 1.23 6.89 9.32
N GLU A 111 0.13 6.36 9.78
CA GLU A 111 -1.15 6.47 9.02
C GLU A 111 -1.25 7.87 8.42
N LEU A 112 -0.93 8.87 9.20
CA LEU A 112 -1.00 10.26 8.65
C LEU A 112 -0.14 10.34 7.39
N GLU A 113 1.14 10.10 7.53
CA GLU A 113 2.03 10.17 6.35
C GLU A 113 1.35 9.51 5.15
N ALA A 114 1.12 8.24 5.24
CA ALA A 114 0.51 7.50 4.11
C ALA A 114 -0.53 8.33 3.35
N VAL A 115 -1.33 9.12 4.03
CA VAL A 115 -2.36 9.90 3.29
C VAL A 115 -2.11 11.42 3.34
N LEU A 116 -1.34 11.89 4.29
CA LEU A 116 -1.09 13.36 4.35
C LEU A 116 0.13 13.75 3.50
N VAL A 117 1.15 12.94 3.47
CA VAL A 117 2.32 13.30 2.62
C VAL A 117 1.81 13.55 1.21
N GLN A 118 0.84 12.78 0.79
CA GLN A 118 0.27 12.99 -0.56
C GLN A 118 -0.16 14.44 -0.75
N ILE A 119 -0.24 15.18 0.32
CA ILE A 119 -0.67 16.60 0.21
C ILE A 119 0.47 17.58 0.57
N SER A 120 1.71 17.23 0.31
CA SER A 120 2.81 18.18 0.63
C SER A 120 3.32 18.87 -0.62
N LYS A 121 2.48 19.54 -1.33
CA LYS A 121 2.97 20.22 -2.56
C LYS A 121 3.14 21.70 -2.29
N GLU A 122 2.57 22.18 -1.22
CA GLU A 122 2.67 23.62 -0.88
C GLU A 122 1.82 23.90 0.37
N VAL A 123 1.71 22.93 1.24
CA VAL A 123 0.89 23.12 2.48
C VAL A 123 1.12 24.52 3.07
N GLY A 1 -26.93 -2.68 -1.54
CA GLY A 1 -25.55 -2.22 -1.23
C GLY A 1 -24.90 -1.67 -2.50
N SER A 2 -24.98 -0.38 -2.70
CA SER A 2 -24.38 0.23 -3.92
C SER A 2 -24.68 1.73 -3.96
N HIS A 3 -25.93 2.09 -4.06
CA HIS A 3 -26.29 3.53 -4.11
C HIS A 3 -25.86 4.24 -2.82
N MET A 4 -25.98 3.57 -1.71
CA MET A 4 -25.57 4.19 -0.42
C MET A 4 -24.21 4.88 -0.55
N THR A 5 -23.24 4.20 -1.12
CA THR A 5 -21.90 4.82 -1.28
C THR A 5 -21.39 4.65 -2.72
N GLU A 6 -20.43 5.42 -3.11
CA GLU A 6 -19.89 5.30 -4.49
C GLU A 6 -18.41 5.69 -4.51
N ARG A 7 -17.71 5.42 -3.44
CA ARG A 7 -16.26 5.77 -3.39
C ARG A 7 -15.48 4.70 -2.61
N ARG A 8 -15.56 3.46 -3.05
CA ARG A 8 -14.83 2.37 -2.34
C ARG A 8 -13.54 2.03 -3.08
N LEU A 9 -12.42 2.23 -2.44
CA LEU A 9 -11.13 1.91 -3.10
C LEU A 9 -10.56 0.62 -2.50
N ARG A 10 -9.51 0.08 -3.08
CA ARG A 10 -8.94 -1.17 -2.52
C ARG A 10 -7.48 -0.97 -2.12
N VAL A 11 -7.21 -1.01 -0.84
CA VAL A 11 -5.81 -0.82 -0.37
C VAL A 11 -5.09 -2.18 -0.33
N LEU A 12 -4.43 -2.54 -1.39
CA LEU A 12 -3.72 -3.85 -1.39
C LEU A 12 -2.52 -3.75 -0.45
N VAL A 13 -2.64 -4.24 0.75
CA VAL A 13 -1.49 -4.14 1.68
C VAL A 13 -1.05 -5.52 2.18
N VAL A 14 0.15 -5.92 1.85
CA VAL A 14 0.62 -7.27 2.28
C VAL A 14 2.03 -7.20 2.88
N GLU A 15 2.30 -8.04 3.85
CA GLU A 15 3.66 -8.07 4.50
C GLU A 15 3.87 -9.38 5.26
N ASP A 16 3.14 -9.55 6.34
CA ASP A 16 3.27 -10.78 7.15
C ASP A 16 1.91 -11.17 7.72
N GLU A 17 1.41 -12.27 7.28
CA GLU A 17 0.08 -12.81 7.72
C GLU A 17 -0.42 -12.21 9.06
N SER A 18 0.41 -12.06 10.03
CA SER A 18 -0.09 -11.54 11.33
C SER A 18 0.16 -10.03 11.50
N MET A 19 1.23 -9.50 10.99
CA MET A 19 1.51 -8.05 11.17
C MET A 19 0.60 -7.18 10.29
N ILE A 20 0.54 -7.47 9.03
CA ILE A 20 -0.32 -6.67 8.09
C ILE A 20 -1.79 -7.02 8.26
N ALA A 21 -2.07 -8.02 9.04
CA ALA A 21 -3.49 -8.42 9.24
C ALA A 21 -4.28 -7.28 9.88
N MET A 22 -4.35 -7.24 11.18
CA MET A 22 -5.10 -6.14 11.83
C MET A 22 -4.67 -4.80 11.22
N LEU A 23 -3.49 -4.77 10.67
CA LEU A 23 -2.97 -3.52 10.05
C LEU A 23 -3.88 -3.02 8.92
N ILE A 24 -4.69 -3.88 8.37
CA ILE A 24 -5.57 -3.44 7.25
C ILE A 24 -7.03 -3.36 7.70
N GLU A 25 -7.51 -4.37 8.38
CA GLU A 25 -8.93 -4.33 8.84
C GLU A 25 -9.15 -3.11 9.74
N ASP A 26 -8.13 -2.66 10.39
CA ASP A 26 -8.27 -1.47 11.28
C ASP A 26 -8.14 -0.19 10.45
N THR A 27 -7.14 -0.12 9.60
CA THR A 27 -6.96 1.09 8.76
C THR A 27 -8.24 1.36 7.97
N LEU A 28 -8.76 0.36 7.32
CA LEU A 28 -10.01 0.54 6.53
C LEU A 28 -11.15 0.98 7.47
N CYS A 29 -11.22 0.40 8.62
CA CYS A 29 -12.29 0.77 9.59
C CYS A 29 -12.38 2.30 9.70
N GLU A 30 -11.27 2.98 9.57
CA GLU A 30 -11.28 4.46 9.67
C GLU A 30 -11.35 5.11 8.29
N LEU A 31 -11.02 4.37 7.25
CA LEU A 31 -11.07 4.97 5.88
C LEU A 31 -12.42 4.66 5.21
N GLY A 32 -12.78 3.42 5.09
CA GLY A 32 -14.09 3.09 4.44
C GLY A 32 -13.85 2.28 3.17
N HIS A 33 -12.62 1.96 2.87
CA HIS A 33 -12.32 1.16 1.65
C HIS A 33 -13.15 -0.14 1.65
N GLU A 34 -12.82 -1.06 0.81
CA GLU A 34 -13.60 -2.34 0.77
C GLU A 34 -12.64 -3.54 0.83
N VAL A 35 -11.80 -3.60 1.82
CA VAL A 35 -10.86 -4.74 1.93
C VAL A 35 -9.98 -4.81 0.68
N ALA A 36 -8.78 -5.31 0.81
CA ALA A 36 -7.89 -5.38 -0.39
C ALA A 36 -6.91 -6.56 -0.26
N ALA A 37 -5.73 -6.32 0.26
CA ALA A 37 -4.76 -7.44 0.39
C ALA A 37 -4.32 -7.60 1.84
N THR A 38 -4.25 -8.81 2.32
CA THR A 38 -3.82 -9.04 3.71
C THR A 38 -2.67 -10.06 3.74
N ALA A 39 -1.78 -9.93 4.67
CA ALA A 39 -0.63 -10.88 4.73
C ALA A 39 0.20 -10.73 3.46
N SER A 40 1.21 -11.51 3.26
CA SER A 40 2.00 -11.37 2.01
C SER A 40 1.80 -12.60 1.13
N ARG A 41 1.24 -12.38 -0.03
CA ARG A 41 0.98 -13.51 -0.96
C ARG A 41 1.54 -13.21 -2.35
N MET A 42 2.02 -14.22 -3.03
CA MET A 42 2.57 -14.00 -4.39
C MET A 42 1.44 -14.00 -5.41
N GLN A 43 0.40 -14.75 -5.16
CA GLN A 43 -0.74 -14.77 -6.13
C GLN A 43 -1.50 -13.44 -6.07
N GLU A 44 -1.85 -12.99 -4.90
CA GLU A 44 -2.57 -11.69 -4.79
C GLU A 44 -1.68 -10.56 -5.30
N ALA A 45 -0.48 -10.47 -4.80
CA ALA A 45 0.43 -9.39 -5.28
C ALA A 45 0.48 -9.41 -6.80
N LEU A 46 0.63 -10.56 -7.38
CA LEU A 46 0.65 -10.66 -8.87
C LEU A 46 -0.54 -9.88 -9.43
N ASP A 47 -1.64 -9.95 -8.74
CA ASP A 47 -2.86 -9.23 -9.21
C ASP A 47 -2.61 -7.73 -9.24
N ILE A 48 -2.16 -7.16 -8.15
CA ILE A 48 -1.89 -5.69 -8.15
C ILE A 48 -0.61 -5.44 -8.96
N ALA A 49 0.20 -6.45 -9.12
CA ALA A 49 1.45 -6.27 -9.91
C ALA A 49 1.10 -6.20 -11.40
N ARG A 50 0.03 -6.83 -11.79
CA ARG A 50 -0.38 -6.81 -13.21
C ARG A 50 -1.62 -5.92 -13.38
N LYS A 51 -2.37 -5.73 -12.34
CA LYS A 51 -3.59 -4.87 -12.44
C LYS A 51 -3.21 -3.45 -12.87
N GLY A 52 -2.27 -2.85 -12.18
CA GLY A 52 -1.83 -1.48 -12.54
C GLY A 52 -3.01 -0.51 -12.51
N GLN A 53 -4.11 -0.88 -11.89
CA GLN A 53 -5.28 0.05 -11.83
C GLN A 53 -5.95 -0.02 -10.45
N PHE A 54 -5.29 -0.60 -9.50
CA PHE A 54 -5.86 -0.71 -8.13
C PHE A 54 -5.62 0.60 -7.38
N ASP A 55 -6.03 0.68 -6.14
CA ASP A 55 -5.82 1.96 -5.39
C ASP A 55 -4.39 2.06 -4.88
N ILE A 56 -3.95 1.10 -4.10
CA ILE A 56 -2.55 1.17 -3.56
C ILE A 56 -1.90 -0.22 -3.49
N ALA A 57 -0.64 -0.29 -3.11
CA ALA A 57 0.04 -1.60 -3.04
C ALA A 57 1.17 -1.60 -1.99
N ILE A 58 0.95 -2.20 -0.86
CA ILE A 58 2.03 -2.23 0.16
C ILE A 58 2.57 -3.67 0.27
N ILE A 59 3.84 -3.82 0.09
CA ILE A 59 4.47 -5.17 0.16
C ILE A 59 5.84 -5.05 0.81
N ASP A 60 5.87 -4.93 2.11
CA ASP A 60 7.17 -4.77 2.84
C ASP A 60 8.29 -5.61 2.20
N VAL A 61 9.48 -5.07 2.16
CA VAL A 61 10.62 -5.83 1.57
C VAL A 61 11.63 -6.18 2.66
N ASN A 62 11.26 -6.04 3.91
CA ASN A 62 12.22 -6.36 5.00
C ASN A 62 11.50 -6.47 6.35
N LEU A 63 10.24 -6.76 6.34
CA LEU A 63 9.51 -6.86 7.64
C LEU A 63 9.14 -8.31 7.93
N ASP A 64 9.48 -8.79 9.10
CA ASP A 64 9.15 -10.19 9.49
C ASP A 64 9.79 -11.20 8.53
N GLY A 65 10.63 -10.79 7.62
CA GLY A 65 11.25 -11.79 6.70
C GLY A 65 11.91 -11.10 5.51
N GLU A 66 11.21 -10.20 4.88
CA GLU A 66 11.73 -9.47 3.68
C GLU A 66 11.38 -10.21 2.37
N PRO A 67 10.23 -10.84 2.34
CA PRO A 67 9.81 -11.55 1.12
C PRO A 67 9.43 -10.54 0.04
N SER A 68 8.24 -10.02 0.12
CA SER A 68 7.79 -9.00 -0.89
C SER A 68 8.02 -9.50 -2.34
N TYR A 69 8.41 -10.74 -2.52
CA TYR A 69 8.66 -11.27 -3.89
C TYR A 69 9.49 -10.30 -4.74
N PRO A 70 9.88 -10.80 -5.88
CA PRO A 70 10.69 -10.01 -6.82
C PRO A 70 9.83 -8.91 -7.46
N VAL A 71 8.57 -8.84 -7.10
CA VAL A 71 7.72 -7.78 -7.70
C VAL A 71 7.78 -6.55 -6.80
N ALA A 72 7.34 -6.64 -5.57
CA ALA A 72 7.45 -5.46 -4.65
C ALA A 72 8.79 -4.81 -4.90
N ASP A 73 9.78 -5.64 -5.12
CA ASP A 73 11.12 -5.11 -5.42
C ASP A 73 11.05 -4.26 -6.68
N ILE A 74 10.54 -4.84 -7.72
CA ILE A 74 10.40 -4.11 -9.00
C ILE A 74 9.35 -3.02 -8.86
N LEU A 75 8.25 -3.34 -8.24
CA LEU A 75 7.19 -2.31 -8.04
C LEU A 75 7.85 -1.04 -7.52
N ALA A 76 8.97 -1.18 -6.87
CA ALA A 76 9.68 0.01 -6.34
C ALA A 76 10.52 0.66 -7.44
N GLU A 77 11.11 -0.14 -8.30
CA GLU A 77 11.95 0.43 -9.39
C GLU A 77 11.10 1.06 -10.50
N ARG A 78 9.83 0.74 -10.56
CA ARG A 78 8.97 1.32 -11.62
C ARG A 78 7.54 1.49 -11.11
N ASN A 79 7.38 1.52 -9.82
CA ASN A 79 6.02 1.66 -9.22
C ASN A 79 5.10 2.55 -10.07
N VAL A 80 3.82 2.35 -9.93
CA VAL A 80 2.82 3.15 -10.69
C VAL A 80 1.92 3.87 -9.66
N PRO A 81 0.72 4.30 -10.01
CA PRO A 81 -0.12 4.98 -8.97
C PRO A 81 -0.40 4.00 -7.84
N PHE A 82 0.08 4.30 -6.66
CA PHE A 82 -0.08 3.38 -5.51
C PHE A 82 0.62 3.94 -4.26
N ILE A 83 1.17 3.07 -3.47
CA ILE A 83 1.94 3.48 -2.27
C ILE A 83 2.65 2.23 -1.74
N PHE A 84 3.79 2.38 -1.13
CA PHE A 84 4.52 1.17 -0.64
C PHE A 84 5.32 1.47 0.61
N ALA A 85 5.75 0.44 1.29
CA ALA A 85 6.56 0.65 2.50
C ALA A 85 7.57 -0.48 2.63
N THR A 86 8.63 -0.27 3.36
CA THR A 86 9.65 -1.34 3.53
C THR A 86 10.47 -1.11 4.80
N GLY A 87 11.35 -2.02 5.14
CA GLY A 87 12.18 -1.84 6.37
C GLY A 87 12.68 -0.39 6.42
N TYR A 88 12.90 0.21 5.28
CA TYR A 88 13.38 1.62 5.25
C TYR A 88 12.19 2.56 5.18
N GLY A 89 11.39 2.44 4.15
CA GLY A 89 10.22 3.33 3.99
C GLY A 89 10.33 4.07 2.66
N SER A 90 11.30 3.70 1.85
CA SER A 90 11.46 4.37 0.53
C SER A 90 12.68 3.83 -0.22
N LYS A 91 13.21 4.62 -1.11
CA LYS A 91 14.42 4.24 -1.94
C LYS A 91 14.25 4.85 -3.34
N GLY A 92 13.03 5.13 -3.70
CA GLY A 92 12.75 5.71 -5.04
C GLY A 92 11.25 5.60 -5.33
N LEU A 93 10.44 5.82 -4.34
CA LEU A 93 8.96 5.73 -4.54
C LEU A 93 8.51 6.65 -5.68
N ASP A 94 8.44 6.15 -6.87
CA ASP A 94 7.98 7.01 -8.01
C ASP A 94 6.59 6.58 -8.46
N THR A 95 5.69 7.50 -8.65
CA THR A 95 4.32 7.12 -9.07
C THR A 95 3.45 8.37 -9.25
N ARG A 96 2.19 8.19 -9.53
CA ARG A 96 1.30 9.36 -9.68
C ARG A 96 1.05 9.99 -8.30
N TYR A 97 1.57 9.37 -7.27
CA TYR A 97 1.38 9.90 -5.90
C TYR A 97 2.47 10.93 -5.57
N SER A 98 3.66 10.76 -6.12
CA SER A 98 4.78 11.72 -5.87
C SER A 98 5.53 11.39 -4.59
N ASN A 99 5.86 10.14 -4.38
CA ASN A 99 6.62 9.74 -3.15
C ASN A 99 5.83 10.04 -1.88
N ILE A 100 5.48 11.29 -1.70
CA ILE A 100 4.69 11.76 -0.50
C ILE A 100 4.50 10.66 0.58
N PRO A 101 3.28 10.19 0.87
CA PRO A 101 3.18 9.15 1.95
C PRO A 101 3.96 7.88 1.64
N LEU A 102 4.64 7.41 2.63
CA LEU A 102 5.42 6.15 2.51
C LEU A 102 5.54 5.56 3.91
N LEU A 103 5.85 4.30 4.07
CA LEU A 103 5.93 3.81 5.47
C LEU A 103 6.58 2.43 5.61
N THR A 104 6.27 1.77 6.69
CA THR A 104 6.83 0.42 6.99
C THR A 104 6.18 -0.08 8.29
N LYS A 105 5.88 0.82 9.19
CA LYS A 105 5.23 0.42 10.47
C LYS A 105 3.71 0.63 10.35
N PRO A 106 2.99 0.18 11.33
CA PRO A 106 1.51 0.30 11.32
C PRO A 106 1.03 1.68 11.78
N PHE A 107 0.15 2.30 11.02
CA PHE A 107 -0.42 3.64 11.41
C PHE A 107 0.67 4.70 11.58
N LEU A 108 0.35 5.75 12.33
CA LEU A 108 1.31 6.87 12.60
C LEU A 108 1.26 7.95 11.50
N ASP A 109 2.22 8.85 11.53
CA ASP A 109 2.26 9.93 10.51
C ASP A 109 2.08 9.35 9.12
N SER A 110 2.37 8.09 8.97
CA SER A 110 2.20 7.42 7.65
C SER A 110 0.75 7.53 7.17
N GLU A 111 -0.15 6.88 7.86
CA GLU A 111 -1.58 6.91 7.46
C GLU A 111 -2.02 8.34 7.16
N LEU A 112 -1.80 9.24 8.08
CA LEU A 112 -2.23 10.64 7.79
C LEU A 112 -1.53 11.15 6.53
N GLU A 113 -0.24 11.02 6.45
CA GLU A 113 0.46 11.47 5.23
C GLU A 113 -0.15 10.75 4.04
N ALA A 114 -0.40 9.48 4.22
CA ALA A 114 -0.97 8.65 3.13
C ALA A 114 -2.22 9.27 2.53
N VAL A 115 -2.86 10.17 3.20
CA VAL A 115 -4.10 10.74 2.58
C VAL A 115 -3.96 12.24 2.24
N LEU A 116 -3.38 13.03 3.09
CA LEU A 116 -3.27 14.50 2.78
C LEU A 116 -1.98 14.84 2.03
N VAL A 117 -1.07 13.91 1.89
CA VAL A 117 0.19 14.23 1.14
C VAL A 117 0.16 13.61 -0.25
N GLN A 118 -0.76 12.74 -0.53
CA GLN A 118 -0.81 12.12 -1.89
C GLN A 118 -1.18 13.17 -2.94
N ILE A 119 -1.49 14.36 -2.51
CA ILE A 119 -1.86 15.42 -3.48
C ILE A 119 -1.12 16.72 -3.14
N SER A 120 -0.31 16.71 -2.12
CA SER A 120 0.44 17.95 -1.73
C SER A 120 1.02 18.63 -2.98
N LYS A 121 1.66 17.89 -3.85
CA LYS A 121 2.25 18.48 -5.08
C LYS A 121 3.56 19.18 -4.73
N GLU A 122 3.54 20.07 -3.78
CA GLU A 122 4.79 20.76 -3.37
C GLU A 122 5.88 19.70 -3.23
N VAL A 123 5.47 18.51 -2.89
CA VAL A 123 6.43 17.39 -2.75
C VAL A 123 5.75 16.20 -2.07
N GLY A 1 -15.72 -9.66 -8.68
CA GLY A 1 -15.27 -8.31 -9.13
C GLY A 1 -16.32 -7.26 -8.75
N SER A 2 -17.49 -7.37 -9.31
CA SER A 2 -18.57 -6.39 -8.98
C SER A 2 -19.20 -6.72 -7.62
N HIS A 3 -20.32 -6.12 -7.32
CA HIS A 3 -20.99 -6.40 -6.01
C HIS A 3 -20.11 -5.93 -4.85
N MET A 4 -20.56 -6.16 -3.64
CA MET A 4 -19.78 -5.73 -2.43
C MET A 4 -18.99 -4.45 -2.70
N THR A 5 -19.60 -3.47 -3.31
CA THR A 5 -18.88 -2.19 -3.59
C THR A 5 -19.72 -1.01 -3.12
N GLU A 6 -19.11 0.11 -2.89
CA GLU A 6 -19.88 1.30 -2.44
C GLU A 6 -18.95 2.52 -2.34
N ARG A 7 -18.32 2.90 -3.41
CA ARG A 7 -17.41 4.08 -3.38
C ARG A 7 -16.32 3.86 -2.33
N ARG A 8 -15.79 2.69 -2.25
CA ARG A 8 -14.73 2.42 -1.26
C ARG A 8 -13.37 2.32 -1.96
N LEU A 9 -12.43 3.11 -1.54
CA LEU A 9 -11.10 3.07 -2.18
C LEU A 9 -10.47 1.71 -1.91
N ARG A 10 -9.40 1.38 -2.57
CA ARG A 10 -8.81 0.05 -2.30
C ARG A 10 -7.32 0.18 -1.97
N VAL A 11 -6.91 -0.39 -0.87
CA VAL A 11 -5.48 -0.31 -0.47
C VAL A 11 -4.85 -1.70 -0.48
N LEU A 12 -4.24 -2.09 -1.58
CA LEU A 12 -3.60 -3.44 -1.62
C LEU A 12 -2.39 -3.45 -0.68
N VAL A 13 -2.61 -3.70 0.58
CA VAL A 13 -1.46 -3.72 1.54
C VAL A 13 -1.01 -5.15 1.74
N VAL A 14 0.24 -5.36 2.02
CA VAL A 14 0.72 -6.74 2.18
C VAL A 14 2.05 -6.79 2.96
N GLU A 15 2.16 -7.74 3.85
CA GLU A 15 3.40 -7.89 4.66
C GLU A 15 3.41 -9.30 5.26
N ASP A 16 4.57 -9.88 5.41
CA ASP A 16 4.65 -11.26 5.97
C ASP A 16 4.15 -11.31 7.41
N GLU A 17 2.94 -10.89 7.68
CA GLU A 17 2.46 -10.94 9.09
C GLU A 17 1.03 -10.41 9.23
N SER A 18 0.51 -10.44 10.43
CA SER A 18 -0.87 -9.94 10.67
C SER A 18 -0.83 -8.44 10.97
N MET A 19 0.34 -7.91 11.24
CA MET A 19 0.44 -6.44 11.52
C MET A 19 -0.26 -5.68 10.40
N ILE A 20 -0.40 -6.31 9.27
CA ILE A 20 -1.07 -5.66 8.10
C ILE A 20 -2.55 -6.05 8.07
N ALA A 21 -2.94 -7.01 8.86
CA ALA A 21 -4.37 -7.44 8.86
C ALA A 21 -5.18 -6.57 9.83
N MET A 22 -5.18 -6.91 11.09
CA MET A 22 -5.94 -6.08 12.07
C MET A 22 -5.69 -4.60 11.79
N LEU A 23 -4.58 -4.28 11.18
CA LEU A 23 -4.27 -2.86 10.87
C LEU A 23 -4.98 -2.39 9.60
N ILE A 24 -5.44 -3.30 8.78
CA ILE A 24 -6.12 -2.88 7.52
C ILE A 24 -7.64 -2.94 7.69
N GLU A 25 -8.15 -3.91 8.40
CA GLU A 25 -9.62 -4.00 8.60
C GLU A 25 -10.07 -2.94 9.60
N ASP A 26 -9.18 -2.45 10.41
CA ASP A 26 -9.55 -1.40 11.40
C ASP A 26 -9.44 -0.02 10.73
N THR A 27 -8.42 0.18 9.94
CA THR A 27 -8.26 1.49 9.25
C THR A 27 -9.51 1.77 8.41
N LEU A 28 -9.93 0.81 7.64
CA LEU A 28 -11.15 1.01 6.81
C LEU A 28 -12.35 1.26 7.74
N CYS A 29 -12.42 0.53 8.83
CA CYS A 29 -13.54 0.73 9.78
C CYS A 29 -13.59 2.20 10.21
N GLU A 30 -12.45 2.82 10.27
CA GLU A 30 -12.40 4.25 10.70
C GLU A 30 -12.35 5.18 9.49
N LEU A 31 -11.90 4.68 8.36
CA LEU A 31 -11.81 5.55 7.15
C LEU A 31 -12.99 5.32 6.20
N GLY A 32 -13.18 4.10 5.75
CA GLY A 32 -14.32 3.84 4.82
C GLY A 32 -13.85 3.01 3.62
N HIS A 33 -12.57 2.73 3.54
CA HIS A 33 -12.05 1.92 2.39
C HIS A 33 -12.82 0.60 2.29
N GLU A 34 -12.29 -0.35 1.58
CA GLU A 34 -13.01 -1.64 1.44
C GLU A 34 -12.08 -2.80 1.84
N VAL A 35 -11.93 -3.78 0.99
CA VAL A 35 -11.04 -4.93 1.32
C VAL A 35 -10.01 -5.10 0.21
N ALA A 36 -8.79 -4.70 0.45
CA ALA A 36 -7.76 -4.81 -0.61
C ALA A 36 -6.80 -5.98 -0.34
N ALA A 37 -5.63 -5.71 0.18
CA ALA A 37 -4.67 -6.82 0.45
C ALA A 37 -4.23 -6.79 1.90
N THR A 38 -4.07 -7.95 2.50
CA THR A 38 -3.64 -8.01 3.92
C THR A 38 -2.72 -9.21 4.11
N ALA A 39 -1.46 -8.95 4.43
CA ALA A 39 -0.44 -10.04 4.61
C ALA A 39 0.30 -10.18 3.29
N SER A 40 1.40 -10.86 3.25
CA SER A 40 2.12 -10.93 1.96
C SER A 40 1.85 -12.25 1.22
N ARG A 41 1.40 -12.12 -0.01
CA ARG A 41 1.10 -13.31 -0.84
C ARG A 41 1.51 -13.02 -2.30
N MET A 42 2.42 -13.79 -2.83
CA MET A 42 2.88 -13.57 -4.22
C MET A 42 1.70 -13.55 -5.20
N GLN A 43 0.72 -14.40 -5.00
CA GLN A 43 -0.44 -14.42 -5.93
C GLN A 43 -1.09 -13.03 -5.99
N GLU A 44 -1.56 -12.54 -4.88
CA GLU A 44 -2.20 -11.19 -4.87
C GLU A 44 -1.20 -10.14 -5.39
N ALA A 45 0.03 -10.20 -4.94
CA ALA A 45 1.03 -9.22 -5.43
C ALA A 45 0.98 -9.16 -6.95
N LEU A 46 0.88 -10.29 -7.60
CA LEU A 46 0.80 -10.31 -9.08
C LEU A 46 -0.45 -9.55 -9.54
N ASP A 47 -1.56 -9.81 -8.91
CA ASP A 47 -2.82 -9.10 -9.29
C ASP A 47 -2.62 -7.59 -9.22
N ILE A 48 -1.71 -7.15 -8.39
CA ILE A 48 -1.46 -5.68 -8.28
C ILE A 48 -0.22 -5.30 -9.10
N ALA A 49 0.59 -6.26 -9.45
CA ALA A 49 1.82 -5.95 -10.24
C ALA A 49 1.49 -5.81 -11.73
N ARG A 50 0.74 -6.73 -12.28
CA ARG A 50 0.42 -6.65 -13.73
C ARG A 50 -0.89 -5.88 -13.95
N LYS A 51 -1.58 -5.53 -12.90
CA LYS A 51 -2.85 -4.78 -13.06
C LYS A 51 -2.57 -3.28 -13.24
N GLY A 52 -1.79 -2.72 -12.36
CA GLY A 52 -1.47 -1.27 -12.47
C GLY A 52 -2.75 -0.45 -12.33
N GLN A 53 -3.81 -1.05 -11.86
CA GLN A 53 -5.09 -0.30 -11.71
C GLN A 53 -5.44 -0.14 -10.22
N PHE A 54 -5.08 -1.10 -9.42
CA PHE A 54 -5.40 -1.01 -7.96
C PHE A 54 -5.14 0.41 -7.45
N ASP A 55 -5.89 0.86 -6.49
CA ASP A 55 -5.69 2.23 -5.95
C ASP A 55 -4.28 2.41 -5.39
N ILE A 56 -3.87 1.58 -4.46
CA ILE A 56 -2.51 1.72 -3.88
C ILE A 56 -1.92 0.36 -3.50
N ALA A 57 -0.63 0.28 -3.25
CA ALA A 57 -0.03 -1.04 -2.91
C ALA A 57 0.93 -0.90 -1.72
N ILE A 58 1.16 -1.96 -1.00
CA ILE A 58 2.13 -1.90 0.13
C ILE A 58 2.71 -3.29 0.37
N ILE A 59 3.97 -3.45 0.10
CA ILE A 59 4.63 -4.77 0.28
C ILE A 59 6.00 -4.57 0.93
N ASP A 60 6.05 -4.61 2.24
CA ASP A 60 7.36 -4.40 2.95
C ASP A 60 8.51 -5.08 2.18
N VAL A 61 9.68 -4.50 2.21
CA VAL A 61 10.82 -5.11 1.49
C VAL A 61 11.99 -5.41 2.46
N ASN A 62 11.73 -5.42 3.75
CA ASN A 62 12.83 -5.72 4.70
C ASN A 62 12.30 -6.43 5.96
N LEU A 63 11.04 -6.73 6.03
CA LEU A 63 10.51 -7.41 7.23
C LEU A 63 10.46 -8.92 7.02
N ASP A 64 11.06 -9.67 7.90
CA ASP A 64 11.04 -11.15 7.76
C ASP A 64 11.65 -11.56 6.41
N GLY A 65 12.59 -10.82 5.91
CA GLY A 65 13.16 -11.19 4.58
C GLY A 65 12.04 -11.00 3.56
N GLU A 66 11.59 -9.79 3.45
CA GLU A 66 10.48 -9.45 2.53
C GLU A 66 10.44 -10.34 1.29
N PRO A 67 9.26 -10.83 1.02
CA PRO A 67 9.03 -11.63 -0.18
C PRO A 67 8.54 -10.66 -1.25
N SER A 68 9.14 -9.51 -1.31
CA SER A 68 8.71 -8.45 -2.27
C SER A 68 8.76 -8.92 -3.74
N TYR A 69 9.17 -10.14 -3.99
CA TYR A 69 9.27 -10.65 -5.40
C TYR A 69 9.84 -9.58 -6.34
N PRO A 70 9.99 -9.96 -7.58
CA PRO A 70 10.52 -9.02 -8.58
C PRO A 70 9.47 -7.97 -8.96
N VAL A 71 8.37 -7.91 -8.25
CA VAL A 71 7.35 -6.90 -8.61
C VAL A 71 7.42 -5.70 -7.66
N ALA A 72 7.12 -5.84 -6.39
CA ALA A 72 7.27 -4.67 -5.49
C ALA A 72 8.65 -4.10 -5.74
N ASP A 73 9.56 -4.99 -6.02
CA ASP A 73 10.94 -4.58 -6.33
C ASP A 73 10.91 -3.70 -7.57
N ILE A 74 10.32 -4.21 -8.61
CA ILE A 74 10.22 -3.45 -9.88
C ILE A 74 9.35 -2.21 -9.62
N LEU A 75 8.34 -2.40 -8.84
CA LEU A 75 7.45 -1.29 -8.49
C LEU A 75 8.30 -0.12 -8.01
N ALA A 76 9.50 -0.41 -7.56
CA ALA A 76 10.41 0.66 -7.10
C ALA A 76 11.29 1.12 -8.27
N GLU A 77 11.74 0.20 -9.08
CA GLU A 77 12.62 0.58 -10.22
C GLU A 77 11.86 1.49 -11.20
N ARG A 78 10.62 1.19 -11.45
CA ARG A 78 9.83 2.03 -12.40
C ARG A 78 8.75 2.80 -11.64
N ASN A 79 8.11 2.19 -10.69
CA ASN A 79 7.06 2.90 -9.91
C ASN A 79 5.94 3.40 -10.82
N VAL A 80 4.72 3.25 -10.37
CA VAL A 80 3.53 3.71 -11.16
C VAL A 80 2.55 4.39 -10.19
N PRO A 81 1.34 4.68 -10.62
CA PRO A 81 0.38 5.30 -9.68
C PRO A 81 0.12 4.32 -8.54
N PHE A 82 0.49 4.67 -7.34
CA PHE A 82 0.33 3.73 -6.20
C PHE A 82 0.98 4.32 -4.94
N ILE A 83 1.53 3.45 -4.14
CA ILE A 83 2.24 3.86 -2.91
C ILE A 83 2.96 2.61 -2.40
N PHE A 84 4.00 2.74 -1.62
CA PHE A 84 4.73 1.53 -1.13
C PHE A 84 5.49 1.82 0.16
N ALA A 85 5.90 0.78 0.81
CA ALA A 85 6.66 0.96 2.08
C ALA A 85 7.60 -0.22 2.26
N THR A 86 8.56 -0.09 3.13
CA THR A 86 9.50 -1.22 3.34
C THR A 86 10.38 -0.96 4.57
N GLY A 87 11.08 -1.95 5.06
CA GLY A 87 11.96 -1.73 6.24
C GLY A 87 12.78 -0.45 5.99
N TYR A 88 13.02 -0.13 4.76
CA TYR A 88 13.80 1.10 4.43
C TYR A 88 12.83 2.26 4.18
N GLY A 89 11.59 1.95 3.93
CA GLY A 89 10.58 3.01 3.71
C GLY A 89 10.29 3.21 2.21
N SER A 90 11.28 3.62 1.47
CA SER A 90 11.08 3.86 0.01
C SER A 90 12.32 4.56 -0.56
N LYS A 91 12.71 4.22 -1.76
CA LYS A 91 13.90 4.86 -2.37
C LYS A 91 13.48 6.03 -3.25
N GLY A 92 12.51 6.81 -2.82
CA GLY A 92 12.07 7.98 -3.62
C GLY A 92 11.32 7.49 -4.88
N LEU A 93 10.54 6.46 -4.77
CA LEU A 93 9.80 5.95 -5.95
C LEU A 93 9.12 7.10 -6.72
N ASP A 94 8.76 6.87 -7.95
CA ASP A 94 8.09 7.93 -8.76
C ASP A 94 6.65 7.52 -9.05
N THR A 95 5.76 8.46 -9.17
CA THR A 95 4.33 8.09 -9.45
C THR A 95 3.47 9.35 -9.50
N ARG A 96 2.21 9.21 -9.77
CA ARG A 96 1.32 10.38 -9.82
C ARG A 96 0.97 10.81 -8.39
N TYR A 97 1.50 10.12 -7.41
CA TYR A 97 1.20 10.46 -6.00
C TYR A 97 2.17 11.51 -5.46
N SER A 98 3.42 11.46 -5.89
CA SER A 98 4.44 12.44 -5.41
C SER A 98 4.96 12.05 -4.03
N ASN A 99 5.52 10.88 -3.92
CA ASN A 99 6.08 10.43 -2.60
C ASN A 99 4.99 10.35 -1.54
N ILE A 100 4.41 11.47 -1.22
CA ILE A 100 3.30 11.52 -0.20
C ILE A 100 3.51 10.40 0.88
N PRO A 101 2.49 9.68 1.35
CA PRO A 101 2.75 8.68 2.42
C PRO A 101 3.59 7.50 1.97
N LEU A 102 4.88 7.67 1.88
CA LEU A 102 5.71 6.51 1.49
C LEU A 102 6.87 6.35 2.47
N LEU A 103 6.99 5.16 3.02
CA LEU A 103 8.08 4.86 4.01
C LEU A 103 7.67 3.63 4.84
N THR A 104 7.94 3.61 6.12
CA THR A 104 7.53 2.43 6.93
C THR A 104 6.17 2.72 7.58
N LYS A 105 5.61 1.78 8.29
CA LYS A 105 4.28 2.04 8.92
C LYS A 105 4.37 1.87 10.45
N PRO A 106 4.43 3.01 11.10
CA PRO A 106 4.49 3.05 12.58
C PRO A 106 3.08 3.17 13.16
N PHE A 107 2.11 3.45 12.33
CA PHE A 107 0.71 3.60 12.81
C PHE A 107 0.50 4.95 13.50
N LEU A 108 1.13 5.97 12.99
CA LEU A 108 0.98 7.33 13.60
C LEU A 108 1.31 8.40 12.55
N ASP A 109 2.51 8.90 12.54
CA ASP A 109 2.88 9.93 11.52
C ASP A 109 2.48 9.45 10.13
N SER A 110 2.39 8.16 9.95
CA SER A 110 1.99 7.61 8.62
C SER A 110 0.52 7.90 8.34
N GLU A 111 -0.36 7.44 9.21
CA GLU A 111 -1.81 7.68 8.99
C GLU A 111 -2.02 9.13 8.52
N LEU A 112 -1.18 10.02 8.98
CA LEU A 112 -1.30 11.44 8.55
C LEU A 112 -0.91 11.54 7.07
N GLU A 113 0.34 11.35 6.76
CA GLU A 113 0.75 11.42 5.33
C GLU A 113 -0.10 10.45 4.51
N ALA A 114 -0.42 9.33 5.10
CA ALA A 114 -1.21 8.29 4.37
C ALA A 114 -2.47 8.89 3.75
N VAL A 115 -3.11 9.80 4.41
CA VAL A 115 -4.35 10.38 3.83
C VAL A 115 -4.05 11.72 3.16
N LEU A 116 -3.07 12.43 3.63
CA LEU A 116 -2.71 13.75 3.03
C LEU A 116 -2.47 13.62 1.52
N VAL A 117 -2.15 12.44 1.07
CA VAL A 117 -1.88 12.24 -0.38
C VAL A 117 -3.03 12.76 -1.25
N GLN A 118 -4.25 12.43 -0.91
CA GLN A 118 -5.40 12.88 -1.73
C GLN A 118 -6.23 13.92 -0.99
N ILE A 119 -5.66 15.06 -0.73
CA ILE A 119 -6.42 16.11 -0.01
C ILE A 119 -5.70 17.46 -0.09
N SER A 120 -4.40 17.46 -0.07
CA SER A 120 -3.64 18.76 -0.13
C SER A 120 -2.19 18.50 0.26
N LYS A 121 -1.98 17.86 1.37
CA LYS A 121 -0.60 17.57 1.84
C LYS A 121 0.11 18.86 2.22
N GLU A 122 1.27 18.74 2.83
CA GLU A 122 2.04 19.94 3.28
C GLU A 122 1.16 20.84 4.14
N VAL A 123 0.05 20.32 4.61
CA VAL A 123 -0.87 21.10 5.48
C VAL A 123 -0.77 22.60 5.22
N GLY A 1 -25.67 -7.61 -13.07
CA GLY A 1 -24.53 -8.48 -12.66
C GLY A 1 -23.21 -7.74 -12.87
N SER A 2 -22.13 -8.29 -12.41
CA SER A 2 -20.80 -7.62 -12.57
C SER A 2 -20.93 -6.12 -12.30
N HIS A 3 -20.74 -5.72 -11.08
CA HIS A 3 -20.83 -4.26 -10.74
C HIS A 3 -19.54 -3.79 -10.07
N MET A 4 -19.13 -2.58 -10.31
CA MET A 4 -17.88 -2.06 -9.69
C MET A 4 -18.13 -0.75 -8.95
N THR A 5 -17.31 -0.44 -7.99
CA THR A 5 -17.48 0.84 -7.22
C THR A 5 -16.14 1.58 -7.17
N GLU A 6 -16.17 2.85 -6.89
CA GLU A 6 -14.89 3.62 -6.83
C GLU A 6 -14.93 4.66 -5.71
N ARG A 7 -15.79 4.48 -4.74
CA ARG A 7 -15.87 5.46 -3.62
C ARG A 7 -14.93 5.05 -2.50
N ARG A 8 -14.92 3.78 -2.17
CA ARG A 8 -14.04 3.30 -1.09
C ARG A 8 -12.66 3.05 -1.68
N LEU A 9 -11.66 3.57 -1.07
CA LEU A 9 -10.30 3.37 -1.61
C LEU A 9 -9.83 1.96 -1.27
N ARG A 10 -8.75 1.52 -1.85
CA ARG A 10 -8.30 0.14 -1.53
C ARG A 10 -6.86 0.15 -0.99
N VAL A 11 -6.63 -0.46 0.14
CA VAL A 11 -5.24 -0.47 0.70
C VAL A 11 -4.63 -1.87 0.57
N LEU A 12 -4.09 -2.20 -0.57
CA LEU A 12 -3.47 -3.55 -0.72
C LEU A 12 -2.20 -3.61 0.10
N VAL A 13 -2.30 -3.97 1.35
CA VAL A 13 -1.08 -4.00 2.20
C VAL A 13 -0.65 -5.44 2.49
N VAL A 14 0.60 -5.71 2.29
CA VAL A 14 1.11 -7.08 2.56
C VAL A 14 2.58 -7.04 2.98
N GLU A 15 2.99 -8.02 3.75
CA GLU A 15 4.41 -8.18 4.25
C GLU A 15 4.52 -8.09 5.77
N ASP A 16 3.81 -8.94 6.49
CA ASP A 16 3.91 -8.94 7.99
C ASP A 16 2.89 -9.94 8.57
N GLU A 17 2.63 -11.00 7.88
CA GLU A 17 1.67 -12.03 8.38
C GLU A 17 0.45 -11.39 9.05
N SER A 18 -0.21 -12.14 9.90
CA SER A 18 -1.44 -11.65 10.59
C SER A 18 -1.29 -10.21 11.13
N MET A 19 -0.10 -9.72 11.34
CA MET A 19 0.03 -8.33 11.87
C MET A 19 -0.62 -7.34 10.90
N ILE A 20 -0.07 -7.22 9.72
CA ILE A 20 -0.64 -6.28 8.70
C ILE A 20 -2.17 -6.40 8.63
N ALA A 21 -2.71 -7.53 9.05
CA ALA A 21 -4.19 -7.71 8.99
C ALA A 21 -4.90 -6.96 10.12
N MET A 22 -4.62 -7.29 11.35
CA MET A 22 -5.29 -6.55 12.46
C MET A 22 -4.89 -5.08 12.43
N LEU A 23 -3.93 -4.75 11.62
CA LEU A 23 -3.47 -3.33 11.52
C LEU A 23 -4.11 -2.64 10.31
N ILE A 24 -4.67 -3.39 9.40
CA ILE A 24 -5.28 -2.75 8.19
C ILE A 24 -6.79 -2.62 8.35
N GLU A 25 -7.43 -3.61 8.92
CA GLU A 25 -8.90 -3.54 9.09
C GLU A 25 -9.25 -2.54 10.19
N ASP A 26 -8.37 -2.34 11.12
CA ASP A 26 -8.64 -1.38 12.23
C ASP A 26 -8.37 0.06 11.74
N THR A 27 -7.28 0.26 11.06
CA THR A 27 -6.98 1.63 10.56
C THR A 27 -8.06 2.06 9.57
N LEU A 28 -8.45 1.16 8.69
CA LEU A 28 -9.51 1.51 7.70
C LEU A 28 -10.82 1.79 8.45
N CYS A 29 -11.05 1.10 9.54
CA CYS A 29 -12.29 1.33 10.30
C CYS A 29 -12.45 2.83 10.60
N GLU A 30 -11.35 3.55 10.61
CA GLU A 30 -11.41 5.00 10.89
C GLU A 30 -11.45 5.79 9.58
N LEU A 31 -10.71 5.37 8.59
CA LEU A 31 -10.71 6.11 7.29
C LEU A 31 -11.96 5.77 6.48
N GLY A 32 -12.19 4.51 6.20
CA GLY A 32 -13.41 4.15 5.42
C GLY A 32 -13.01 3.30 4.20
N HIS A 33 -11.75 3.01 4.04
CA HIS A 33 -11.32 2.19 2.88
C HIS A 33 -12.17 0.92 2.77
N GLU A 34 -11.85 0.05 1.86
CA GLU A 34 -12.64 -1.21 1.71
C GLU A 34 -11.73 -2.44 1.85
N VAL A 35 -11.94 -3.43 1.04
CA VAL A 35 -11.11 -4.67 1.13
C VAL A 35 -9.80 -4.49 0.35
N ALA A 36 -8.77 -5.19 0.75
CA ALA A 36 -7.48 -5.05 0.02
C ALA A 36 -6.57 -6.26 0.28
N ALA A 37 -5.37 -6.05 0.77
CA ALA A 37 -4.46 -7.22 1.00
C ALA A 37 -3.88 -7.19 2.42
N THR A 38 -3.50 -8.33 2.93
CA THR A 38 -2.91 -8.39 4.29
C THR A 38 -1.86 -9.50 4.35
N ALA A 39 -0.63 -9.15 4.70
CA ALA A 39 0.48 -10.15 4.78
C ALA A 39 1.06 -10.38 3.39
N SER A 40 2.23 -10.93 3.29
CA SER A 40 2.79 -11.11 1.92
C SER A 40 2.23 -12.37 1.25
N ARG A 41 1.59 -12.20 0.13
CA ARG A 41 1.00 -13.36 -0.58
C ARG A 41 1.12 -13.17 -2.10
N MET A 42 1.83 -14.05 -2.76
CA MET A 42 1.98 -13.91 -4.24
C MET A 42 0.61 -13.94 -4.93
N GLN A 43 -0.31 -14.70 -4.39
CA GLN A 43 -1.66 -14.76 -5.02
C GLN A 43 -2.35 -13.40 -4.92
N GLU A 44 -2.34 -12.80 -3.76
CA GLU A 44 -2.98 -11.47 -3.61
C GLU A 44 -2.16 -10.39 -4.31
N ALA A 45 -0.86 -10.42 -4.16
CA ALA A 45 -0.01 -9.41 -4.84
C ALA A 45 -0.37 -9.34 -6.32
N LEU A 46 -0.48 -10.48 -6.95
CA LEU A 46 -0.85 -10.50 -8.39
C LEU A 46 -2.13 -9.70 -8.62
N ASP A 47 -3.11 -9.89 -7.76
CA ASP A 47 -4.38 -9.13 -7.91
C ASP A 47 -4.10 -7.62 -7.91
N ILE A 48 -3.04 -7.20 -7.28
CA ILE A 48 -2.72 -5.76 -7.24
C ILE A 48 -1.67 -5.44 -8.32
N ALA A 49 -1.05 -6.45 -8.88
CA ALA A 49 -0.02 -6.22 -9.93
C ALA A 49 -0.67 -6.20 -11.31
N ARG A 50 -1.50 -7.17 -11.60
CA ARG A 50 -2.16 -7.20 -12.94
C ARG A 50 -3.32 -6.20 -12.96
N LYS A 51 -3.95 -5.98 -11.84
CA LYS A 51 -5.10 -5.02 -11.78
C LYS A 51 -4.65 -3.63 -12.23
N GLY A 52 -3.61 -3.11 -11.65
CA GLY A 52 -3.13 -1.75 -12.04
C GLY A 52 -4.28 -0.74 -11.95
N GLN A 53 -5.32 -1.07 -11.24
CA GLN A 53 -6.47 -0.14 -11.10
C GLN A 53 -6.79 0.11 -9.62
N PHE A 54 -6.22 -0.68 -8.75
CA PHE A 54 -6.48 -0.50 -7.29
C PHE A 54 -6.04 0.90 -6.84
N ASP A 55 -5.86 1.07 -5.57
CA ASP A 55 -5.44 2.41 -5.07
C ASP A 55 -4.00 2.39 -4.57
N ILE A 56 -3.63 1.44 -3.74
CA ILE A 56 -2.21 1.43 -3.26
C ILE A 56 -1.68 0.00 -3.10
N ALA A 57 -0.39 -0.14 -2.91
CA ALA A 57 0.21 -1.50 -2.79
C ALA A 57 1.37 -1.53 -1.77
N ILE A 58 1.18 -2.14 -0.63
CA ILE A 58 2.30 -2.22 0.33
C ILE A 58 2.80 -3.66 0.40
N ILE A 59 4.04 -3.84 0.15
CA ILE A 59 4.68 -5.19 0.15
C ILE A 59 6.09 -5.04 0.70
N ASP A 60 6.21 -4.63 1.94
CA ASP A 60 7.57 -4.37 2.52
C ASP A 60 8.61 -5.39 2.03
N VAL A 61 9.86 -5.02 2.05
CA VAL A 61 10.93 -5.97 1.61
C VAL A 61 11.84 -6.31 2.79
N ASN A 62 11.66 -5.64 3.89
CA ASN A 62 12.50 -5.92 5.08
C ASN A 62 11.61 -6.37 6.24
N LEU A 63 10.35 -6.52 5.98
CA LEU A 63 9.41 -6.95 7.05
C LEU A 63 8.96 -8.38 6.79
N ASP A 64 8.95 -9.19 7.80
CA ASP A 64 8.53 -10.62 7.63
C ASP A 64 9.65 -11.44 6.94
N GLY A 65 10.60 -10.81 6.29
CA GLY A 65 11.68 -11.62 5.64
C GLY A 65 11.93 -11.19 4.20
N GLU A 66 11.31 -10.13 3.77
CA GLU A 66 11.51 -9.63 2.37
C GLU A 66 10.73 -10.44 1.32
N PRO A 67 9.67 -11.11 1.70
CA PRO A 67 8.89 -11.87 0.68
C PRO A 67 8.05 -10.90 -0.16
N SER A 68 8.68 -9.87 -0.70
CA SER A 68 7.93 -8.89 -1.52
C SER A 68 7.88 -9.34 -2.98
N TYR A 69 8.18 -10.59 -3.23
CA TYR A 69 8.15 -11.15 -4.61
C TYR A 69 8.96 -10.28 -5.58
N PRO A 70 9.24 -10.85 -6.71
CA PRO A 70 10.01 -10.14 -7.76
C PRO A 70 9.16 -9.01 -8.35
N VAL A 71 7.93 -8.90 -7.92
CA VAL A 71 7.09 -7.79 -8.47
C VAL A 71 7.22 -6.55 -7.60
N ALA A 72 6.87 -6.60 -6.33
CA ALA A 72 7.05 -5.36 -5.49
C ALA A 72 8.43 -4.80 -5.83
N ASP A 73 9.34 -5.68 -6.06
CA ASP A 73 10.71 -5.28 -6.45
C ASP A 73 10.65 -4.48 -7.74
N ILE A 74 10.00 -5.04 -8.72
CA ILE A 74 9.88 -4.35 -10.04
C ILE A 74 8.92 -3.17 -9.90
N LEU A 75 7.90 -3.33 -9.09
CA LEU A 75 6.95 -2.21 -8.88
C LEU A 75 7.73 -0.99 -8.39
N ALA A 76 8.92 -1.22 -7.91
CA ALA A 76 9.75 -0.10 -7.42
C ALA A 76 10.67 0.42 -8.53
N GLU A 77 11.23 -0.46 -9.32
CA GLU A 77 12.13 0.00 -10.42
C GLU A 77 11.33 0.75 -11.48
N ARG A 78 10.03 0.65 -11.45
CA ARG A 78 9.20 1.38 -12.44
C ARG A 78 8.13 2.21 -11.72
N ASN A 79 7.64 1.71 -10.61
CA ASN A 79 6.61 2.46 -9.83
C ASN A 79 5.40 2.87 -10.69
N VAL A 80 4.23 2.76 -10.11
CA VAL A 80 2.97 3.13 -10.81
C VAL A 80 2.11 3.90 -9.79
N PRO A 81 0.89 4.28 -10.12
CA PRO A 81 0.05 4.99 -9.13
C PRO A 81 -0.18 4.03 -7.96
N PHE A 82 0.30 4.39 -6.79
CA PHE A 82 0.17 3.48 -5.62
C PHE A 82 0.94 4.04 -4.42
N ILE A 83 1.56 3.16 -3.68
CA ILE A 83 2.40 3.55 -2.53
C ILE A 83 3.17 2.31 -2.11
N PHE A 84 4.37 2.46 -1.63
CA PHE A 84 5.14 1.26 -1.22
C PHE A 84 6.23 1.63 -0.23
N ALA A 85 6.57 0.73 0.63
CA ALA A 85 7.64 1.01 1.61
C ALA A 85 8.49 -0.25 1.80
N THR A 86 9.76 -0.20 1.52
CA THR A 86 10.61 -1.42 1.68
C THR A 86 12.00 -1.01 2.17
N GLY A 87 12.38 -1.31 3.39
CA GLY A 87 13.72 -0.89 3.88
C GLY A 87 13.97 0.53 3.41
N TYR A 88 12.92 1.30 3.42
CA TYR A 88 13.01 2.69 2.93
C TYR A 88 13.73 2.73 1.59
N GLY A 89 13.52 1.75 0.76
CA GLY A 89 14.19 1.77 -0.57
C GLY A 89 13.96 3.16 -1.16
N SER A 90 12.87 3.77 -0.73
CA SER A 90 12.52 5.14 -1.20
C SER A 90 13.07 5.41 -2.60
N LYS A 91 14.29 5.88 -2.70
CA LYS A 91 14.90 6.14 -4.03
C LYS A 91 14.11 7.24 -4.75
N GLY A 92 13.26 7.94 -4.06
CA GLY A 92 12.46 9.01 -4.73
C GLY A 92 11.31 8.35 -5.49
N LEU A 93 10.73 7.34 -4.91
CA LEU A 93 9.60 6.61 -5.56
C LEU A 93 8.78 7.55 -6.46
N ASP A 94 8.40 7.08 -7.61
CA ASP A 94 7.60 7.94 -8.54
C ASP A 94 6.18 7.39 -8.65
N THR A 95 5.20 8.25 -8.76
CA THR A 95 3.80 7.78 -8.89
C THR A 95 2.85 8.97 -8.96
N ARG A 96 1.59 8.72 -9.17
CA ARG A 96 0.62 9.85 -9.24
C ARG A 96 0.31 10.32 -7.81
N TYR A 97 0.93 9.72 -6.84
CA TYR A 97 0.67 10.12 -5.43
C TYR A 97 1.59 11.30 -5.04
N SER A 98 2.78 11.36 -5.60
CA SER A 98 3.71 12.49 -5.33
C SER A 98 4.35 12.41 -3.96
N ASN A 99 5.21 11.46 -3.72
CA ASN A 99 5.88 11.39 -2.39
C ASN A 99 4.84 11.46 -1.28
N ILE A 100 4.50 10.33 -0.72
CA ILE A 100 3.44 10.29 0.31
C ILE A 100 3.87 9.30 1.43
N PRO A 101 3.00 8.46 1.97
CA PRO A 101 3.47 7.55 3.04
C PRO A 101 4.35 6.45 2.45
N LEU A 102 5.48 6.81 1.89
CA LEU A 102 6.35 5.76 1.30
C LEU A 102 7.67 5.67 2.06
N LEU A 103 8.09 4.47 2.36
CA LEU A 103 9.38 4.26 3.09
C LEU A 103 9.49 2.83 3.63
N THR A 104 8.77 2.49 4.67
CA THR A 104 8.85 1.10 5.21
C THR A 104 7.66 0.82 6.13
N LYS A 105 7.58 1.47 7.26
CA LYS A 105 6.44 1.23 8.20
C LYS A 105 5.13 1.10 7.41
N PRO A 106 4.36 0.10 7.78
CA PRO A 106 3.07 -0.17 7.10
C PRO A 106 2.02 0.86 7.51
N PHE A 107 1.67 0.90 8.78
CA PHE A 107 0.64 1.88 9.23
C PHE A 107 1.12 2.59 10.49
N LEU A 108 0.21 3.14 11.27
CA LEU A 108 0.63 3.86 12.51
C LEU A 108 1.36 5.15 12.13
N ASP A 109 2.47 5.46 12.77
CA ASP A 109 3.20 6.71 12.42
C ASP A 109 3.21 6.89 10.91
N SER A 110 3.16 5.80 10.18
CA SER A 110 3.14 5.89 8.69
C SER A 110 1.81 6.49 8.24
N GLU A 111 0.72 5.92 8.68
CA GLU A 111 -0.61 6.45 8.29
C GLU A 111 -0.60 7.97 8.41
N LEU A 112 0.23 8.49 9.26
CA LEU A 112 0.31 9.98 9.43
C LEU A 112 0.89 10.57 8.15
N GLU A 113 2.01 10.07 7.71
CA GLU A 113 2.61 10.57 6.44
C GLU A 113 1.66 10.27 5.30
N ALA A 114 0.73 9.37 5.54
CA ALA A 114 -0.22 8.99 4.46
C ALA A 114 -1.32 10.05 4.28
N VAL A 115 -1.68 10.75 5.31
CA VAL A 115 -2.76 11.77 5.15
C VAL A 115 -2.22 13.18 5.35
N LEU A 116 -1.03 13.29 5.89
CA LEU A 116 -0.44 14.64 6.12
C LEU A 116 0.44 15.06 4.94
N VAL A 117 1.01 14.12 4.24
CA VAL A 117 1.88 14.50 3.08
C VAL A 117 1.03 14.75 1.83
N GLN A 118 -0.05 14.04 1.68
CA GLN A 118 -0.91 14.25 0.49
C GLN A 118 -1.97 15.31 0.76
N ILE A 119 -1.59 16.40 1.38
CA ILE A 119 -2.60 17.45 1.68
C ILE A 119 -2.04 18.86 1.44
N SER A 120 -0.75 19.00 1.32
CA SER A 120 -0.17 20.36 1.09
C SER A 120 -1.00 21.11 0.03
N LYS A 121 -1.67 20.39 -0.82
CA LYS A 121 -2.49 21.07 -1.87
C LYS A 121 -3.46 22.07 -1.23
N GLU A 122 -3.13 23.32 -1.26
CA GLU A 122 -4.02 24.35 -0.64
C GLU A 122 -4.45 23.86 0.75
N VAL A 123 -3.66 23.03 1.35
CA VAL A 123 -4.01 22.50 2.69
C VAL A 123 -5.45 21.96 2.69
N GLY A 1 -26.58 -2.87 -3.85
CA GLY A 1 -26.47 -4.16 -3.11
C GLY A 1 -26.11 -5.27 -4.10
N SER A 2 -25.04 -5.97 -3.85
CA SER A 2 -24.65 -7.07 -4.78
C SER A 2 -24.24 -6.50 -6.14
N HIS A 3 -23.01 -6.70 -6.54
CA HIS A 3 -22.55 -6.16 -7.84
C HIS A 3 -22.90 -4.67 -7.98
N MET A 4 -21.95 -3.81 -7.74
CA MET A 4 -22.22 -2.35 -7.86
C MET A 4 -20.99 -1.53 -7.43
N THR A 5 -20.89 -0.31 -7.86
CA THR A 5 -19.73 0.52 -7.47
C THR A 5 -20.20 1.88 -6.94
N GLU A 6 -19.37 2.57 -6.21
CA GLU A 6 -19.78 3.89 -5.67
C GLU A 6 -18.59 4.56 -4.98
N ARG A 7 -17.58 4.92 -5.75
CA ARG A 7 -16.38 5.58 -5.14
C ARG A 7 -15.71 4.64 -4.12
N ARG A 8 -14.95 3.70 -4.59
CA ARG A 8 -14.26 2.76 -3.66
C ARG A 8 -12.76 2.73 -3.96
N LEU A 9 -11.94 3.09 -3.01
CA LEU A 9 -10.48 3.06 -3.27
C LEU A 9 -9.95 1.68 -2.88
N ARG A 10 -8.95 1.20 -3.56
CA ARG A 10 -8.42 -0.14 -3.22
C ARG A 10 -7.01 -0.04 -2.65
N VAL A 11 -6.76 -0.72 -1.56
CA VAL A 11 -5.40 -0.66 -0.95
C VAL A 11 -4.84 -2.06 -0.73
N LEU A 12 -3.89 -2.46 -1.53
CA LEU A 12 -3.29 -3.81 -1.37
C LEU A 12 -2.01 -3.68 -0.52
N VAL A 13 -2.06 -4.04 0.73
CA VAL A 13 -0.84 -3.90 1.58
C VAL A 13 -0.35 -5.28 2.04
N VAL A 14 0.94 -5.48 2.10
CA VAL A 14 1.47 -6.80 2.53
C VAL A 14 2.95 -6.68 2.99
N GLU A 15 3.41 -7.65 3.77
CA GLU A 15 4.84 -7.70 4.29
C GLU A 15 4.93 -7.36 5.77
N ASP A 16 4.40 -8.21 6.60
CA ASP A 16 4.47 -7.99 8.07
C ASP A 16 3.57 -8.97 8.81
N GLU A 17 3.40 -10.16 8.28
CA GLU A 17 2.52 -11.17 8.93
C GLU A 17 1.31 -10.52 9.62
N SER A 18 1.08 -10.83 10.88
CA SER A 18 -0.10 -10.25 11.59
C SER A 18 0.17 -8.81 12.05
N MET A 19 1.34 -8.30 11.86
CA MET A 19 1.61 -6.88 12.29
C MET A 19 0.94 -5.92 11.32
N ILE A 20 1.06 -6.21 10.05
CA ILE A 20 0.44 -5.33 9.02
C ILE A 20 -1.07 -5.52 8.99
N ALA A 21 -1.52 -6.67 9.42
CA ALA A 21 -2.97 -6.96 9.43
C ALA A 21 -3.75 -5.82 10.08
N MET A 22 -4.04 -5.92 11.36
CA MET A 22 -4.80 -4.83 12.04
C MET A 22 -4.29 -3.46 11.56
N LEU A 23 -3.06 -3.39 11.18
CA LEU A 23 -2.47 -2.12 10.69
C LEU A 23 -3.27 -1.55 9.52
N ILE A 24 -3.90 -2.41 8.75
CA ILE A 24 -4.68 -1.89 7.58
C ILE A 24 -6.19 -2.02 7.83
N GLU A 25 -6.62 -3.14 8.34
CA GLU A 25 -8.08 -3.32 8.60
C GLU A 25 -8.60 -2.19 9.49
N ASP A 26 -7.74 -1.58 10.25
CA ASP A 26 -8.20 -0.48 11.15
C ASP A 26 -8.29 0.82 10.34
N THR A 27 -7.29 1.14 9.56
CA THR A 27 -7.34 2.38 8.76
C THR A 27 -8.59 2.33 7.86
N LEU A 28 -8.74 1.26 7.12
CA LEU A 28 -9.94 1.15 6.24
C LEU A 28 -11.19 1.38 7.09
N CYS A 29 -11.17 0.92 8.31
CA CYS A 29 -12.35 1.11 9.20
C CYS A 29 -12.61 2.60 9.40
N GLU A 30 -11.59 3.40 9.33
CA GLU A 30 -11.76 4.87 9.51
C GLU A 30 -11.88 5.58 8.17
N LEU A 31 -11.39 4.98 7.11
CA LEU A 31 -11.47 5.65 5.77
C LEU A 31 -12.63 5.08 4.94
N GLY A 32 -12.65 3.80 4.72
CA GLY A 32 -13.76 3.20 3.92
C GLY A 32 -13.19 2.28 2.84
N HIS A 33 -11.93 2.47 2.48
CA HIS A 33 -11.28 1.63 1.42
C HIS A 33 -11.99 0.26 1.26
N GLU A 34 -12.17 -0.17 0.05
CA GLU A 34 -12.84 -1.49 -0.18
C GLU A 34 -12.01 -2.60 0.46
N VAL A 35 -11.98 -3.76 -0.15
CA VAL A 35 -11.18 -4.88 0.43
C VAL A 35 -9.68 -4.65 0.21
N ALA A 36 -8.92 -4.64 1.26
CA ALA A 36 -7.46 -4.42 1.12
C ALA A 36 -6.70 -5.74 1.34
N ALA A 37 -5.40 -5.70 1.44
CA ALA A 37 -4.64 -6.94 1.66
C ALA A 37 -3.77 -6.81 2.91
N THR A 38 -3.59 -7.89 3.63
CA THR A 38 -2.76 -7.82 4.88
C THR A 38 -1.71 -8.94 4.87
N ALA A 39 -0.56 -8.66 5.40
CA ALA A 39 0.54 -9.67 5.43
C ALA A 39 1.08 -9.87 4.01
N SER A 40 2.08 -10.68 3.82
CA SER A 40 2.61 -10.85 2.43
C SER A 40 2.23 -12.20 1.84
N ARG A 41 1.88 -12.18 0.59
CA ARG A 41 1.46 -13.41 -0.10
C ARG A 41 1.95 -13.39 -1.55
N MET A 42 2.75 -14.35 -1.93
CA MET A 42 3.27 -14.38 -3.33
C MET A 42 2.11 -14.35 -4.34
N GLN A 43 1.02 -15.00 -4.04
CA GLN A 43 -0.14 -15.00 -4.97
C GLN A 43 -0.73 -13.60 -5.10
N GLU A 44 -1.18 -13.04 -4.02
CA GLU A 44 -1.76 -11.67 -4.08
C GLU A 44 -0.71 -10.67 -4.54
N ALA A 45 0.47 -10.73 -3.98
CA ALA A 45 1.55 -9.79 -4.42
C ALA A 45 1.53 -9.66 -5.94
N LEU A 46 1.63 -10.76 -6.63
CA LEU A 46 1.58 -10.70 -8.12
C LEU A 46 0.29 -10.02 -8.54
N ASP A 47 -0.81 -10.43 -7.97
CA ASP A 47 -2.12 -9.79 -8.33
C ASP A 47 -2.00 -8.28 -8.19
N ILE A 48 -1.03 -7.80 -7.46
CA ILE A 48 -0.87 -6.32 -7.32
C ILE A 48 0.24 -5.84 -8.26
N ALA A 49 0.96 -6.75 -8.87
CA ALA A 49 2.06 -6.36 -9.79
C ALA A 49 1.59 -6.37 -11.25
N ARG A 50 0.52 -7.05 -11.57
CA ARG A 50 0.08 -7.12 -13.00
C ARG A 50 -1.21 -6.34 -13.26
N LYS A 51 -1.84 -5.78 -12.27
CA LYS A 51 -3.11 -5.05 -12.53
C LYS A 51 -2.89 -3.54 -12.57
N GLY A 52 -2.29 -3.01 -11.55
CA GLY A 52 -2.05 -1.54 -11.50
C GLY A 52 -3.38 -0.82 -11.28
N GLN A 53 -4.44 -1.56 -11.02
CA GLN A 53 -5.77 -0.92 -10.79
C GLN A 53 -6.20 -1.10 -9.33
N PHE A 54 -5.30 -1.57 -8.51
CA PHE A 54 -5.63 -1.77 -7.07
C PHE A 54 -5.42 -0.49 -6.28
N ASP A 55 -5.31 0.62 -6.97
CA ASP A 55 -5.09 1.93 -6.28
C ASP A 55 -3.74 1.97 -5.55
N ILE A 56 -3.43 1.00 -4.72
CA ILE A 56 -2.12 1.07 -4.01
C ILE A 56 -1.51 -0.33 -3.75
N ALA A 57 -0.24 -0.37 -3.38
CA ALA A 57 0.43 -1.68 -3.14
C ALA A 57 1.57 -1.55 -2.12
N ILE A 58 1.38 -2.01 -0.90
CA ILE A 58 2.48 -1.91 0.09
C ILE A 58 3.14 -3.27 0.28
N ILE A 59 4.42 -3.33 0.11
CA ILE A 59 5.16 -4.61 0.27
C ILE A 59 6.50 -4.32 0.93
N ASP A 60 6.51 -4.12 2.22
CA ASP A 60 7.78 -3.82 2.94
C ASP A 60 8.95 -4.63 2.38
N VAL A 61 10.10 -4.02 2.27
CA VAL A 61 11.29 -4.74 1.74
C VAL A 61 12.21 -5.14 2.89
N ASN A 62 11.77 -4.94 4.12
CA ASN A 62 12.61 -5.30 5.29
C ASN A 62 11.72 -5.64 6.49
N LEU A 63 10.46 -5.86 6.26
CA LEU A 63 9.55 -6.20 7.39
C LEU A 63 9.11 -7.64 7.25
N ASP A 64 9.02 -8.35 8.34
CA ASP A 64 8.61 -9.79 8.27
C ASP A 64 9.75 -10.63 7.66
N GLY A 65 10.83 -10.02 7.28
CA GLY A 65 11.96 -10.80 6.69
C GLY A 65 12.17 -10.41 5.24
N GLU A 66 11.92 -9.17 4.91
CA GLU A 66 12.11 -8.69 3.51
C GLU A 66 11.45 -9.63 2.48
N PRO A 67 10.23 -10.05 2.75
CA PRO A 67 9.53 -10.93 1.80
C PRO A 67 8.87 -10.11 0.69
N SER A 68 9.45 -9.00 0.32
CA SER A 68 8.84 -8.15 -0.75
C SER A 68 9.14 -8.72 -2.14
N TYR A 69 9.76 -9.86 -2.20
CA TYR A 69 10.11 -10.48 -3.51
C TYR A 69 10.77 -9.47 -4.45
N PRO A 70 11.28 -10.00 -5.53
CA PRO A 70 11.94 -9.14 -6.54
C PRO A 70 10.90 -8.25 -7.21
N VAL A 71 9.65 -8.45 -6.90
CA VAL A 71 8.61 -7.59 -7.53
C VAL A 71 8.56 -6.24 -6.84
N ALA A 72 8.12 -6.19 -5.60
CA ALA A 72 8.11 -4.88 -4.87
C ALA A 72 9.40 -4.16 -5.23
N ASP A 73 10.43 -4.93 -5.38
CA ASP A 73 11.74 -4.38 -5.77
C ASP A 73 11.61 -3.75 -7.15
N ILE A 74 11.14 -4.53 -8.07
CA ILE A 74 10.94 -4.04 -9.46
C ILE A 74 9.87 -2.96 -9.44
N LEU A 75 8.81 -3.20 -8.73
CA LEU A 75 7.73 -2.19 -8.62
C LEU A 75 8.36 -0.82 -8.39
N ALA A 76 9.53 -0.81 -7.78
CA ALA A 76 10.23 0.47 -7.52
C ALA A 76 11.01 0.89 -8.76
N GLU A 77 11.50 -0.05 -9.52
CA GLU A 77 12.27 0.31 -10.74
C GLU A 77 11.40 1.10 -11.73
N ARG A 78 10.14 0.77 -11.84
CA ARG A 78 9.25 1.51 -12.78
C ARG A 78 8.20 2.32 -12.01
N ASN A 79 7.95 1.96 -10.79
CA ASN A 79 6.93 2.69 -9.97
C ASN A 79 5.68 3.02 -10.78
N VAL A 80 4.64 2.25 -10.61
CA VAL A 80 3.36 2.52 -11.34
C VAL A 80 2.43 3.26 -10.36
N PRO A 81 1.25 3.63 -10.81
CA PRO A 81 0.32 4.35 -9.89
C PRO A 81 0.04 3.45 -8.69
N PHE A 82 0.37 3.89 -7.50
CA PHE A 82 0.18 3.04 -6.30
C PHE A 82 0.80 3.71 -5.07
N ILE A 83 1.44 2.93 -4.25
CA ILE A 83 2.13 3.45 -3.04
C ILE A 83 2.96 2.31 -2.46
N PHE A 84 4.00 2.60 -1.74
CA PHE A 84 4.83 1.48 -1.19
C PHE A 84 5.64 1.92 0.01
N ALA A 85 6.00 0.99 0.84
CA ALA A 85 6.82 1.34 2.01
C ALA A 85 7.83 0.23 2.29
N THR A 86 8.97 0.57 2.83
CA THR A 86 9.98 -0.48 3.12
C THR A 86 10.87 -0.04 4.29
N GLY A 87 11.74 -0.90 4.75
CA GLY A 87 12.63 -0.50 5.88
C GLY A 87 13.56 0.61 5.41
N TYR A 88 13.60 0.84 4.12
CA TYR A 88 14.49 1.90 3.57
C TYR A 88 13.74 3.25 3.54
N GLY A 89 12.52 3.27 3.06
CA GLY A 89 11.77 4.56 3.00
C GLY A 89 11.53 4.95 1.54
N SER A 90 11.36 3.99 0.67
CA SER A 90 11.11 4.30 -0.77
C SER A 90 12.22 5.17 -1.35
N LYS A 91 12.53 4.98 -2.60
CA LYS A 91 13.58 5.82 -3.24
C LYS A 91 12.93 7.00 -3.95
N GLY A 92 11.84 7.49 -3.41
CA GLY A 92 11.12 8.61 -4.06
C GLY A 92 10.31 8.07 -5.24
N LEU A 93 9.74 6.90 -5.07
CA LEU A 93 8.94 6.29 -6.17
C LEU A 93 8.12 7.36 -6.90
N ASP A 94 7.76 7.11 -8.12
CA ASP A 94 6.97 8.10 -8.90
C ASP A 94 5.54 7.61 -9.12
N THR A 95 4.59 8.50 -9.13
CA THR A 95 3.16 8.10 -9.33
C THR A 95 2.24 9.29 -9.00
N ARG A 96 1.10 9.37 -9.65
CA ARG A 96 0.17 10.52 -9.40
C ARG A 96 0.00 10.77 -7.90
N TYR A 97 0.24 9.77 -7.11
CA TYR A 97 0.08 9.93 -5.64
C TYR A 97 1.13 10.92 -5.12
N SER A 98 2.38 10.74 -5.49
CA SER A 98 3.46 11.69 -5.07
C SER A 98 3.86 11.48 -3.61
N ASN A 99 4.47 10.38 -3.28
CA ASN A 99 4.90 10.19 -1.86
C ASN A 99 3.69 10.38 -0.95
N ILE A 100 3.13 9.30 -0.50
CA ILE A 100 1.89 9.36 0.30
C ILE A 100 2.01 8.36 1.47
N PRO A 101 0.99 7.55 1.80
CA PRO A 101 1.18 6.61 2.94
C PRO A 101 2.27 5.59 2.62
N LEU A 102 3.52 5.96 2.75
CA LEU A 102 4.62 4.99 2.44
C LEU A 102 5.80 5.18 3.41
N LEU A 103 7.01 4.98 2.95
CA LEU A 103 8.23 5.13 3.83
C LEU A 103 8.35 3.94 4.79
N THR A 104 7.76 4.02 5.95
CA THR A 104 7.86 2.90 6.93
C THR A 104 6.99 3.21 8.15
N LYS A 105 5.93 3.93 7.93
CA LYS A 105 5.01 4.28 9.04
C LYS A 105 4.73 3.08 9.95
N PRO A 106 5.36 3.08 11.11
CA PRO A 106 5.15 1.97 12.08
C PRO A 106 3.72 1.96 12.63
N PHE A 107 3.35 2.92 13.46
CA PHE A 107 1.96 2.94 14.00
C PHE A 107 1.64 4.29 14.65
N LEU A 108 0.38 4.60 14.83
CA LEU A 108 0.00 5.90 15.45
C LEU A 108 0.54 7.07 14.64
N ASP A 109 1.58 7.72 15.10
CA ASP A 109 2.14 8.85 14.30
C ASP A 109 2.26 8.39 12.85
N SER A 110 2.37 7.11 12.67
CA SER A 110 2.46 6.52 11.32
C SER A 110 1.20 6.83 10.50
N GLU A 111 0.08 6.27 10.90
CA GLU A 111 -1.18 6.52 10.16
C GLU A 111 -1.26 7.97 9.68
N LEU A 112 -0.84 8.89 10.52
CA LEU A 112 -0.87 10.32 10.09
C LEU A 112 -0.30 10.45 8.70
N GLU A 113 0.97 10.13 8.54
CA GLU A 113 1.58 10.21 7.19
C GLU A 113 0.69 9.51 6.19
N ALA A 114 -0.08 8.57 6.64
CA ALA A 114 -0.94 7.84 5.68
C ALA A 114 -2.26 8.55 5.42
N VAL A 115 -2.73 9.34 6.34
CA VAL A 115 -4.02 10.03 6.11
C VAL A 115 -3.79 11.52 5.81
N LEU A 116 -2.69 12.06 6.26
CA LEU A 116 -2.42 13.49 5.98
C LEU A 116 -1.89 13.65 4.55
N VAL A 117 -1.05 12.75 4.13
CA VAL A 117 -0.49 12.84 2.74
C VAL A 117 -1.62 12.90 1.70
N GLN A 118 -2.68 12.16 1.90
CA GLN A 118 -3.78 12.17 0.90
C GLN A 118 -4.85 13.17 1.29
N ILE A 119 -4.45 14.28 1.82
CA ILE A 119 -5.40 15.33 2.23
C ILE A 119 -5.79 16.14 0.99
N SER A 120 -4.84 16.31 0.10
CA SER A 120 -5.03 17.08 -1.16
C SER A 120 -3.66 17.63 -1.55
N LYS A 121 -3.38 18.87 -1.24
CA LYS A 121 -2.03 19.40 -1.56
C LYS A 121 -1.72 19.19 -3.04
N GLU A 122 -2.65 19.56 -3.88
CA GLU A 122 -2.48 19.41 -5.36
C GLU A 122 -3.84 19.55 -6.02
N VAL A 123 -4.85 19.22 -5.30
CA VAL A 123 -6.23 19.32 -5.81
C VAL A 123 -6.48 18.31 -6.94
N GLY A 1 -22.73 -6.73 -8.65
CA GLY A 1 -21.50 -6.22 -9.32
C GLY A 1 -21.87 -5.51 -10.62
N SER A 2 -22.85 -4.64 -10.58
CA SER A 2 -23.25 -3.92 -11.82
C SER A 2 -22.90 -2.42 -11.69
N HIS A 3 -22.86 -1.91 -10.50
CA HIS A 3 -22.54 -0.47 -10.31
C HIS A 3 -21.37 -0.32 -9.33
N MET A 4 -21.18 0.85 -8.76
CA MET A 4 -20.05 1.02 -7.80
C MET A 4 -20.15 2.37 -7.07
N THR A 5 -19.09 2.75 -6.42
CA THR A 5 -19.06 4.05 -5.69
C THR A 5 -17.78 4.78 -6.06
N GLU A 6 -17.69 6.05 -5.81
CA GLU A 6 -16.45 6.77 -6.17
C GLU A 6 -15.93 7.58 -4.98
N ARG A 7 -16.06 7.05 -3.79
CA ARG A 7 -15.56 7.76 -2.58
C ARG A 7 -14.62 6.84 -1.80
N ARG A 8 -14.81 5.55 -1.91
CA ARG A 8 -13.94 4.60 -1.19
C ARG A 8 -12.72 4.29 -2.04
N LEU A 9 -11.56 4.68 -1.59
CA LEU A 9 -10.35 4.42 -2.39
C LEU A 9 -9.88 2.99 -2.13
N ARG A 10 -8.94 2.51 -2.88
CA ARG A 10 -8.50 1.11 -2.66
C ARG A 10 -7.08 1.08 -2.07
N VAL A 11 -6.90 0.38 -0.99
CA VAL A 11 -5.55 0.30 -0.36
C VAL A 11 -5.14 -1.16 -0.17
N LEU A 12 -4.44 -1.71 -1.12
CA LEU A 12 -3.99 -3.14 -0.98
C LEU A 12 -2.69 -3.16 -0.18
N VAL A 13 -2.71 -3.70 1.01
CA VAL A 13 -1.47 -3.73 1.82
C VAL A 13 -1.14 -5.15 2.27
N VAL A 14 -0.23 -5.79 1.59
CA VAL A 14 0.13 -7.18 1.94
C VAL A 14 1.56 -7.24 2.50
N GLU A 15 1.82 -8.09 3.45
CA GLU A 15 3.20 -8.16 4.03
C GLU A 15 3.39 -9.38 4.93
N ASP A 16 3.01 -9.29 6.18
CA ASP A 16 3.20 -10.45 7.09
C ASP A 16 1.92 -10.81 7.83
N GLU A 17 1.10 -11.63 7.22
CA GLU A 17 -0.17 -12.10 7.82
C GLU A 17 -0.73 -11.19 8.94
N SER A 18 -0.20 -11.30 10.13
CA SER A 18 -0.76 -10.51 11.28
C SER A 18 -0.31 -9.04 11.31
N MET A 19 0.96 -8.74 11.19
CA MET A 19 1.39 -7.32 11.26
C MET A 19 0.65 -6.49 10.23
N ILE A 20 0.27 -7.08 9.14
CA ILE A 20 -0.46 -6.33 8.11
C ILE A 20 -1.93 -6.71 8.14
N ALA A 21 -2.49 -6.80 9.30
CA ALA A 21 -3.93 -7.16 9.43
C ALA A 21 -4.65 -6.14 10.32
N MET A 22 -4.28 -6.06 11.56
CA MET A 22 -4.94 -5.05 12.44
C MET A 22 -4.45 -3.66 12.04
N LEU A 23 -3.41 -3.61 11.24
CA LEU A 23 -2.86 -2.30 10.79
C LEU A 23 -3.55 -1.83 9.50
N ILE A 24 -4.34 -2.67 8.88
CA ILE A 24 -5.01 -2.24 7.62
C ILE A 24 -6.52 -2.04 7.84
N GLU A 25 -7.13 -2.88 8.63
CA GLU A 25 -8.59 -2.73 8.89
C GLU A 25 -8.86 -1.51 9.76
N ASP A 26 -7.99 -1.22 10.68
CA ASP A 26 -8.20 -0.04 11.57
C ASP A 26 -8.09 1.26 10.75
N THR A 27 -7.11 1.35 9.89
CA THR A 27 -6.95 2.58 9.08
C THR A 27 -8.23 2.84 8.28
N LEU A 28 -8.73 1.82 7.61
CA LEU A 28 -9.98 2.00 6.82
C LEU A 28 -11.14 2.32 7.75
N CYS A 29 -11.20 1.68 8.88
CA CYS A 29 -12.31 1.95 9.85
C CYS A 29 -12.51 3.47 10.00
N GLU A 30 -11.48 4.23 9.76
CA GLU A 30 -11.61 5.71 9.90
C GLU A 30 -11.90 6.36 8.54
N LEU A 31 -11.08 6.11 7.55
CA LEU A 31 -11.33 6.72 6.21
C LEU A 31 -12.58 6.12 5.58
N GLY A 32 -12.63 4.82 5.43
CA GLY A 32 -13.83 4.19 4.82
C GLY A 32 -13.47 3.61 3.44
N HIS A 33 -12.22 3.32 3.22
CA HIS A 33 -11.81 2.76 1.90
C HIS A 33 -12.80 1.66 1.48
N GLU A 34 -12.72 1.20 0.26
CA GLU A 34 -13.66 0.14 -0.20
C GLU A 34 -13.20 -1.23 0.32
N VAL A 35 -12.12 -1.74 -0.20
CA VAL A 35 -11.62 -3.07 0.27
C VAL A 35 -10.10 -3.13 0.17
N ALA A 36 -9.43 -3.27 1.27
CA ALA A 36 -7.94 -3.33 1.24
C ALA A 36 -7.49 -4.80 1.22
N ALA A 37 -6.20 -5.02 1.26
CA ALA A 37 -5.69 -6.42 1.25
C ALA A 37 -4.77 -6.64 2.44
N THR A 38 -4.88 -7.76 3.10
CA THR A 38 -4.02 -8.01 4.29
C THR A 38 -3.06 -9.17 4.05
N ALA A 39 -2.08 -9.31 4.90
CA ALA A 39 -1.08 -10.41 4.77
C ALA A 39 -0.47 -10.36 3.37
N SER A 40 0.55 -11.14 3.14
CA SER A 40 1.18 -11.12 1.79
C SER A 40 0.68 -12.30 0.96
N ARG A 41 -0.01 -12.02 -0.11
CA ARG A 41 -0.55 -13.11 -0.95
C ARG A 41 -0.09 -12.94 -2.40
N MET A 42 0.48 -13.96 -2.98
CA MET A 42 0.94 -13.85 -4.40
C MET A 42 -0.27 -13.71 -5.33
N GLN A 43 -1.35 -14.39 -5.02
CA GLN A 43 -2.56 -14.28 -5.87
C GLN A 43 -3.07 -12.84 -5.88
N GLU A 44 -3.40 -12.30 -4.73
CA GLU A 44 -3.90 -10.91 -4.67
C GLU A 44 -2.81 -9.95 -5.18
N ALA A 45 -1.60 -10.11 -4.73
CA ALA A 45 -0.51 -9.22 -5.21
C ALA A 45 -0.63 -9.07 -6.73
N LEU A 46 -0.88 -10.16 -7.41
CA LEU A 46 -1.03 -10.11 -8.88
C LEU A 46 -2.25 -9.24 -9.23
N ASP A 47 -3.29 -9.37 -8.47
CA ASP A 47 -4.52 -8.56 -8.74
C ASP A 47 -4.19 -7.07 -8.65
N ILE A 48 -3.47 -6.65 -7.65
CA ILE A 48 -3.12 -5.21 -7.54
C ILE A 48 -2.14 -4.85 -8.66
N ALA A 49 -1.51 -5.85 -9.23
CA ALA A 49 -0.55 -5.60 -10.33
C ALA A 49 -1.29 -5.61 -11.67
N ARG A 50 -2.27 -6.46 -11.80
CA ARG A 50 -3.04 -6.52 -13.07
C ARG A 50 -4.24 -5.56 -13.00
N LYS A 51 -4.65 -5.22 -11.82
CA LYS A 51 -5.81 -4.28 -11.66
C LYS A 51 -5.52 -2.96 -12.39
N GLY A 52 -4.29 -2.52 -12.37
CA GLY A 52 -3.96 -1.24 -13.06
C GLY A 52 -5.03 -0.20 -12.73
N GLN A 53 -5.66 -0.33 -11.60
CA GLN A 53 -6.73 0.63 -11.21
C GLN A 53 -6.70 0.91 -9.71
N PHE A 54 -6.31 -0.05 -8.91
CA PHE A 54 -6.27 0.19 -7.44
C PHE A 54 -5.58 1.52 -7.14
N ASP A 55 -5.52 1.90 -5.90
CA ASP A 55 -4.88 3.19 -5.56
C ASP A 55 -3.50 3.00 -4.93
N ILE A 56 -3.32 1.96 -4.14
CA ILE A 56 -1.99 1.78 -3.50
C ILE A 56 -1.57 0.30 -3.40
N ALA A 57 -0.30 0.05 -3.13
CA ALA A 57 0.18 -1.36 -3.07
C ALA A 57 1.34 -1.51 -2.06
N ILE A 58 1.09 -2.04 -0.89
CA ILE A 58 2.20 -2.24 0.08
C ILE A 58 2.58 -3.71 0.10
N ILE A 59 3.81 -4.02 -0.19
CA ILE A 59 4.23 -5.45 -0.22
C ILE A 59 5.62 -5.59 0.41
N ASP A 60 5.71 -5.67 1.71
CA ASP A 60 7.08 -5.79 2.34
C ASP A 60 8.02 -6.64 1.48
N VAL A 61 9.10 -6.06 1.02
CA VAL A 61 10.04 -6.82 0.13
C VAL A 61 11.21 -7.41 0.93
N ASN A 62 11.14 -7.41 2.22
CA ASN A 62 12.27 -7.99 3.02
C ASN A 62 11.78 -8.48 4.38
N LEU A 63 10.49 -8.62 4.54
CA LEU A 63 9.98 -9.10 5.85
C LEU A 63 9.55 -10.57 5.73
N ASP A 64 10.05 -11.41 6.60
CA ASP A 64 9.69 -12.86 6.54
C ASP A 64 10.40 -13.54 5.37
N GLY A 65 11.14 -12.79 4.58
CA GLY A 65 11.86 -13.44 3.44
C GLY A 65 11.38 -12.83 2.11
N GLU A 66 11.54 -11.54 1.95
CA GLU A 66 11.11 -10.88 0.67
C GLU A 66 9.88 -11.57 0.09
N PRO A 67 8.80 -11.53 0.83
CA PRO A 67 7.54 -12.16 0.39
C PRO A 67 6.84 -11.28 -0.64
N SER A 68 7.47 -10.22 -1.07
CA SER A 68 6.81 -9.32 -2.08
C SER A 68 7.01 -9.87 -3.49
N TYR A 69 7.41 -11.11 -3.61
CA TYR A 69 7.60 -11.73 -4.96
C TYR A 69 8.38 -10.80 -5.89
N PRO A 70 8.63 -11.29 -7.08
CA PRO A 70 9.39 -10.52 -8.07
C PRO A 70 8.57 -9.35 -8.62
N VAL A 71 7.37 -9.13 -8.14
CA VAL A 71 6.61 -7.97 -8.68
C VAL A 71 6.83 -6.76 -7.77
N ALA A 72 6.50 -6.85 -6.50
CA ALA A 72 6.78 -5.70 -5.61
C ALA A 72 8.20 -5.24 -5.90
N ASP A 73 9.06 -6.20 -6.10
CA ASP A 73 10.47 -5.89 -6.44
C ASP A 73 10.51 -4.99 -7.66
N ILE A 74 9.85 -5.42 -8.71
CA ILE A 74 9.83 -4.64 -9.96
C ILE A 74 8.99 -3.38 -9.78
N LEU A 75 7.88 -3.50 -9.11
CA LEU A 75 7.03 -2.30 -8.89
C LEU A 75 7.87 -1.19 -8.27
N ALA A 76 8.97 -1.56 -7.66
CA ALA A 76 9.86 -0.55 -7.03
C ALA A 76 10.93 -0.11 -8.02
N GLU A 77 11.29 -0.95 -8.95
CA GLU A 77 12.32 -0.58 -9.95
C GLU A 77 11.88 0.66 -10.74
N ARG A 78 10.62 0.75 -11.08
CA ARG A 78 10.14 1.93 -11.84
C ARG A 78 9.21 2.77 -10.98
N ASN A 79 8.53 2.16 -10.04
CA ASN A 79 7.61 2.93 -9.16
C ASN A 79 6.54 3.66 -9.98
N VAL A 80 5.31 3.52 -9.61
CA VAL A 80 4.18 4.19 -10.34
C VAL A 80 3.24 4.78 -9.30
N PRO A 81 2.06 5.22 -9.69
CA PRO A 81 1.13 5.79 -8.68
C PRO A 81 0.78 4.68 -7.69
N PHE A 82 1.19 4.84 -6.46
CA PHE A 82 0.94 3.80 -5.44
C PHE A 82 1.62 4.16 -4.12
N ILE A 83 2.04 3.13 -3.42
CA ILE A 83 2.76 3.31 -2.14
C ILE A 83 3.31 1.95 -1.74
N PHE A 84 4.49 1.91 -1.20
CA PHE A 84 5.06 0.59 -0.84
C PHE A 84 6.06 0.73 0.30
N ALA A 85 6.20 -0.28 1.08
CA ALA A 85 7.17 -0.21 2.18
C ALA A 85 7.97 -1.51 2.25
N THR A 86 9.11 -1.48 2.89
CA THR A 86 9.93 -2.73 2.98
C THR A 86 10.85 -2.67 4.20
N GLY A 87 11.47 -3.77 4.53
CA GLY A 87 12.40 -3.77 5.69
C GLY A 87 13.66 -3.02 5.31
N TYR A 88 13.53 -1.77 4.96
CA TYR A 88 14.71 -0.95 4.56
C TYR A 88 14.35 0.54 4.60
N GLY A 89 13.24 0.91 4.02
CA GLY A 89 12.85 2.35 4.04
C GLY A 89 12.73 2.90 2.61
N SER A 90 12.36 2.07 1.67
CA SER A 90 12.22 2.55 0.26
C SER A 90 13.51 3.21 -0.24
N LYS A 91 13.95 2.84 -1.41
CA LYS A 91 15.20 3.43 -1.95
C LYS A 91 14.90 4.77 -2.65
N GLY A 92 13.92 5.49 -2.18
CA GLY A 92 13.57 6.77 -2.85
C GLY A 92 12.39 6.53 -3.78
N LEU A 93 11.69 5.44 -3.58
CA LEU A 93 10.52 5.11 -4.44
C LEU A 93 9.78 6.37 -4.91
N ASP A 94 9.57 6.48 -6.19
CA ASP A 94 8.89 7.69 -6.76
C ASP A 94 7.48 7.35 -7.26
N THR A 95 6.61 8.32 -7.28
CA THR A 95 5.23 8.05 -7.76
C THR A 95 4.41 9.34 -7.75
N ARG A 96 3.16 9.27 -8.14
CA ARG A 96 2.32 10.48 -8.12
C ARG A 96 1.93 10.80 -6.67
N TYR A 97 2.45 10.03 -5.74
CA TYR A 97 2.09 10.25 -4.31
C TYR A 97 3.10 11.17 -3.61
N SER A 98 4.38 11.04 -3.92
CA SER A 98 5.42 11.91 -3.27
C SER A 98 5.73 11.46 -1.86
N ASN A 99 6.18 10.23 -1.68
CA ASN A 99 6.53 9.78 -0.30
C ASN A 99 5.32 9.93 0.63
N ILE A 100 4.78 8.84 1.10
CA ILE A 100 3.56 8.91 1.97
C ILE A 100 3.75 7.98 3.22
N PRO A 101 2.77 7.15 3.62
CA PRO A 101 3.00 6.28 4.82
C PRO A 101 3.93 5.11 4.46
N LEU A 102 4.58 5.18 3.34
CA LEU A 102 5.47 4.06 2.90
C LEU A 102 6.71 3.91 3.79
N LEU A 103 7.81 3.50 3.20
CA LEU A 103 9.10 3.32 3.96
C LEU A 103 9.06 2.03 4.79
N THR A 104 8.55 2.08 5.99
CA THR A 104 8.52 0.84 6.84
C THR A 104 7.87 1.12 8.20
N LYS A 105 7.87 2.36 8.64
CA LYS A 105 7.27 2.69 9.98
C LYS A 105 6.08 1.77 10.29
N PRO A 106 5.94 1.46 11.55
CA PRO A 106 4.86 0.56 12.01
C PRO A 106 3.49 1.26 11.97
N PHE A 107 3.03 1.79 13.07
CA PHE A 107 1.69 2.46 13.08
C PHE A 107 1.82 3.98 13.30
N LEU A 108 2.17 4.37 14.50
CA LEU A 108 2.32 5.82 14.85
C LEU A 108 2.37 6.73 13.61
N ASP A 109 3.53 7.22 13.26
CA ASP A 109 3.62 8.10 12.06
C ASP A 109 2.98 7.43 10.85
N SER A 110 3.03 6.13 10.79
CA SER A 110 2.43 5.41 9.62
C SER A 110 1.02 5.96 9.35
N GLU A 111 0.10 5.71 10.23
CA GLU A 111 -1.30 6.23 10.02
C GLU A 111 -1.27 7.71 9.67
N LEU A 112 -0.44 8.46 10.33
CA LEU A 112 -0.37 9.93 10.03
C LEU A 112 0.14 10.12 8.61
N GLU A 113 1.37 9.74 8.36
CA GLU A 113 1.92 9.89 6.99
C GLU A 113 0.92 9.33 5.99
N ALA A 114 0.19 8.34 6.41
CA ALA A 114 -0.78 7.71 5.47
C ALA A 114 -2.00 8.59 5.24
N VAL A 115 -2.33 9.47 6.12
CA VAL A 115 -3.56 10.29 5.86
C VAL A 115 -3.24 11.78 5.66
N LEU A 116 -2.17 12.27 6.20
CA LEU A 116 -1.87 13.73 6.02
C LEU A 116 -1.05 13.96 4.74
N VAL A 117 -0.44 12.95 4.19
CA VAL A 117 0.35 13.18 2.95
C VAL A 117 -0.57 13.24 1.73
N GLN A 118 -1.70 12.57 1.78
CA GLN A 118 -2.63 12.61 0.62
C GLN A 118 -3.28 13.99 0.57
N ILE A 119 -4.30 14.18 1.36
CA ILE A 119 -4.97 15.50 1.39
C ILE A 119 -5.00 16.12 -0.01
N SER A 120 -5.04 15.30 -1.02
CA SER A 120 -5.06 15.80 -2.43
C SER A 120 -3.72 16.50 -2.75
N LYS A 121 -3.68 17.80 -2.83
CA LYS A 121 -2.40 18.52 -3.13
C LYS A 121 -2.07 18.43 -4.63
N GLU A 122 -3.09 18.45 -5.45
CA GLU A 122 -2.88 18.37 -6.92
C GLU A 122 -4.15 18.87 -7.62
N VAL A 123 -4.88 19.71 -6.95
CA VAL A 123 -6.14 20.27 -7.50
C VAL A 123 -6.81 19.28 -8.46
N GLY A 1 -19.49 -7.09 -1.07
CA GLY A 1 -18.43 -6.82 -0.05
C GLY A 1 -17.28 -7.82 -0.22
N SER A 2 -16.58 -7.75 -1.31
CA SER A 2 -15.44 -8.69 -1.53
C SER A 2 -14.64 -8.27 -2.76
N HIS A 3 -15.30 -7.86 -3.81
CA HIS A 3 -14.57 -7.44 -5.04
C HIS A 3 -15.39 -6.41 -5.83
N MET A 4 -16.40 -5.85 -5.23
CA MET A 4 -17.22 -4.83 -5.96
C MET A 4 -16.70 -3.43 -5.66
N THR A 5 -17.24 -2.42 -6.29
CA THR A 5 -16.77 -1.04 -6.03
C THR A 5 -17.95 -0.13 -5.72
N GLU A 6 -17.70 0.97 -5.06
CA GLU A 6 -18.80 1.91 -4.74
C GLU A 6 -18.21 3.15 -4.07
N ARG A 7 -17.49 3.94 -4.81
CA ARG A 7 -16.86 5.17 -4.22
C ARG A 7 -15.77 4.77 -3.22
N ARG A 8 -15.45 3.51 -3.16
CA ARG A 8 -14.42 3.06 -2.21
C ARG A 8 -13.10 2.85 -2.95
N LEU A 9 -12.10 3.60 -2.60
CA LEU A 9 -10.79 3.45 -3.28
C LEU A 9 -10.21 2.10 -2.91
N ARG A 10 -9.16 1.69 -3.55
CA ARG A 10 -8.60 0.38 -3.21
C ARG A 10 -7.13 0.51 -2.81
N VAL A 11 -6.81 0.24 -1.57
CA VAL A 11 -5.40 0.36 -1.13
C VAL A 11 -4.79 -1.03 -0.95
N LEU A 12 -4.06 -1.50 -1.93
CA LEU A 12 -3.43 -2.86 -1.82
C LEU A 12 -2.28 -2.81 -0.83
N VAL A 13 -2.56 -3.04 0.43
CA VAL A 13 -1.46 -2.99 1.43
C VAL A 13 -1.07 -4.41 1.85
N VAL A 14 0.21 -4.66 1.98
CA VAL A 14 0.67 -6.02 2.37
C VAL A 14 2.10 -5.99 2.91
N GLU A 15 2.39 -6.82 3.88
CA GLU A 15 3.78 -6.85 4.44
C GLU A 15 3.86 -7.65 5.75
N ASP A 16 3.69 -7.00 6.86
CA ASP A 16 3.82 -7.71 8.17
C ASP A 16 2.61 -8.59 8.48
N GLU A 17 2.50 -9.69 7.79
CA GLU A 17 1.39 -10.67 8.01
C GLU A 17 0.13 -10.02 8.63
N SER A 18 -0.07 -10.17 9.91
CA SER A 18 -1.30 -9.60 10.55
C SER A 18 -1.07 -8.18 11.08
N MET A 19 0.14 -7.71 11.07
CA MET A 19 0.37 -6.32 11.58
C MET A 19 -0.21 -5.32 10.58
N ILE A 20 -0.25 -5.69 9.33
CA ILE A 20 -0.81 -4.80 8.28
C ILE A 20 -2.31 -5.04 8.14
N ALA A 21 -2.74 -6.23 8.47
CA ALA A 21 -4.17 -6.57 8.36
C ALA A 21 -5.03 -5.56 9.14
N MET A 22 -5.10 -5.69 10.44
CA MET A 22 -5.91 -4.71 11.22
C MET A 22 -5.44 -3.30 10.84
N LEU A 23 -4.25 -3.20 10.34
CA LEU A 23 -3.70 -1.89 9.94
C LEU A 23 -4.54 -1.27 8.82
N ILE A 24 -5.08 -2.07 7.95
CA ILE A 24 -5.89 -1.50 6.83
C ILE A 24 -7.40 -1.66 7.10
N GLU A 25 -7.81 -2.82 7.54
CA GLU A 25 -9.26 -3.03 7.81
C GLU A 25 -9.76 -2.03 8.86
N ASP A 26 -8.86 -1.50 9.66
CA ASP A 26 -9.30 -0.52 10.68
C ASP A 26 -9.30 0.90 10.10
N THR A 27 -8.23 1.32 9.49
CA THR A 27 -8.22 2.68 8.88
C THR A 27 -9.28 2.73 7.79
N LEU A 28 -9.49 1.62 7.13
CA LEU A 28 -10.52 1.56 6.06
C LEU A 28 -11.90 1.71 6.71
N CYS A 29 -12.08 1.13 7.86
CA CYS A 29 -13.39 1.24 8.56
C CYS A 29 -13.80 2.71 8.65
N GLU A 30 -12.85 3.59 8.89
CA GLU A 30 -13.18 5.04 8.98
C GLU A 30 -12.91 5.73 7.64
N LEU A 31 -11.98 5.23 6.87
CA LEU A 31 -11.67 5.86 5.56
C LEU A 31 -12.76 5.51 4.53
N GLY A 32 -13.00 4.25 4.31
CA GLY A 32 -14.05 3.87 3.31
C GLY A 32 -13.43 3.04 2.19
N HIS A 33 -12.13 2.92 2.15
CA HIS A 33 -11.50 2.12 1.06
C HIS A 33 -12.26 0.81 0.85
N GLU A 34 -11.98 0.12 -0.22
CA GLU A 34 -12.70 -1.17 -0.50
C GLU A 34 -11.79 -2.37 -0.22
N VAL A 35 -11.33 -2.52 1.00
CA VAL A 35 -10.43 -3.66 1.38
C VAL A 35 -9.66 -4.18 0.15
N ALA A 36 -8.45 -3.73 -0.03
CA ALA A 36 -7.66 -4.18 -1.21
C ALA A 36 -6.71 -5.33 -0.83
N ALA A 37 -5.59 -5.03 -0.21
CA ALA A 37 -4.65 -6.15 0.14
C ALA A 37 -4.29 -6.11 1.64
N THR A 38 -4.01 -7.27 2.19
CA THR A 38 -3.63 -7.34 3.64
C THR A 38 -2.50 -8.35 3.82
N ALA A 39 -1.62 -8.12 4.76
CA ALA A 39 -0.50 -9.09 4.96
C ALA A 39 0.31 -9.17 3.67
N SER A 40 1.42 -9.84 3.66
CA SER A 40 2.20 -9.92 2.40
C SER A 40 1.84 -11.21 1.67
N ARG A 41 1.24 -11.09 0.52
CA ARG A 41 0.84 -12.30 -0.25
C ARG A 41 1.43 -12.26 -1.66
N MET A 42 1.81 -13.37 -2.18
CA MET A 42 2.39 -13.40 -3.55
C MET A 42 1.27 -13.48 -4.59
N GLN A 43 0.14 -14.01 -4.22
CA GLN A 43 -0.99 -14.13 -5.18
C GLN A 43 -1.77 -12.80 -5.23
N GLU A 44 -2.21 -12.32 -4.10
CA GLU A 44 -2.96 -11.04 -4.08
C GLU A 44 -2.10 -9.91 -4.64
N ALA A 45 -0.85 -9.87 -4.27
CA ALA A 45 0.04 -8.80 -4.80
C ALA A 45 0.16 -8.98 -6.32
N LEU A 46 0.19 -10.20 -6.75
CA LEU A 46 0.27 -10.48 -8.21
C LEU A 46 -0.83 -9.71 -8.93
N ASP A 47 -1.95 -9.55 -8.29
CA ASP A 47 -3.07 -8.81 -8.93
C ASP A 47 -2.78 -7.30 -8.93
N ILE A 48 -2.42 -6.75 -7.80
CA ILE A 48 -2.12 -5.28 -7.76
C ILE A 48 -0.95 -4.99 -8.71
N ALA A 49 -0.07 -5.93 -8.87
CA ALA A 49 1.08 -5.72 -9.80
C ALA A 49 0.55 -5.66 -11.22
N ARG A 50 -0.24 -6.63 -11.60
CA ARG A 50 -0.81 -6.64 -12.96
C ARG A 50 -2.00 -5.68 -13.02
N LYS A 51 -2.40 -5.16 -11.88
CA LYS A 51 -3.55 -4.22 -11.87
C LYS A 51 -3.21 -2.96 -12.64
N GLY A 52 -2.11 -2.33 -12.31
CA GLY A 52 -1.70 -1.09 -13.01
C GLY A 52 -2.72 0.02 -12.73
N GLN A 53 -3.97 -0.21 -13.04
CA GLN A 53 -5.02 0.83 -12.81
C GLN A 53 -5.38 0.94 -11.32
N PHE A 54 -5.19 -0.10 -10.54
CA PHE A 54 -5.54 0.00 -9.09
C PHE A 54 -5.02 1.34 -8.53
N ASP A 55 -5.48 1.73 -7.37
CA ASP A 55 -5.04 3.04 -6.81
C ASP A 55 -3.72 2.97 -6.03
N ILE A 56 -3.54 2.01 -5.15
CA ILE A 56 -2.26 2.02 -4.37
C ILE A 56 -1.72 0.61 -4.10
N ALA A 57 -0.44 0.53 -3.77
CA ALA A 57 0.19 -0.81 -3.52
C ALA A 57 1.26 -0.76 -2.42
N ILE A 58 0.97 -1.19 -1.22
CA ILE A 58 2.04 -1.17 -0.17
C ILE A 58 2.55 -2.59 0.07
N ILE A 59 3.81 -2.79 -0.13
CA ILE A 59 4.43 -4.13 0.04
C ILE A 59 5.83 -4.00 0.62
N ASP A 60 5.94 -3.84 1.91
CA ASP A 60 7.29 -3.68 2.54
C ASP A 60 8.32 -4.59 1.86
N VAL A 61 9.52 -4.10 1.68
CA VAL A 61 10.57 -4.93 1.01
C VAL A 61 11.55 -5.50 2.05
N ASN A 62 11.24 -5.36 3.32
CA ASN A 62 12.15 -5.90 4.36
C ASN A 62 11.39 -6.21 5.64
N LEU A 63 10.09 -6.27 5.57
CA LEU A 63 9.30 -6.58 6.79
C LEU A 63 8.76 -8.00 6.66
N ASP A 64 8.81 -8.76 7.72
CA ASP A 64 8.31 -10.17 7.66
C ASP A 64 9.30 -11.04 6.86
N GLY A 65 10.33 -10.46 6.30
CA GLY A 65 11.32 -11.28 5.54
C GLY A 65 11.41 -10.80 4.09
N GLU A 66 11.16 -9.55 3.86
CA GLU A 66 11.24 -9.03 2.46
C GLU A 66 10.34 -9.84 1.52
N PRO A 67 9.12 -10.10 1.97
CA PRO A 67 8.16 -10.85 1.13
C PRO A 67 7.52 -9.93 0.08
N SER A 68 8.25 -8.96 -0.42
CA SER A 68 7.67 -8.03 -1.43
C SER A 68 7.78 -8.60 -2.85
N TYR A 69 8.00 -9.87 -2.96
CA TYR A 69 8.12 -10.52 -4.31
C TYR A 69 9.10 -9.75 -5.20
N PRO A 70 9.45 -10.38 -6.29
CA PRO A 70 10.38 -9.77 -7.26
C PRO A 70 9.73 -8.55 -7.91
N VAL A 71 8.48 -8.30 -7.63
CA VAL A 71 7.84 -7.11 -8.25
C VAL A 71 7.95 -5.90 -7.32
N ALA A 72 7.34 -5.90 -6.16
CA ALA A 72 7.52 -4.72 -5.23
C ALA A 72 8.95 -4.21 -5.37
N ASP A 73 9.85 -5.14 -5.54
CA ASP A 73 11.27 -4.80 -5.73
C ASP A 73 11.43 -4.07 -7.06
N ILE A 74 11.00 -4.72 -8.11
CA ILE A 74 11.11 -4.12 -9.46
C ILE A 74 10.17 -2.92 -9.57
N LEU A 75 9.00 -3.04 -9.01
CA LEU A 75 8.05 -1.90 -9.05
C LEU A 75 8.80 -0.65 -8.62
N ALA A 76 9.72 -0.80 -7.71
CA ALA A 76 10.52 0.36 -7.25
C ALA A 76 11.38 0.86 -8.40
N GLU A 77 12.13 -0.02 -9.02
CA GLU A 77 12.98 0.41 -10.17
C GLU A 77 12.14 1.21 -11.19
N ARG A 78 10.85 0.97 -11.20
CA ARG A 78 9.95 1.69 -12.14
C ARG A 78 8.69 2.14 -11.42
N ASN A 79 8.84 2.80 -10.31
CA ASN A 79 7.65 3.25 -9.53
C ASN A 79 6.75 4.18 -10.36
N VAL A 80 5.47 3.92 -10.36
CA VAL A 80 4.49 4.76 -11.13
C VAL A 80 3.43 5.32 -10.14
N PRO A 81 2.22 5.64 -10.58
CA PRO A 81 1.22 6.19 -9.63
C PRO A 81 0.76 5.07 -8.70
N PHE A 82 0.76 5.33 -7.42
CA PHE A 82 0.39 4.31 -6.39
C PHE A 82 0.94 4.76 -5.03
N ILE A 83 1.51 3.84 -4.29
CA ILE A 83 2.13 4.18 -2.99
C ILE A 83 2.88 2.96 -2.50
N PHE A 84 3.95 3.14 -1.79
CA PHE A 84 4.72 1.96 -1.30
C PHE A 84 5.56 2.31 -0.06
N ALA A 85 6.01 1.30 0.61
CA ALA A 85 6.86 1.54 1.79
C ALA A 85 7.85 0.39 1.93
N THR A 86 9.03 0.67 2.41
CA THR A 86 10.04 -0.41 2.54
C THR A 86 11.01 -0.08 3.66
N GLY A 87 11.70 -1.06 4.19
CA GLY A 87 12.69 -0.79 5.26
C GLY A 87 13.82 0.07 4.68
N TYR A 88 13.49 1.25 4.25
CA TYR A 88 14.49 2.16 3.63
C TYR A 88 13.92 3.57 3.58
N GLY A 89 12.65 3.70 3.22
CA GLY A 89 12.04 5.07 3.14
C GLY A 89 11.80 5.46 1.67
N SER A 90 11.63 4.49 0.82
CA SER A 90 11.40 4.79 -0.64
C SER A 90 12.46 5.72 -1.21
N LYS A 91 13.42 5.19 -1.94
CA LYS A 91 14.49 6.06 -2.54
C LYS A 91 13.89 7.38 -3.05
N GLY A 92 13.30 7.35 -4.22
CA GLY A 92 12.69 8.58 -4.76
C GLY A 92 11.48 8.20 -5.63
N LEU A 93 10.90 7.07 -5.33
CA LEU A 93 9.71 6.60 -6.12
C LEU A 93 8.84 7.79 -6.56
N ASP A 94 8.39 7.77 -7.77
CA ASP A 94 7.56 8.89 -8.29
C ASP A 94 6.12 8.42 -8.45
N THR A 95 5.19 9.32 -8.36
CA THR A 95 3.76 8.90 -8.47
C THR A 95 2.86 10.13 -8.50
N ARG A 96 1.73 10.02 -9.14
CA ARG A 96 0.79 11.17 -9.16
C ARG A 96 0.34 11.49 -7.73
N TYR A 97 0.68 10.63 -6.81
CA TYR A 97 0.29 10.82 -5.39
C TYR A 97 1.11 11.96 -4.76
N SER A 98 2.00 12.55 -5.51
CA SER A 98 2.82 13.67 -4.97
C SER A 98 3.66 13.23 -3.78
N ASN A 99 4.13 12.01 -3.78
CA ASN A 99 4.96 11.53 -2.64
C ASN A 99 4.37 12.00 -1.30
N ILE A 100 3.63 11.15 -0.63
CA ILE A 100 3.05 11.55 0.69
C ILE A 100 3.34 10.44 1.73
N PRO A 101 2.39 9.60 2.18
CA PRO A 101 2.81 8.55 3.17
C PRO A 101 3.76 7.54 2.55
N LEU A 102 4.92 7.97 2.17
CA LEU A 102 5.88 7.00 1.56
C LEU A 102 7.00 6.71 2.56
N LEU A 103 7.19 5.47 2.91
CA LEU A 103 8.27 5.14 3.90
C LEU A 103 8.15 3.67 4.36
N THR A 104 7.96 3.43 5.63
CA THR A 104 7.84 2.03 6.11
C THR A 104 7.40 1.98 7.58
N LYS A 105 8.28 1.61 8.46
CA LYS A 105 7.89 1.54 9.88
C LYS A 105 6.74 0.54 10.07
N PRO A 106 6.68 -0.04 11.23
CA PRO A 106 5.63 -1.04 11.53
C PRO A 106 4.27 -0.36 11.66
N PHE A 107 3.89 0.03 12.85
CA PHE A 107 2.58 0.70 13.03
C PHE A 107 2.80 2.11 13.57
N LEU A 108 1.88 2.62 14.36
CA LEU A 108 2.06 4.00 14.91
C LEU A 108 2.54 4.96 13.81
N ASP A 109 3.71 5.54 13.96
CA ASP A 109 4.24 6.50 12.93
C ASP A 109 3.82 6.12 11.51
N SER A 110 3.61 4.86 11.23
CA SER A 110 3.23 4.44 9.85
C SER A 110 1.78 4.83 9.51
N GLU A 111 0.82 4.19 10.13
CA GLU A 111 -0.60 4.48 9.83
C GLU A 111 -0.86 5.99 9.79
N LEU A 112 -0.44 6.68 10.80
CA LEU A 112 -0.69 8.15 10.86
C LEU A 112 -0.38 8.79 9.50
N GLU A 113 0.86 8.77 9.10
CA GLU A 113 1.20 9.39 7.78
C GLU A 113 0.23 8.88 6.73
N ALA A 114 0.23 7.60 6.51
CA ALA A 114 -0.66 7.00 5.48
C ALA A 114 -2.01 7.72 5.42
N VAL A 115 -2.44 8.35 6.48
CA VAL A 115 -3.75 9.05 6.39
C VAL A 115 -3.59 10.57 6.53
N LEU A 116 -2.48 11.02 7.04
CA LEU A 116 -2.28 12.50 7.18
C LEU A 116 -1.56 13.04 5.95
N VAL A 117 -0.85 12.21 5.25
CA VAL A 117 -0.15 12.69 4.01
C VAL A 117 -1.00 12.33 2.80
N GLN A 118 -1.82 11.32 2.94
CA GLN A 118 -2.69 10.92 1.81
C GLN A 118 -4.02 11.66 1.89
N ILE A 119 -3.99 12.91 2.24
CA ILE A 119 -5.26 13.68 2.33
C ILE A 119 -5.21 14.89 1.40
N SER A 120 -4.10 15.11 0.77
CA SER A 120 -4.00 16.24 -0.20
C SER A 120 -4.46 15.74 -1.57
N LYS A 121 -5.17 14.64 -1.57
CA LYS A 121 -5.67 14.03 -2.83
C LYS A 121 -6.56 15.02 -3.58
N GLU A 122 -6.55 14.97 -4.89
CA GLU A 122 -7.38 15.91 -5.69
C GLU A 122 -7.33 17.29 -5.06
N VAL A 123 -6.22 17.59 -4.45
CA VAL A 123 -6.03 18.89 -3.76
C VAL A 123 -7.36 19.45 -3.24
N GLY A 1 -29.14 1.26 7.70
CA GLY A 1 -29.85 0.72 6.52
C GLY A 1 -28.83 0.26 5.46
N SER A 2 -29.10 0.52 4.21
CA SER A 2 -28.14 0.10 3.15
C SER A 2 -28.53 0.75 1.81
N HIS A 3 -27.59 1.36 1.14
CA HIS A 3 -27.90 2.00 -0.16
C HIS A 3 -26.94 1.49 -1.25
N MET A 4 -26.41 0.32 -1.07
CA MET A 4 -25.45 -0.23 -2.08
C MET A 4 -24.13 0.55 -2.06
N THR A 5 -23.24 0.23 -2.96
CA THR A 5 -21.93 0.96 -3.00
C THR A 5 -21.71 1.53 -4.40
N GLU A 6 -20.80 2.46 -4.55
CA GLU A 6 -20.55 3.05 -5.89
C GLU A 6 -19.08 3.47 -6.02
N ARG A 7 -18.21 2.90 -5.23
CA ARG A 7 -16.77 3.26 -5.32
C ARG A 7 -15.92 2.25 -4.56
N ARG A 8 -15.65 1.12 -5.16
CA ARG A 8 -14.82 0.09 -4.47
C ARG A 8 -13.37 0.21 -4.94
N LEU A 9 -12.50 0.69 -4.10
CA LEU A 9 -11.08 0.83 -4.51
C LEU A 9 -10.30 -0.41 -4.07
N ARG A 10 -9.09 -0.56 -4.54
CA ARG A 10 -8.31 -1.76 -4.13
C ARG A 10 -6.94 -1.34 -3.58
N VAL A 11 -6.65 -1.68 -2.36
CA VAL A 11 -5.34 -1.29 -1.77
C VAL A 11 -4.46 -2.53 -1.57
N LEU A 12 -3.65 -2.87 -2.54
CA LEU A 12 -2.77 -4.08 -2.38
C LEU A 12 -1.64 -3.76 -1.42
N VAL A 13 -1.71 -4.28 -0.23
CA VAL A 13 -0.63 -4.01 0.75
C VAL A 13 -0.13 -5.32 1.36
N VAL A 14 1.16 -5.45 1.52
CA VAL A 14 1.70 -6.70 2.09
C VAL A 14 3.06 -6.43 2.77
N GLU A 15 3.33 -7.06 3.89
CA GLU A 15 4.63 -6.82 4.59
C GLU A 15 5.18 -8.10 5.25
N ASP A 16 4.51 -8.62 6.26
CA ASP A 16 5.01 -9.87 6.92
C ASP A 16 4.29 -10.11 8.25
N GLU A 17 2.99 -9.97 8.28
CA GLU A 17 2.27 -10.19 9.57
C GLU A 17 0.79 -9.84 9.44
N SER A 18 0.08 -9.86 10.54
CA SER A 18 -1.37 -9.53 10.50
C SER A 18 -1.59 -8.06 10.87
N MET A 19 -0.54 -7.36 11.22
CA MET A 19 -0.69 -5.92 11.57
C MET A 19 -1.11 -5.15 10.32
N ILE A 20 -0.93 -5.75 9.18
CA ILE A 20 -1.33 -5.09 7.90
C ILE A 20 -2.64 -5.69 7.41
N ALA A 21 -3.22 -6.57 8.19
CA ALA A 21 -4.49 -7.22 7.78
C ALA A 21 -5.67 -6.52 8.47
N MET A 22 -5.78 -6.66 9.77
CA MET A 22 -6.91 -5.98 10.47
C MET A 22 -6.82 -4.47 10.20
N LEU A 23 -5.67 -4.03 9.78
CA LEU A 23 -5.48 -2.58 9.48
C LEU A 23 -6.00 -2.28 8.07
N ILE A 24 -6.25 -3.29 7.29
CA ILE A 24 -6.77 -3.04 5.91
C ILE A 24 -8.30 -3.20 5.88
N GLU A 25 -8.82 -4.06 6.71
CA GLU A 25 -10.29 -4.27 6.74
C GLU A 25 -10.94 -3.18 7.59
N ASP A 26 -10.31 -2.83 8.67
CA ASP A 26 -10.87 -1.75 9.54
C ASP A 26 -10.90 -0.42 8.78
N THR A 27 -9.84 -0.13 8.07
CA THR A 27 -9.79 1.14 7.30
C THR A 27 -10.97 1.19 6.31
N LEU A 28 -11.20 0.12 5.60
CA LEU A 28 -12.33 0.11 4.63
C LEU A 28 -13.66 0.29 5.38
N CYS A 29 -13.76 -0.27 6.55
CA CYS A 29 -15.02 -0.13 7.32
C CYS A 29 -15.48 1.33 7.30
N GLU A 30 -14.56 2.23 7.08
CA GLU A 30 -14.93 3.67 7.05
C GLU A 30 -15.14 4.14 5.60
N LEU A 31 -14.15 4.00 4.77
CA LEU A 31 -14.30 4.44 3.35
C LEU A 31 -15.18 3.47 2.57
N GLY A 32 -14.83 2.21 2.55
CA GLY A 32 -15.65 1.21 1.82
C GLY A 32 -14.78 0.38 0.87
N HIS A 33 -13.48 0.52 0.97
CA HIS A 33 -12.58 -0.28 0.07
C HIS A 33 -13.11 -1.71 -0.03
N GLU A 34 -12.85 -2.38 -1.12
CA GLU A 34 -13.35 -3.77 -1.28
C GLU A 34 -12.39 -4.76 -0.61
N VAL A 35 -11.24 -4.95 -1.19
CA VAL A 35 -10.24 -5.90 -0.62
C VAL A 35 -9.00 -5.91 -1.50
N ALA A 36 -7.86 -6.20 -0.96
CA ALA A 36 -6.64 -6.20 -1.78
C ALA A 36 -5.60 -7.19 -1.25
N ALA A 37 -4.53 -6.71 -0.64
CA ALA A 37 -3.51 -7.67 -0.12
C ALA A 37 -3.26 -7.45 1.37
N THR A 38 -2.92 -8.49 2.07
CA THR A 38 -2.65 -8.35 3.54
C THR A 38 -1.42 -9.20 3.90
N ALA A 39 -0.51 -8.64 4.66
CA ALA A 39 0.72 -9.40 5.02
C ALA A 39 1.56 -9.61 3.77
N SER A 40 2.72 -10.19 3.87
CA SER A 40 3.53 -10.36 2.63
C SER A 40 3.47 -11.78 2.10
N ARG A 41 3.11 -11.90 0.86
CA ARG A 41 3.00 -13.23 0.21
C ARG A 41 3.45 -13.13 -1.25
N MET A 42 4.49 -13.82 -1.61
CA MET A 42 4.98 -13.76 -3.02
C MET A 42 3.81 -13.84 -4.01
N GLN A 43 2.87 -14.71 -3.76
CA GLN A 43 1.71 -14.85 -4.69
C GLN A 43 0.90 -13.56 -4.73
N GLU A 44 0.70 -12.94 -3.60
CA GLU A 44 -0.10 -11.67 -3.59
C GLU A 44 0.60 -10.59 -4.41
N ALA A 45 1.86 -10.36 -4.15
CA ALA A 45 2.60 -9.33 -4.92
C ALA A 45 2.40 -9.60 -6.40
N LEU A 46 2.27 -10.84 -6.73
CA LEU A 46 2.02 -11.22 -8.14
C LEU A 46 0.71 -10.58 -8.60
N ASP A 47 -0.36 -10.86 -7.92
CA ASP A 47 -1.67 -10.26 -8.31
C ASP A 47 -1.53 -8.76 -8.50
N ILE A 48 -0.72 -8.11 -7.72
CA ILE A 48 -0.55 -6.63 -7.86
C ILE A 48 0.62 -6.33 -8.81
N ALA A 49 1.36 -7.34 -9.19
CA ALA A 49 2.51 -7.11 -10.10
C ALA A 49 2.05 -7.03 -11.55
N ARG A 50 1.59 -8.12 -12.10
CA ARG A 50 1.15 -8.13 -13.52
C ARG A 50 -0.15 -7.30 -13.69
N LYS A 51 -0.77 -6.91 -12.61
CA LYS A 51 -2.03 -6.12 -12.73
C LYS A 51 -1.73 -4.72 -13.28
N GLY A 52 -0.82 -4.01 -12.67
CA GLY A 52 -0.47 -2.65 -13.16
C GLY A 52 -1.58 -1.62 -12.91
N GLN A 53 -2.81 -2.02 -12.79
CA GLN A 53 -3.91 -1.03 -12.58
C GLN A 53 -4.29 -0.93 -11.11
N PHE A 54 -3.95 -1.91 -10.31
CA PHE A 54 -4.33 -1.85 -8.88
C PHE A 54 -4.07 -0.44 -8.33
N ASP A 55 -4.97 0.05 -7.52
CA ASP A 55 -4.82 1.43 -6.99
C ASP A 55 -3.54 1.58 -6.15
N ILE A 56 -3.25 0.66 -5.28
CA ILE A 56 -2.02 0.83 -4.43
C ILE A 56 -1.21 -0.47 -4.31
N ALA A 57 -0.01 -0.40 -3.76
CA ALA A 57 0.82 -1.64 -3.65
C ALA A 57 1.90 -1.49 -2.58
N ILE A 58 1.73 -2.09 -1.43
CA ILE A 58 2.77 -1.96 -0.38
C ILE A 58 3.51 -3.29 -0.23
N ILE A 59 4.78 -3.22 -0.03
CA ILE A 59 5.58 -4.46 0.12
C ILE A 59 6.87 -4.15 0.89
N ASP A 60 6.81 -4.05 2.19
CA ASP A 60 8.03 -3.72 2.98
C ASP A 60 9.28 -4.38 2.38
N VAL A 61 10.21 -3.59 1.91
CA VAL A 61 11.45 -4.17 1.30
C VAL A 61 12.52 -4.43 2.37
N ASN A 62 12.18 -4.33 3.63
CA ASN A 62 13.20 -4.58 4.68
C ASN A 62 12.53 -4.93 6.02
N LEU A 63 11.79 -5.99 6.06
CA LEU A 63 11.13 -6.38 7.34
C LEU A 63 11.25 -7.89 7.53
N ASP A 64 11.70 -8.31 8.68
CA ASP A 64 11.86 -9.78 8.90
C ASP A 64 12.93 -10.30 7.94
N GLY A 65 13.66 -9.43 7.30
CA GLY A 65 14.71 -9.86 6.35
C GLY A 65 14.54 -9.08 5.05
N GLU A 66 13.36 -9.15 4.46
CA GLU A 66 13.03 -8.43 3.17
C GLU A 66 12.25 -9.37 2.24
N PRO A 67 11.02 -9.64 2.59
CA PRO A 67 10.16 -10.52 1.78
C PRO A 67 9.44 -9.71 0.68
N SER A 68 10.08 -8.67 0.20
CA SER A 68 9.43 -7.83 -0.85
C SER A 68 9.78 -8.34 -2.24
N TYR A 69 10.44 -9.47 -2.32
CA TYR A 69 10.83 -10.05 -3.65
C TYR A 69 11.42 -8.98 -4.58
N PRO A 70 11.86 -9.45 -5.71
CA PRO A 70 12.47 -8.54 -6.71
C PRO A 70 11.38 -7.67 -7.33
N VAL A 71 10.15 -7.88 -6.96
CA VAL A 71 9.06 -7.03 -7.54
C VAL A 71 8.99 -5.72 -6.78
N ALA A 72 8.57 -5.74 -5.53
CA ALA A 72 8.55 -4.48 -4.74
C ALA A 72 9.80 -3.70 -5.08
N ASP A 73 10.86 -4.44 -5.26
CA ASP A 73 12.14 -3.83 -5.64
C ASP A 73 11.98 -3.13 -6.99
N ILE A 74 11.51 -3.88 -7.95
CA ILE A 74 11.29 -3.31 -9.31
C ILE A 74 10.17 -2.28 -9.25
N LEU A 75 9.12 -2.60 -8.54
CA LEU A 75 8.00 -1.65 -8.42
C LEU A 75 8.57 -0.28 -8.05
N ALA A 76 9.73 -0.27 -7.45
CA ALA A 76 10.36 1.01 -7.05
C ALA A 76 11.23 1.56 -8.20
N GLU A 77 11.80 0.69 -9.00
CA GLU A 77 12.66 1.17 -10.12
C GLU A 77 11.85 2.07 -11.06
N ARG A 78 10.56 1.90 -11.13
CA ARG A 78 9.74 2.75 -12.02
C ARG A 78 8.58 3.38 -11.24
N ASN A 79 8.11 2.71 -10.22
CA ASN A 79 6.99 3.26 -9.40
C ASN A 79 5.80 3.64 -10.28
N VAL A 80 4.81 2.80 -10.33
CA VAL A 80 3.58 3.11 -11.13
C VAL A 80 2.54 3.73 -10.18
N PRO A 81 1.33 3.94 -10.62
CA PRO A 81 0.33 4.53 -9.71
C PRO A 81 0.15 3.58 -8.54
N PHE A 82 0.51 4.02 -7.36
CA PHE A 82 0.43 3.12 -6.18
C PHE A 82 0.89 3.81 -4.90
N ILE A 83 1.54 3.05 -4.06
CA ILE A 83 2.11 3.57 -2.79
C ILE A 83 2.98 2.47 -2.22
N PHE A 84 3.96 2.80 -1.43
CA PHE A 84 4.84 1.71 -0.89
C PHE A 84 5.52 2.11 0.43
N ALA A 85 6.03 1.13 1.11
CA ALA A 85 6.73 1.42 2.39
C ALA A 85 7.85 0.39 2.58
N THR A 86 8.93 0.77 3.20
CA THR A 86 10.05 -0.20 3.40
C THR A 86 10.82 0.14 4.68
N GLY A 87 11.58 -0.77 5.19
CA GLY A 87 12.37 -0.49 6.43
C GLY A 87 13.44 0.54 6.07
N TYR A 88 13.04 1.71 5.68
CA TYR A 88 14.02 2.76 5.30
C TYR A 88 13.29 4.08 5.01
N GLY A 89 12.11 4.02 4.44
CA GLY A 89 11.37 5.28 4.15
C GLY A 89 11.19 5.45 2.63
N SER A 90 11.42 4.41 1.86
CA SER A 90 11.25 4.53 0.38
C SER A 90 12.34 5.44 -0.20
N LYS A 91 12.52 5.41 -1.49
CA LYS A 91 13.55 6.29 -2.12
C LYS A 91 12.87 7.55 -2.63
N GLY A 92 11.59 7.46 -2.86
CA GLY A 92 10.84 8.64 -3.36
C GLY A 92 9.98 8.22 -4.56
N LEU A 93 9.43 7.03 -4.51
CA LEU A 93 8.57 6.54 -5.65
C LEU A 93 7.84 7.72 -6.31
N ASP A 94 7.92 7.82 -7.60
CA ASP A 94 7.25 8.96 -8.32
C ASP A 94 6.05 8.47 -9.12
N THR A 95 4.86 8.65 -8.61
CA THR A 95 3.66 8.19 -9.35
C THR A 95 2.49 9.15 -9.13
N ARG A 96 1.34 8.84 -9.65
CA ARG A 96 0.16 9.75 -9.49
C ARG A 96 -0.12 10.04 -8.02
N TYR A 97 0.46 9.30 -7.12
CA TYR A 97 0.19 9.53 -5.67
C TYR A 97 1.04 10.69 -5.13
N SER A 98 2.33 10.69 -5.37
CA SER A 98 3.22 11.80 -4.90
C SER A 98 3.62 11.65 -3.43
N ASN A 99 4.26 10.57 -3.08
CA ASN A 99 4.72 10.40 -1.67
C ASN A 99 3.62 10.74 -0.66
N ILE A 100 2.97 9.74 -0.13
CA ILE A 100 1.87 9.99 0.86
C ILE A 100 2.03 8.99 2.05
N PRO A 101 1.26 7.89 2.14
CA PRO A 101 1.52 6.97 3.28
C PRO A 101 2.73 6.13 2.94
N LEU A 102 3.82 6.74 2.55
CA LEU A 102 5.01 5.96 2.16
C LEU A 102 6.10 6.08 3.22
N LEU A 103 6.57 4.96 3.71
CA LEU A 103 7.66 4.94 4.75
C LEU A 103 7.66 3.60 5.49
N THR A 104 7.78 3.61 6.80
CA THR A 104 7.80 2.34 7.57
C THR A 104 7.00 2.49 8.86
N LYS A 105 5.72 2.29 8.81
CA LYS A 105 4.88 2.41 10.05
C LYS A 105 3.70 1.44 9.99
N PRO A 106 3.80 0.41 10.78
CA PRO A 106 2.72 -0.62 10.82
C PRO A 106 1.52 -0.06 11.59
N PHE A 107 0.40 0.10 10.94
CA PHE A 107 -0.80 0.64 11.63
C PHE A 107 -0.42 1.93 12.37
N LEU A 108 -0.21 3.00 11.66
CA LEU A 108 0.16 4.28 12.33
C LEU A 108 0.05 5.44 11.33
N ASP A 109 0.88 6.45 11.48
CA ASP A 109 0.80 7.61 10.55
C ASP A 109 0.62 7.10 9.12
N SER A 110 1.07 5.91 8.82
CA SER A 110 0.90 5.38 7.45
C SER A 110 -0.53 5.64 6.97
N GLU A 111 -1.50 4.98 7.55
CA GLU A 111 -2.91 5.21 7.13
C GLU A 111 -3.23 6.70 7.21
N LEU A 112 -2.87 7.31 8.31
CA LEU A 112 -3.15 8.78 8.46
C LEU A 112 -2.56 9.51 7.26
N GLU A 113 -1.30 9.33 7.03
CA GLU A 113 -0.64 9.98 5.87
C GLU A 113 -1.23 9.42 4.58
N ALA A 114 -1.88 8.29 4.67
CA ALA A 114 -2.46 7.67 3.46
C ALA A 114 -3.69 8.41 2.97
N VAL A 115 -4.34 9.18 3.80
CA VAL A 115 -5.56 9.87 3.30
C VAL A 115 -5.41 11.39 3.28
N LEU A 116 -4.71 11.97 4.21
CA LEU A 116 -4.59 13.46 4.21
C LEU A 116 -3.36 13.95 3.44
N VAL A 117 -2.37 13.11 3.23
CA VAL A 117 -1.17 13.59 2.48
C VAL A 117 -1.46 13.66 0.98
N GLN A 118 -2.45 12.94 0.52
CA GLN A 118 -2.79 12.97 -0.92
C GLN A 118 -3.05 14.41 -1.37
N ILE A 119 -3.27 15.30 -0.43
CA ILE A 119 -3.55 16.71 -0.80
C ILE A 119 -2.69 17.66 0.04
N SER A 120 -2.06 17.18 1.09
CA SER A 120 -1.22 18.06 1.93
C SER A 120 -0.42 19.03 1.04
N LYS A 121 0.31 18.50 0.10
CA LYS A 121 1.10 19.37 -0.79
C LYS A 121 2.00 20.30 0.02
N GLU A 122 3.26 19.96 0.13
CA GLU A 122 4.21 20.79 0.93
C GLU A 122 3.53 21.24 2.22
N VAL A 123 2.60 20.45 2.68
CA VAL A 123 1.85 20.76 3.93
C VAL A 123 1.87 22.26 4.24
N GLY A 1 -30.00 5.75 -5.27
CA GLY A 1 -31.26 4.97 -5.13
C GLY A 1 -31.03 3.53 -5.64
N SER A 2 -31.33 2.56 -4.83
CA SER A 2 -31.13 1.14 -5.27
C SER A 2 -29.76 0.99 -5.92
N HIS A 3 -28.73 0.77 -5.15
CA HIS A 3 -27.37 0.61 -5.73
C HIS A 3 -26.60 -0.48 -4.99
N MET A 4 -25.46 -0.87 -5.50
CA MET A 4 -24.67 -1.93 -4.81
C MET A 4 -23.17 -1.56 -4.79
N THR A 5 -22.71 -0.85 -5.79
CA THR A 5 -21.28 -0.47 -5.81
C THR A 5 -21.13 1.05 -5.74
N GLU A 6 -20.00 1.53 -5.32
CA GLU A 6 -19.82 3.01 -5.22
C GLU A 6 -18.33 3.34 -5.25
N ARG A 7 -17.63 2.96 -6.29
CA ARG A 7 -16.17 3.25 -6.35
C ARG A 7 -15.45 2.55 -5.20
N ARG A 8 -15.13 1.29 -5.36
CA ARG A 8 -14.44 0.56 -4.28
C ARG A 8 -12.93 0.58 -4.52
N LEU A 9 -12.17 1.03 -3.56
CA LEU A 9 -10.70 1.08 -3.76
C LEU A 9 -10.05 -0.14 -3.11
N ARG A 10 -8.83 -0.42 -3.44
CA ARG A 10 -8.18 -1.61 -2.84
C ARG A 10 -6.71 -1.31 -2.53
N VAL A 11 -6.30 -1.56 -1.31
CA VAL A 11 -4.87 -1.31 -0.94
C VAL A 11 -4.15 -2.64 -0.76
N LEU A 12 -3.57 -3.16 -1.80
CA LEU A 12 -2.87 -4.48 -1.67
C LEU A 12 -1.63 -4.31 -0.81
N VAL A 13 -1.77 -4.51 0.47
CA VAL A 13 -0.60 -4.34 1.39
C VAL A 13 -0.02 -5.70 1.75
N VAL A 14 1.27 -5.79 1.83
CA VAL A 14 1.90 -7.09 2.18
C VAL A 14 3.25 -6.87 2.87
N GLU A 15 3.58 -7.69 3.83
CA GLU A 15 4.87 -7.51 4.55
C GLU A 15 5.16 -8.72 5.45
N ASP A 16 4.40 -8.93 6.49
CA ASP A 16 4.67 -10.10 7.36
C ASP A 16 3.47 -10.46 8.24
N GLU A 17 2.66 -11.37 7.76
CA GLU A 17 1.46 -11.84 8.54
C GLU A 17 0.79 -10.72 9.34
N SER A 18 0.03 -11.11 10.34
CA SER A 18 -0.73 -10.16 11.20
C SER A 18 -0.12 -8.75 11.25
N MET A 19 1.16 -8.62 11.39
CA MET A 19 1.77 -7.26 11.46
C MET A 19 1.17 -6.37 10.39
N ILE A 20 0.71 -6.96 9.33
CA ILE A 20 0.11 -6.16 8.24
C ILE A 20 -1.42 -6.27 8.33
N ALA A 21 -1.89 -7.29 8.97
CA ALA A 21 -3.36 -7.48 9.11
C ALA A 21 -4.01 -6.20 9.63
N MET A 22 -4.12 -6.07 10.94
CA MET A 22 -4.74 -4.83 11.49
C MET A 22 -4.21 -3.62 10.71
N LEU A 23 -3.01 -3.72 10.22
CA LEU A 23 -2.44 -2.61 9.42
C LEU A 23 -3.35 -2.23 8.25
N ILE A 24 -4.15 -3.16 7.79
CA ILE A 24 -5.04 -2.84 6.62
C ILE A 24 -6.50 -2.65 7.07
N GLU A 25 -7.01 -3.52 7.89
CA GLU A 25 -8.43 -3.38 8.33
C GLU A 25 -8.61 -2.09 9.14
N ASP A 26 -7.56 -1.60 9.74
CA ASP A 26 -7.69 -0.34 10.53
C ASP A 26 -7.81 0.86 9.59
N THR A 27 -7.00 0.91 8.57
CA THR A 27 -7.08 2.06 7.62
C THR A 27 -8.46 2.06 6.93
N LEU A 28 -8.84 0.95 6.37
CA LEU A 28 -10.17 0.89 5.70
C LEU A 28 -11.27 1.21 6.72
N CYS A 29 -11.04 0.88 7.97
CA CYS A 29 -12.06 1.16 9.01
C CYS A 29 -12.43 2.64 8.98
N GLU A 30 -11.54 3.47 8.49
CA GLU A 30 -11.83 4.92 8.43
C GLU A 30 -12.40 5.29 7.05
N LEU A 31 -11.68 5.00 6.00
CA LEU A 31 -12.17 5.33 4.64
C LEU A 31 -13.32 4.39 4.27
N GLY A 32 -13.06 3.11 4.29
CA GLY A 32 -14.11 2.13 3.93
C GLY A 32 -13.53 1.10 2.96
N HIS A 33 -12.94 1.57 1.89
CA HIS A 33 -12.32 0.65 0.90
C HIS A 33 -13.14 -0.64 0.77
N GLU A 34 -12.55 -1.68 0.25
CA GLU A 34 -13.28 -2.97 0.10
C GLU A 34 -12.45 -4.09 0.72
N VAL A 35 -11.33 -4.39 0.14
CA VAL A 35 -10.44 -5.47 0.67
C VAL A 35 -9.21 -5.57 -0.23
N ALA A 36 -8.05 -5.83 0.32
CA ALA A 36 -6.85 -5.92 -0.54
C ALA A 36 -5.91 -7.04 -0.11
N ALA A 37 -4.70 -6.73 0.30
CA ALA A 37 -3.76 -7.83 0.68
C ALA A 37 -3.20 -7.64 2.09
N THR A 38 -2.83 -8.72 2.70
CA THR A 38 -2.24 -8.67 4.08
C THR A 38 -1.15 -9.74 4.21
N ALA A 39 0.07 -9.32 4.48
CA ALA A 39 1.25 -10.23 4.64
C ALA A 39 2.01 -10.27 3.32
N SER A 40 3.21 -10.80 3.32
CA SER A 40 3.97 -10.81 2.05
C SER A 40 3.75 -12.12 1.28
N ARG A 41 3.16 -12.01 0.13
CA ARG A 41 2.89 -13.20 -0.70
C ARG A 41 3.35 -12.95 -2.14
N MET A 42 3.89 -13.95 -2.79
CA MET A 42 4.37 -13.75 -4.18
C MET A 42 3.22 -13.85 -5.18
N GLN A 43 2.23 -14.66 -4.92
CA GLN A 43 1.07 -14.76 -5.86
C GLN A 43 0.25 -13.47 -5.80
N GLU A 44 -0.12 -13.06 -4.61
CA GLU A 44 -0.92 -11.81 -4.48
C GLU A 44 -0.10 -10.62 -5.02
N ALA A 45 1.10 -10.46 -4.57
CA ALA A 45 1.94 -9.34 -5.06
C ALA A 45 1.79 -9.25 -6.58
N LEU A 46 1.94 -10.36 -7.25
CA LEU A 46 1.79 -10.36 -8.72
C LEU A 46 0.43 -9.73 -9.08
N ASP A 47 -0.60 -10.11 -8.37
CA ASP A 47 -1.95 -9.53 -8.66
C ASP A 47 -1.85 -8.01 -8.67
N ILE A 48 -0.88 -7.45 -7.99
CA ILE A 48 -0.72 -5.97 -7.96
C ILE A 48 0.38 -5.55 -8.95
N ALA A 49 1.46 -6.28 -8.98
CA ALA A 49 2.57 -5.92 -9.91
C ALA A 49 2.06 -5.91 -11.36
N ARG A 50 1.37 -6.93 -11.75
CA ARG A 50 0.84 -6.99 -13.14
C ARG A 50 -0.43 -6.14 -13.24
N LYS A 51 -0.91 -5.64 -12.14
CA LYS A 51 -2.15 -4.82 -12.16
C LYS A 51 -1.90 -3.45 -12.77
N GLY A 52 -0.89 -2.76 -12.29
CA GLY A 52 -0.63 -1.40 -12.83
C GLY A 52 -1.94 -0.63 -12.85
N GLN A 53 -2.87 -1.01 -12.02
CA GLN A 53 -4.20 -0.34 -11.99
C GLN A 53 -4.79 -0.33 -10.57
N PHE A 54 -4.35 -1.18 -9.68
CA PHE A 54 -4.93 -1.17 -8.31
C PHE A 54 -4.83 0.23 -7.72
N ASP A 55 -5.09 0.37 -6.45
CA ASP A 55 -5.00 1.72 -5.82
C ASP A 55 -3.70 1.87 -5.05
N ILE A 56 -3.27 0.86 -4.32
CA ILE A 56 -2.01 1.00 -3.55
C ILE A 56 -1.24 -0.33 -3.49
N ALA A 57 0.02 -0.28 -3.11
CA ALA A 57 0.82 -1.54 -3.05
C ALA A 57 1.92 -1.45 -1.99
N ILE A 58 1.73 -2.06 -0.85
CA ILE A 58 2.78 -2.00 0.20
C ILE A 58 3.51 -3.34 0.27
N ILE A 59 4.81 -3.33 0.31
CA ILE A 59 5.56 -4.62 0.36
C ILE A 59 6.89 -4.42 1.09
N ASP A 60 6.89 -4.37 2.40
CA ASP A 60 8.17 -4.19 3.15
C ASP A 60 9.30 -5.03 2.53
N VAL A 61 10.36 -4.41 2.09
CA VAL A 61 11.49 -5.17 1.46
C VAL A 61 12.65 -5.40 2.44
N ASN A 62 12.37 -5.53 3.71
CA ASN A 62 13.48 -5.76 4.67
C ASN A 62 12.97 -6.26 6.02
N LEU A 63 11.78 -6.77 6.07
CA LEU A 63 11.24 -7.27 7.36
C LEU A 63 11.01 -8.77 7.28
N ASP A 64 11.46 -9.51 8.26
CA ASP A 64 11.27 -10.98 8.24
C ASP A 64 12.16 -11.62 7.16
N GLY A 65 12.93 -10.85 6.44
CA GLY A 65 13.81 -11.45 5.40
C GLY A 65 13.57 -10.77 4.05
N GLU A 66 13.08 -9.57 4.04
CA GLU A 66 12.84 -8.88 2.75
C GLU A 66 11.95 -9.73 1.84
N PRO A 67 10.75 -9.97 2.31
CA PRO A 67 9.78 -10.77 1.53
C PRO A 67 9.08 -9.91 0.47
N SER A 68 9.66 -8.81 0.10
CA SER A 68 9.01 -7.92 -0.93
C SER A 68 9.42 -8.36 -2.34
N TYR A 69 10.11 -9.45 -2.45
CA TYR A 69 10.56 -9.96 -3.80
C TYR A 69 11.13 -8.84 -4.67
N PRO A 70 11.66 -9.25 -5.79
CA PRO A 70 12.28 -8.31 -6.74
C PRO A 70 11.23 -7.46 -7.45
N VAL A 71 9.97 -7.62 -7.11
CA VAL A 71 8.96 -6.77 -7.81
C VAL A 71 8.80 -5.46 -7.04
N ALA A 72 8.44 -5.51 -5.78
CA ALA A 72 8.37 -4.24 -4.99
C ALA A 72 9.67 -3.50 -5.27
N ASP A 73 10.72 -4.25 -5.35
CA ASP A 73 12.04 -3.65 -5.66
C ASP A 73 11.93 -2.89 -6.97
N ILE A 74 11.48 -3.56 -7.98
CA ILE A 74 11.30 -2.90 -9.30
C ILE A 74 10.19 -1.87 -9.20
N LEU A 75 9.26 -2.10 -8.33
CA LEU A 75 8.18 -1.12 -8.12
C LEU A 75 8.83 0.21 -7.74
N ALA A 76 10.07 0.15 -7.31
CA ALA A 76 10.83 1.37 -6.96
C ALA A 76 11.68 1.74 -8.18
N GLU A 77 11.95 0.75 -8.99
CA GLU A 77 12.74 0.95 -10.22
C GLU A 77 11.96 1.81 -11.23
N ARG A 78 10.67 1.86 -11.07
CA ARG A 78 9.83 2.67 -12.00
C ARG A 78 8.67 3.33 -11.22
N ASN A 79 8.16 2.66 -10.23
CA ASN A 79 7.05 3.23 -9.41
C ASN A 79 5.84 3.62 -10.27
N VAL A 80 4.67 3.35 -9.75
CA VAL A 80 3.40 3.68 -10.45
C VAL A 80 2.44 4.27 -9.40
N PRO A 81 1.22 4.61 -9.76
CA PRO A 81 0.29 5.16 -8.76
C PRO A 81 0.11 4.11 -7.67
N PHE A 82 0.47 4.46 -6.46
CA PHE A 82 0.39 3.47 -5.34
C PHE A 82 0.96 4.04 -4.03
N ILE A 83 1.58 3.18 -3.26
CA ILE A 83 2.19 3.58 -1.98
C ILE A 83 3.03 2.41 -1.48
N PHE A 84 4.18 2.65 -0.89
CA PHE A 84 5.02 1.49 -0.44
C PHE A 84 5.73 1.78 0.89
N ALA A 85 6.25 0.75 1.49
CA ALA A 85 6.98 0.95 2.76
C ALA A 85 8.12 -0.07 2.87
N THR A 86 9.27 0.35 3.32
CA THR A 86 10.40 -0.61 3.45
C THR A 86 11.24 -0.29 4.70
N GLY A 87 12.25 -1.09 4.95
CA GLY A 87 13.10 -0.86 6.17
C GLY A 87 13.70 0.55 6.21
N TYR A 88 13.89 1.20 5.10
CA TYR A 88 14.49 2.57 5.17
C TYR A 88 13.42 3.67 5.08
N GLY A 89 12.23 3.35 4.64
CA GLY A 89 11.17 4.39 4.59
C GLY A 89 11.03 4.98 3.18
N SER A 90 11.09 4.16 2.16
CA SER A 90 10.93 4.68 0.76
C SER A 90 11.98 5.74 0.44
N LYS A 91 12.62 5.62 -0.70
CA LYS A 91 13.64 6.62 -1.10
C LYS A 91 12.97 7.88 -1.67
N GLY A 92 11.66 7.88 -1.72
CA GLY A 92 10.94 9.07 -2.28
C GLY A 92 10.38 8.71 -3.65
N LEU A 93 9.95 7.49 -3.82
CA LEU A 93 9.41 7.05 -5.14
C LEU A 93 8.47 8.10 -5.74
N ASP A 94 8.05 7.90 -6.95
CA ASP A 94 7.12 8.88 -7.58
C ASP A 94 5.73 8.26 -7.72
N THR A 95 4.72 9.07 -7.72
CA THR A 95 3.34 8.52 -7.84
C THR A 95 2.33 9.66 -7.77
N ARG A 96 1.12 9.43 -8.23
CA ARG A 96 0.10 10.51 -8.15
C ARG A 96 -0.22 10.79 -6.69
N TYR A 97 0.30 9.99 -5.80
CA TYR A 97 0.04 10.17 -4.36
C TYR A 97 0.85 11.36 -3.81
N SER A 98 1.88 11.76 -4.51
CA SER A 98 2.69 12.93 -4.06
C SER A 98 3.41 12.65 -2.75
N ASN A 99 3.90 11.46 -2.56
CA ASN A 99 4.62 11.17 -1.29
C ASN A 99 3.73 11.44 -0.08
N ILE A 100 3.37 10.43 0.64
CA ILE A 100 2.50 10.62 1.84
C ILE A 100 2.71 9.44 2.83
N PRO A 101 1.84 8.43 2.96
CA PRO A 101 2.15 7.33 3.92
C PRO A 101 3.37 6.53 3.44
N LEU A 102 4.46 7.16 3.17
CA LEU A 102 5.64 6.39 2.71
C LEU A 102 6.59 6.15 3.87
N LEU A 103 6.90 4.91 4.16
CA LEU A 103 7.83 4.65 5.32
C LEU A 103 7.96 3.16 5.62
N THR A 104 8.48 2.83 6.77
CA THR A 104 8.65 1.40 7.13
C THR A 104 7.40 0.87 7.84
N LYS A 105 6.95 1.57 8.85
CA LYS A 105 5.72 1.12 9.59
C LYS A 105 4.89 2.33 9.99
N PRO A 106 3.60 2.23 9.79
CA PRO A 106 2.70 3.35 10.11
C PRO A 106 2.37 3.38 11.61
N PHE A 107 1.15 3.04 11.99
CA PHE A 107 0.80 3.06 13.44
C PHE A 107 1.15 4.41 14.07
N LEU A 108 0.95 5.49 13.37
CA LEU A 108 1.28 6.83 13.93
C LEU A 108 1.10 7.93 12.87
N ASP A 109 1.92 8.96 12.94
CA ASP A 109 1.81 10.06 11.93
C ASP A 109 1.54 9.48 10.54
N SER A 110 2.02 8.30 10.29
CA SER A 110 1.78 7.68 8.96
C SER A 110 0.28 7.57 8.70
N GLU A 111 -0.44 6.87 9.54
CA GLU A 111 -1.91 6.76 9.36
C GLU A 111 -2.45 8.13 8.97
N LEU A 112 -1.88 9.15 9.54
CA LEU A 112 -2.32 10.53 9.19
C LEU A 112 -1.90 10.81 7.75
N GLU A 113 -0.66 10.52 7.43
CA GLU A 113 -0.17 10.73 6.05
C GLU A 113 -0.92 9.78 5.13
N ALA A 114 -1.23 8.61 5.61
CA ALA A 114 -1.94 7.61 4.76
C ALA A 114 -3.32 8.11 4.32
N VAL A 115 -3.89 9.04 5.01
CA VAL A 115 -5.23 9.52 4.58
C VAL A 115 -5.14 10.91 3.94
N LEU A 116 -4.22 11.72 4.39
CA LEU A 116 -4.10 13.08 3.77
C LEU A 116 -3.60 12.94 2.33
N VAL A 117 -3.15 11.76 1.97
CA VAL A 117 -2.65 11.54 0.58
C VAL A 117 -3.57 12.23 -0.43
N GLN A 118 -4.85 12.24 -0.14
CA GLN A 118 -5.81 12.87 -1.09
C GLN A 118 -6.64 13.94 -0.37
N ILE A 119 -5.98 14.93 0.17
CA ILE A 119 -6.72 16.01 0.89
C ILE A 119 -7.07 17.15 -0.08
N SER A 120 -6.94 16.91 -1.35
CA SER A 120 -7.25 17.96 -2.37
C SER A 120 -6.18 19.04 -2.37
N LYS A 121 -4.94 18.65 -2.45
CA LYS A 121 -3.84 19.66 -2.47
C LYS A 121 -3.53 20.08 -3.90
N GLU A 122 -3.81 21.31 -4.24
CA GLU A 122 -3.54 21.78 -5.64
C GLU A 122 -4.01 20.73 -6.63
N VAL A 123 -4.96 19.93 -6.23
CA VAL A 123 -5.50 18.84 -7.09
C VAL A 123 -4.49 18.40 -8.15
N GLY A 1 -20.26 -9.29 -19.43
CA GLY A 1 -19.70 -8.30 -18.47
C GLY A 1 -20.84 -7.66 -17.68
N SER A 2 -20.57 -7.22 -16.48
CA SER A 2 -21.64 -6.58 -15.66
C SER A 2 -21.04 -5.83 -14.48
N HIS A 3 -20.77 -4.56 -14.65
CA HIS A 3 -20.16 -3.78 -13.52
C HIS A 3 -21.01 -3.96 -12.27
N MET A 4 -20.67 -3.27 -11.20
CA MET A 4 -21.46 -3.43 -9.94
C MET A 4 -21.11 -2.32 -8.96
N THR A 5 -19.84 -2.07 -8.74
CA THR A 5 -19.44 -1.00 -7.78
C THR A 5 -18.48 -0.02 -8.44
N GLU A 6 -18.36 1.17 -7.89
CA GLU A 6 -17.43 2.17 -8.51
C GLU A 6 -17.09 3.27 -7.49
N ARG A 7 -17.26 3.01 -6.22
CA ARG A 7 -16.92 4.05 -5.19
C ARG A 7 -16.29 3.39 -3.97
N ARG A 8 -15.66 2.27 -4.17
CA ARG A 8 -15.02 1.58 -3.01
C ARG A 8 -13.53 1.86 -3.00
N LEU A 9 -13.03 2.41 -1.93
CA LEU A 9 -11.58 2.69 -1.86
C LEU A 9 -10.84 1.38 -1.64
N ARG A 10 -9.76 1.15 -2.31
CA ARG A 10 -9.06 -0.13 -2.11
C ARG A 10 -7.63 0.07 -1.62
N VAL A 11 -7.23 -0.71 -0.66
CA VAL A 11 -5.83 -0.57 -0.12
C VAL A 11 -5.16 -1.95 -0.05
N LEU A 12 -4.49 -2.35 -1.09
CA LEU A 12 -3.82 -3.68 -1.07
C LEU A 12 -2.39 -3.53 -0.51
N VAL A 13 -2.22 -3.70 0.78
CA VAL A 13 -0.86 -3.54 1.36
C VAL A 13 -0.34 -4.86 1.91
N VAL A 14 0.94 -5.05 1.86
CA VAL A 14 1.53 -6.32 2.38
C VAL A 14 2.96 -6.05 2.89
N GLU A 15 3.31 -6.62 4.01
CA GLU A 15 4.68 -6.38 4.57
C GLU A 15 5.28 -7.64 5.17
N ASP A 16 4.68 -8.20 6.19
CA ASP A 16 5.26 -9.43 6.80
C ASP A 16 4.22 -10.16 7.66
N GLU A 17 3.69 -9.53 8.68
CA GLU A 17 2.70 -10.26 9.54
C GLU A 17 1.83 -9.31 10.37
N SER A 18 1.52 -9.70 11.58
CA SER A 18 0.63 -8.88 12.48
C SER A 18 0.98 -7.39 12.47
N MET A 19 2.14 -7.00 12.04
CA MET A 19 2.48 -5.55 12.05
C MET A 19 1.63 -4.82 11.03
N ILE A 20 1.48 -5.40 9.89
CA ILE A 20 0.67 -4.76 8.83
C ILE A 20 -0.70 -5.41 8.78
N ALA A 21 -1.14 -5.93 9.88
CA ALA A 21 -2.47 -6.59 9.93
C ALA A 21 -3.47 -5.70 10.66
N MET A 22 -3.67 -5.93 11.93
CA MET A 22 -4.64 -5.08 12.69
C MET A 22 -4.43 -3.61 12.33
N LEU A 23 -3.22 -3.24 11.97
CA LEU A 23 -2.95 -1.83 11.60
C LEU A 23 -3.68 -1.47 10.30
N ILE A 24 -4.23 -2.44 9.61
CA ILE A 24 -4.95 -2.14 8.34
C ILE A 24 -6.46 -2.34 8.49
N GLU A 25 -6.88 -3.23 9.35
CA GLU A 25 -8.33 -3.45 9.53
C GLU A 25 -8.91 -2.35 10.43
N ASP A 26 -8.09 -1.75 11.24
CA ASP A 26 -8.57 -0.66 12.13
C ASP A 26 -8.61 0.66 11.36
N THR A 27 -7.58 0.94 10.61
CA THR A 27 -7.56 2.20 9.82
C THR A 27 -8.81 2.26 8.94
N LEU A 28 -9.11 1.18 8.27
CA LEU A 28 -10.31 1.14 7.40
C LEU A 28 -11.56 1.41 8.24
N CYS A 29 -11.63 0.83 9.41
CA CYS A 29 -12.80 1.07 10.28
C CYS A 29 -13.09 2.56 10.36
N GLU A 30 -12.07 3.37 10.19
CA GLU A 30 -12.26 4.84 10.26
C GLU A 30 -12.39 5.44 8.85
N LEU A 31 -12.07 4.70 7.82
CA LEU A 31 -12.17 5.27 6.45
C LEU A 31 -13.35 4.65 5.68
N GLY A 32 -13.39 3.36 5.56
CA GLY A 32 -14.52 2.72 4.81
C GLY A 32 -13.98 1.75 3.77
N HIS A 33 -12.73 1.91 3.37
CA HIS A 33 -12.09 1.02 2.35
C HIS A 33 -12.85 -0.30 2.19
N GLU A 34 -13.04 -0.73 0.97
CA GLU A 34 -13.78 -2.01 0.73
C GLU A 34 -13.01 -3.20 1.28
N VAL A 35 -11.92 -3.56 0.66
CA VAL A 35 -11.13 -4.72 1.16
C VAL A 35 -9.65 -4.51 0.84
N ALA A 36 -8.83 -4.44 1.86
CA ALA A 36 -7.40 -4.23 1.64
C ALA A 36 -6.63 -5.55 1.83
N ALA A 37 -5.32 -5.48 1.82
CA ALA A 37 -4.53 -6.72 2.01
C ALA A 37 -3.55 -6.50 3.17
N THR A 38 -3.20 -7.53 3.89
CA THR A 38 -2.28 -7.35 5.05
C THR A 38 -1.17 -8.41 5.03
N ALA A 39 -0.01 -8.04 5.51
CA ALA A 39 1.14 -8.99 5.56
C ALA A 39 1.69 -9.22 4.15
N SER A 40 2.80 -9.88 4.02
CA SER A 40 3.34 -10.11 2.66
C SER A 40 3.00 -11.51 2.16
N ARG A 41 2.25 -11.58 1.10
CA ARG A 41 1.85 -12.88 0.53
C ARG A 41 1.89 -12.83 -1.00
N MET A 42 2.73 -13.63 -1.59
CA MET A 42 2.83 -13.62 -3.08
C MET A 42 1.45 -13.80 -3.73
N GLN A 43 0.60 -14.59 -3.13
CA GLN A 43 -0.76 -14.80 -3.72
C GLN A 43 -1.53 -13.47 -3.70
N GLU A 44 -1.48 -12.76 -2.61
CA GLU A 44 -2.20 -11.46 -2.53
C GLU A 44 -1.51 -10.42 -3.41
N ALA A 45 -0.21 -10.33 -3.33
CA ALA A 45 0.51 -9.33 -4.19
C ALA A 45 -0.06 -9.40 -5.60
N LEU A 46 -0.38 -10.58 -6.05
CA LEU A 46 -0.96 -10.74 -7.40
C LEU A 46 -2.32 -10.04 -7.45
N ASP A 47 -3.06 -10.13 -6.40
CA ASP A 47 -4.41 -9.47 -6.35
C ASP A 47 -4.27 -7.96 -6.50
N ILE A 48 -3.11 -7.42 -6.22
CA ILE A 48 -2.92 -5.94 -6.36
C ILE A 48 -2.18 -5.63 -7.67
N ALA A 49 -1.69 -6.66 -8.32
CA ALA A 49 -0.93 -6.45 -9.59
C ALA A 49 -1.82 -6.40 -10.82
N ARG A 50 -2.49 -7.48 -11.12
CA ARG A 50 -3.35 -7.52 -12.34
C ARG A 50 -4.49 -6.49 -12.26
N LYS A 51 -4.79 -5.98 -11.11
CA LYS A 51 -5.90 -4.98 -11.02
C LYS A 51 -5.61 -3.79 -11.94
N GLY A 52 -4.45 -3.21 -11.80
CA GLY A 52 -4.11 -2.03 -12.64
C GLY A 52 -5.04 -0.87 -12.28
N GLN A 53 -5.82 -1.02 -11.24
CA GLN A 53 -6.76 0.08 -10.84
C GLN A 53 -6.80 0.22 -9.31
N PHE A 54 -6.44 -0.80 -8.56
CA PHE A 54 -6.50 -0.68 -7.09
C PHE A 54 -5.98 0.68 -6.66
N ASP A 55 -6.33 1.13 -5.49
CA ASP A 55 -5.88 2.48 -5.04
C ASP A 55 -4.43 2.49 -4.56
N ILE A 56 -4.06 1.61 -3.66
CA ILE A 56 -2.64 1.65 -3.18
C ILE A 56 -2.01 0.26 -3.11
N ALA A 57 -0.70 0.21 -2.92
CA ALA A 57 -0.01 -1.11 -2.87
C ALA A 57 1.29 -1.03 -2.05
N ILE A 58 1.29 -1.50 -0.83
CA ILE A 58 2.53 -1.46 -0.02
C ILE A 58 3.17 -2.85 -0.02
N ILE A 59 4.44 -2.90 -0.28
CA ILE A 59 5.12 -4.22 -0.33
C ILE A 59 6.57 -4.08 0.16
N ASP A 60 6.78 -4.12 1.43
CA ASP A 60 8.20 -3.99 1.93
C ASP A 60 9.18 -4.72 1.01
N VAL A 61 10.42 -4.31 1.02
CA VAL A 61 11.41 -4.99 0.12
C VAL A 61 12.67 -5.35 0.91
N ASN A 62 12.52 -5.69 2.16
CA ASN A 62 13.71 -6.07 2.99
C ASN A 62 13.25 -6.89 4.19
N LEU A 63 12.37 -6.35 4.97
CA LEU A 63 11.83 -7.11 6.15
C LEU A 63 10.76 -8.06 5.65
N ASP A 64 11.13 -9.26 5.30
CA ASP A 64 10.14 -10.24 4.73
C ASP A 64 9.70 -9.80 3.32
N GLY A 65 9.53 -8.52 3.11
CA GLY A 65 9.14 -8.04 1.76
C GLY A 65 10.36 -8.13 0.84
N GLU A 66 11.53 -8.34 1.42
CA GLU A 66 12.79 -8.47 0.61
C GLU A 66 12.47 -9.00 -0.78
N PRO A 67 11.79 -10.11 -0.81
CA PRO A 67 11.38 -10.69 -2.10
C PRO A 67 10.58 -9.67 -2.90
N SER A 68 9.46 -9.24 -2.41
CA SER A 68 8.64 -8.23 -3.15
C SER A 68 8.26 -8.72 -4.56
N TYR A 69 8.57 -9.95 -4.88
CA TYR A 69 8.21 -10.48 -6.24
C TYR A 69 8.69 -9.51 -7.33
N PRO A 70 8.58 -9.98 -8.55
CA PRO A 70 8.99 -9.16 -9.71
C PRO A 70 7.97 -8.04 -9.93
N VAL A 71 6.98 -7.93 -9.09
CA VAL A 71 5.97 -6.85 -9.27
C VAL A 71 6.29 -5.66 -8.36
N ALA A 72 6.14 -5.75 -7.05
CA ALA A 72 6.51 -4.57 -6.21
C ALA A 72 7.82 -4.02 -6.73
N ASP A 73 8.64 -4.90 -7.22
CA ASP A 73 9.92 -4.49 -7.81
C ASP A 73 9.64 -3.63 -9.04
N ILE A 74 8.83 -4.15 -9.92
CA ILE A 74 8.47 -3.41 -11.15
C ILE A 74 7.59 -2.24 -10.75
N LEU A 75 6.64 -2.47 -9.89
CA LEU A 75 5.76 -1.40 -9.41
C LEU A 75 6.61 -0.16 -9.13
N ALA A 76 7.85 -0.38 -8.80
CA ALA A 76 8.77 0.75 -8.52
C ALA A 76 9.41 1.28 -9.83
N GLU A 77 9.70 0.40 -10.75
CA GLU A 77 10.34 0.86 -12.02
C GLU A 77 9.32 1.61 -12.90
N ARG A 78 8.05 1.43 -12.67
CA ARG A 78 7.04 2.14 -13.49
C ARG A 78 5.82 2.49 -12.64
N ASN A 79 6.01 2.53 -11.34
CA ASN A 79 4.88 2.84 -10.41
C ASN A 79 3.87 3.80 -11.02
N VAL A 80 2.63 3.62 -10.66
CA VAL A 80 1.53 4.50 -11.19
C VAL A 80 0.81 5.11 -9.96
N PRO A 81 -0.46 5.45 -10.03
CA PRO A 81 -1.10 6.02 -8.82
C PRO A 81 -1.18 4.91 -7.76
N PHE A 82 -0.52 5.12 -6.65
CA PHE A 82 -0.49 4.07 -5.60
C PHE A 82 0.37 4.53 -4.42
N ILE A 83 1.05 3.60 -3.81
CA ILE A 83 1.96 3.93 -2.70
C ILE A 83 2.79 2.69 -2.38
N PHE A 84 3.93 2.83 -1.80
CA PHE A 84 4.76 1.63 -1.51
C PHE A 84 5.73 1.91 -0.36
N ALA A 85 6.33 0.89 0.15
CA ALA A 85 7.28 1.10 1.27
C ALA A 85 8.35 0.02 1.25
N THR A 86 9.43 0.25 1.94
CA THR A 86 10.51 -0.78 1.97
C THR A 86 11.50 -0.48 3.09
N GLY A 87 12.30 -1.44 3.47
CA GLY A 87 13.28 -1.21 4.57
C GLY A 87 14.00 0.12 4.32
N TYR A 88 14.09 0.53 3.09
CA TYR A 88 14.77 1.82 2.79
C TYR A 88 13.89 2.99 3.21
N GLY A 89 12.79 3.19 2.54
CA GLY A 89 11.91 4.33 2.89
C GLY A 89 11.23 4.86 1.62
N SER A 90 11.78 4.55 0.46
CA SER A 90 11.18 5.00 -0.85
C SER A 90 12.22 5.12 -1.96
N LYS A 91 12.39 4.08 -2.75
CA LYS A 91 13.39 4.11 -3.87
C LYS A 91 13.03 5.15 -4.92
N GLY A 92 12.84 6.39 -4.53
CA GLY A 92 12.50 7.45 -5.53
C GLY A 92 11.24 7.04 -6.31
N LEU A 93 10.38 6.26 -5.71
CA LEU A 93 9.14 5.82 -6.42
C LEU A 93 8.37 7.03 -6.96
N ASP A 94 7.87 6.94 -8.16
CA ASP A 94 7.09 8.08 -8.75
C ASP A 94 5.61 7.69 -8.85
N THR A 95 4.74 8.65 -8.81
CA THR A 95 3.28 8.35 -8.91
C THR A 95 2.46 9.62 -8.76
N ARG A 96 1.22 9.58 -9.16
CA ARG A 96 0.37 10.79 -9.01
C ARG A 96 0.43 11.27 -7.57
N TYR A 97 0.82 10.40 -6.67
CA TYR A 97 0.91 10.81 -5.24
C TYR A 97 2.09 11.79 -5.05
N SER A 98 3.24 11.50 -5.62
CA SER A 98 4.42 12.45 -5.54
C SER A 98 5.13 12.40 -4.20
N ASN A 99 5.84 11.33 -3.90
CA ASN A 99 6.59 11.29 -2.60
C ASN A 99 5.65 11.67 -1.45
N ILE A 100 5.15 10.70 -0.74
CA ILE A 100 4.19 10.99 0.35
C ILE A 100 4.19 9.79 1.36
N PRO A 101 3.05 9.19 1.74
CA PRO A 101 3.13 8.06 2.71
C PRO A 101 3.88 6.88 2.12
N LEU A 102 5.17 6.92 2.13
CA LEU A 102 5.94 5.77 1.58
C LEU A 102 7.25 5.61 2.34
N LEU A 103 7.54 4.38 2.76
CA LEU A 103 8.83 4.08 3.51
C LEU A 103 8.60 2.92 4.50
N THR A 104 9.26 2.93 5.62
CA THR A 104 9.05 1.84 6.61
C THR A 104 8.21 2.38 7.78
N LYS A 105 7.25 1.64 8.23
CA LYS A 105 6.40 2.15 9.35
C LYS A 105 6.29 1.12 10.47
N PRO A 106 6.25 1.61 11.68
CA PRO A 106 6.14 0.74 12.87
C PRO A 106 4.70 0.26 13.04
N PHE A 107 3.87 1.05 13.67
CA PHE A 107 2.45 0.65 13.86
C PHE A 107 1.57 1.90 14.03
N LEU A 108 2.06 3.03 13.60
CA LEU A 108 1.27 4.29 13.72
C LEU A 108 1.63 5.25 12.59
N ASP A 109 2.90 5.35 12.25
CA ASP A 109 3.30 6.25 11.15
C ASP A 109 2.49 5.93 9.90
N SER A 110 1.94 4.75 9.85
CA SER A 110 1.12 4.32 8.68
C SER A 110 -0.13 5.20 8.52
N GLU A 111 -1.05 5.06 9.43
CA GLU A 111 -2.31 5.87 9.33
C GLU A 111 -1.99 7.36 9.19
N LEU A 112 -1.15 7.88 10.03
CA LEU A 112 -0.84 9.34 9.94
C LEU A 112 -0.14 9.69 8.62
N GLU A 113 0.89 8.98 8.25
CA GLU A 113 1.58 9.32 6.98
C GLU A 113 0.65 9.10 5.79
N ALA A 114 -0.05 8.00 5.79
CA ALA A 114 -0.94 7.66 4.64
C ALA A 114 -2.02 8.72 4.35
N VAL A 115 -2.46 9.47 5.33
CA VAL A 115 -3.54 10.46 5.03
C VAL A 115 -3.06 11.91 5.18
N LEU A 116 -2.05 12.16 5.96
CA LEU A 116 -1.59 13.57 6.14
C LEU A 116 -0.46 13.91 5.16
N VAL A 117 0.43 13.00 4.88
CA VAL A 117 1.54 13.32 3.95
C VAL A 117 0.99 13.78 2.59
N GLN A 118 -0.24 13.42 2.29
CA GLN A 118 -0.84 13.86 0.99
C GLN A 118 -1.45 15.25 1.15
N ILE A 119 -0.96 16.03 2.07
CA ILE A 119 -1.53 17.39 2.26
C ILE A 119 -0.51 18.31 2.96
N SER A 120 0.75 17.96 2.91
CA SER A 120 1.78 18.81 3.57
C SER A 120 2.16 19.99 2.67
N LYS A 121 1.61 20.05 1.49
CA LYS A 121 1.94 21.18 0.57
C LYS A 121 1.87 22.51 1.33
N GLU A 122 2.98 23.19 1.44
CA GLU A 122 3.01 24.50 2.17
C GLU A 122 2.17 24.37 3.45
N VAL A 123 2.12 23.19 3.98
CA VAL A 123 1.34 22.96 5.23
C VAL A 123 -0.05 23.60 5.10
N GLY A 1 -29.09 -5.13 1.22
CA GLY A 1 -27.69 -4.65 1.21
C GLY A 1 -27.66 -3.13 1.36
N SER A 2 -27.89 -2.40 0.29
CA SER A 2 -27.89 -0.91 0.37
C SER A 2 -26.48 -0.40 0.67
N HIS A 3 -25.47 -1.13 0.26
CA HIS A 3 -24.07 -0.69 0.52
C HIS A 3 -23.12 -1.28 -0.54
N MET A 4 -23.53 -1.24 -1.79
CA MET A 4 -22.65 -1.80 -2.86
C MET A 4 -21.41 -0.93 -3.05
N THR A 5 -21.56 0.25 -3.60
CA THR A 5 -20.38 1.13 -3.81
C THR A 5 -20.66 2.53 -3.27
N GLU A 6 -19.64 3.30 -3.06
CA GLU A 6 -19.85 4.69 -2.54
C GLU A 6 -18.52 5.46 -2.57
N ARG A 7 -17.88 5.53 -3.71
CA ARG A 7 -16.59 6.25 -3.80
C ARG A 7 -15.57 5.62 -2.86
N ARG A 8 -15.13 4.43 -3.15
CA ARG A 8 -14.15 3.78 -2.26
C ARG A 8 -12.84 3.51 -2.99
N LEU A 9 -11.78 4.15 -2.60
CA LEU A 9 -10.47 3.89 -3.26
C LEU A 9 -9.97 2.55 -2.75
N ARG A 10 -8.96 1.99 -3.32
CA ARG A 10 -8.51 0.67 -2.81
C ARG A 10 -6.99 0.61 -2.72
N VAL A 11 -6.47 0.03 -1.68
CA VAL A 11 -5.00 -0.08 -1.54
C VAL A 11 -4.59 -1.54 -1.36
N LEU A 12 -3.97 -2.12 -2.35
CA LEU A 12 -3.53 -3.53 -2.22
C LEU A 12 -2.35 -3.59 -1.26
N VAL A 13 -2.59 -3.69 0.01
CA VAL A 13 -1.43 -3.69 0.94
C VAL A 13 -1.10 -5.09 1.45
N VAL A 14 0.16 -5.36 1.54
CA VAL A 14 0.64 -6.66 2.03
C VAL A 14 2.06 -6.48 2.57
N GLU A 15 2.46 -7.20 3.58
CA GLU A 15 3.83 -6.95 4.11
C GLU A 15 4.18 -7.91 5.26
N ASP A 16 3.36 -8.02 6.27
CA ASP A 16 3.70 -8.93 7.40
C ASP A 16 2.56 -9.90 7.71
N GLU A 17 1.84 -9.70 8.79
CA GLU A 17 0.75 -10.64 9.14
C GLU A 17 -0.52 -9.89 9.60
N SER A 18 -0.75 -9.80 10.88
CA SER A 18 -1.98 -9.09 11.36
C SER A 18 -1.71 -7.61 11.59
N MET A 19 -0.48 -7.21 11.73
CA MET A 19 -0.19 -5.77 11.97
C MET A 19 -0.71 -4.95 10.78
N ILE A 20 -0.66 -5.51 9.61
CA ILE A 20 -1.15 -4.79 8.40
C ILE A 20 -2.63 -5.11 8.16
N ALA A 21 -3.22 -5.86 9.04
CA ALA A 21 -4.66 -6.21 8.87
C ALA A 21 -5.53 -5.25 9.69
N MET A 22 -5.30 -5.20 10.98
CA MET A 22 -6.10 -4.28 11.84
C MET A 22 -5.66 -2.83 11.60
N LEU A 23 -4.68 -2.64 10.76
CA LEU A 23 -4.20 -1.25 10.48
C LEU A 23 -4.81 -0.74 9.17
N ILE A 24 -5.17 -1.62 8.27
CA ILE A 24 -5.76 -1.17 6.98
C ILE A 24 -7.29 -1.08 7.09
N GLU A 25 -7.90 -2.05 7.71
CA GLU A 25 -9.38 -2.04 7.84
C GLU A 25 -9.83 -1.03 8.91
N ASP A 26 -9.00 -0.77 9.88
CA ASP A 26 -9.41 0.21 10.94
C ASP A 26 -9.31 1.65 10.41
N THR A 27 -8.21 2.00 9.80
CA THR A 27 -8.09 3.39 9.27
C THR A 27 -9.25 3.67 8.32
N LEU A 28 -9.59 2.72 7.50
CA LEU A 28 -10.73 2.91 6.56
C LEU A 28 -12.00 3.16 7.35
N CYS A 29 -12.16 2.46 8.45
CA CYS A 29 -13.38 2.66 9.28
C CYS A 29 -13.60 4.15 9.54
N GLU A 30 -12.56 4.94 9.42
CA GLU A 30 -12.69 6.39 9.67
C GLU A 30 -12.91 7.14 8.35
N LEU A 31 -12.41 6.62 7.26
CA LEU A 31 -12.59 7.31 5.96
C LEU A 31 -13.66 6.62 5.10
N GLY A 32 -13.49 5.35 4.83
CA GLY A 32 -14.52 4.65 4.00
C GLY A 32 -13.83 3.77 2.95
N HIS A 33 -12.58 4.01 2.68
CA HIS A 33 -11.84 3.20 1.67
C HIS A 33 -12.27 1.73 1.74
N GLU A 34 -12.06 0.98 0.69
CA GLU A 34 -12.45 -0.45 0.70
C GLU A 34 -11.20 -1.33 0.66
N VAL A 35 -10.59 -1.54 1.81
CA VAL A 35 -9.36 -2.38 1.92
C VAL A 35 -9.25 -3.36 0.75
N ALA A 36 -8.07 -3.53 0.22
CA ALA A 36 -7.90 -4.45 -0.93
C ALA A 36 -7.03 -5.65 -0.52
N ALA A 37 -5.83 -5.42 -0.07
CA ALA A 37 -4.96 -6.56 0.32
C ALA A 37 -4.45 -6.39 1.75
N THR A 38 -4.23 -7.48 2.44
CA THR A 38 -3.72 -7.40 3.84
C THR A 38 -2.69 -8.51 4.09
N ALA A 39 -1.62 -8.21 4.79
CA ALA A 39 -0.57 -9.23 5.07
C ALA A 39 0.22 -9.49 3.79
N SER A 40 1.33 -10.18 3.87
CA SER A 40 2.12 -10.42 2.63
C SER A 40 1.71 -11.73 1.96
N ARG A 41 1.27 -11.66 0.73
CA ARG A 41 0.85 -12.88 -0.01
C ARG A 41 1.42 -12.85 -1.42
N MET A 42 2.04 -13.92 -1.85
CA MET A 42 2.62 -13.95 -3.22
C MET A 42 1.53 -14.13 -4.27
N GLN A 43 0.46 -14.79 -3.93
CA GLN A 43 -0.63 -15.01 -4.92
C GLN A 43 -1.33 -13.68 -5.24
N GLU A 44 -1.87 -13.04 -4.24
CA GLU A 44 -2.57 -11.75 -4.48
C GLU A 44 -1.57 -10.68 -4.90
N ALA A 45 -0.36 -10.78 -4.42
CA ALA A 45 0.68 -9.79 -4.80
C ALA A 45 1.03 -9.98 -6.27
N LEU A 46 1.00 -11.20 -6.73
CA LEU A 46 1.32 -11.46 -8.15
C LEU A 46 0.31 -10.72 -9.03
N ASP A 47 -0.88 -10.53 -8.53
CA ASP A 47 -1.92 -9.80 -9.32
C ASP A 47 -1.61 -8.30 -9.37
N ILE A 48 -1.44 -7.68 -8.23
CA ILE A 48 -1.14 -6.20 -8.24
C ILE A 48 0.21 -5.95 -8.92
N ALA A 49 0.97 -6.98 -9.17
CA ALA A 49 2.28 -6.78 -9.83
C ALA A 49 2.11 -6.82 -11.34
N ARG A 50 1.22 -7.65 -11.81
CA ARG A 50 1.00 -7.75 -13.26
C ARG A 50 -0.32 -7.07 -13.62
N LYS A 51 -1.16 -6.83 -12.65
CA LYS A 51 -2.46 -6.15 -12.92
C LYS A 51 -2.22 -4.73 -13.41
N GLY A 52 -1.38 -4.00 -12.72
CA GLY A 52 -1.11 -2.59 -13.13
C GLY A 52 -2.43 -1.85 -13.24
N GLN A 53 -3.26 -1.94 -12.23
CA GLN A 53 -4.57 -1.24 -12.27
C GLN A 53 -4.97 -0.78 -10.87
N PHE A 54 -4.76 -1.60 -9.89
CA PHE A 54 -5.11 -1.22 -8.48
C PHE A 54 -4.68 0.24 -8.24
N ASP A 55 -5.37 0.94 -7.40
CA ASP A 55 -5.00 2.36 -7.13
C ASP A 55 -3.59 2.41 -6.52
N ILE A 56 -3.39 1.73 -5.42
CA ILE A 56 -2.05 1.77 -4.77
C ILE A 56 -1.61 0.37 -4.33
N ALA A 57 -0.35 0.18 -4.03
CA ALA A 57 0.11 -1.16 -3.61
C ALA A 57 1.08 -1.05 -2.43
N ILE A 58 1.28 -2.12 -1.74
CA ILE A 58 2.24 -2.11 -0.61
C ILE A 58 2.76 -3.53 -0.41
N ILE A 59 4.04 -3.68 -0.35
CA ILE A 59 4.65 -5.03 -0.18
C ILE A 59 5.98 -4.90 0.56
N ASP A 60 5.95 -4.53 1.81
CA ASP A 60 7.22 -4.36 2.57
C ASP A 60 8.18 -5.51 2.26
N VAL A 61 9.33 -5.21 1.71
CA VAL A 61 10.29 -6.30 1.40
C VAL A 61 11.28 -6.49 2.55
N ASN A 62 10.86 -6.23 3.76
CA ASN A 62 11.79 -6.42 4.92
C ASN A 62 11.03 -6.53 6.24
N LEU A 63 9.75 -6.67 6.21
CA LEU A 63 9.00 -6.77 7.48
C LEU A 63 8.37 -8.15 7.60
N ASP A 64 8.61 -8.81 8.70
CA ASP A 64 8.05 -10.18 8.92
C ASP A 64 8.86 -11.22 8.14
N GLY A 65 9.76 -10.82 7.27
CA GLY A 65 10.53 -11.85 6.52
C GLY A 65 11.46 -11.20 5.51
N GLU A 66 11.00 -10.16 4.87
CA GLU A 66 11.81 -9.47 3.83
C GLU A 66 11.74 -10.20 2.48
N PRO A 67 10.62 -10.84 2.23
CA PRO A 67 10.47 -11.56 0.94
C PRO A 67 10.21 -10.58 -0.20
N SER A 68 9.00 -10.12 -0.32
CA SER A 68 8.62 -9.14 -1.40
C SER A 68 9.07 -9.57 -2.82
N TYR A 69 9.79 -10.65 -2.97
CA TYR A 69 10.25 -11.10 -4.32
C TYR A 69 10.81 -9.92 -5.14
N PRO A 70 11.35 -10.27 -6.27
CA PRO A 70 11.94 -9.26 -7.16
C PRO A 70 10.87 -8.41 -7.84
N VAL A 71 9.61 -8.57 -7.49
CA VAL A 71 8.60 -7.72 -8.16
C VAL A 71 8.39 -6.44 -7.35
N ALA A 72 8.21 -6.54 -6.06
CA ALA A 72 8.11 -5.29 -5.28
C ALA A 72 9.40 -4.56 -5.55
N ASP A 73 10.45 -5.32 -5.69
CA ASP A 73 11.76 -4.74 -6.02
C ASP A 73 11.64 -4.03 -7.36
N ILE A 74 11.16 -4.74 -8.34
CA ILE A 74 10.97 -4.15 -9.68
C ILE A 74 10.06 -2.94 -9.56
N LEU A 75 8.97 -3.12 -8.86
CA LEU A 75 8.04 -1.99 -8.66
C LEU A 75 8.83 -0.73 -8.26
N ALA A 76 9.99 -0.92 -7.67
CA ALA A 76 10.82 0.25 -7.26
C ALA A 76 11.87 0.55 -8.34
N GLU A 77 12.05 -0.35 -9.28
CA GLU A 77 13.05 -0.11 -10.36
C GLU A 77 12.44 0.74 -11.48
N ARG A 78 11.20 0.54 -11.81
CA ARG A 78 10.56 1.35 -12.88
C ARG A 78 9.45 2.23 -12.29
N ASN A 79 8.81 1.75 -11.25
CA ASN A 79 7.73 2.53 -10.56
C ASN A 79 6.82 3.30 -11.54
N VAL A 80 5.59 2.88 -11.62
CA VAL A 80 4.58 3.57 -12.49
C VAL A 80 3.55 4.24 -11.55
N PRO A 81 2.25 4.21 -11.83
CA PRO A 81 1.29 4.82 -10.87
C PRO A 81 1.00 3.83 -9.74
N PHE A 82 1.28 4.20 -8.51
CA PHE A 82 1.03 3.27 -7.36
C PHE A 82 1.64 3.88 -6.10
N ILE A 83 2.07 3.04 -5.22
CA ILE A 83 2.75 3.48 -3.98
C ILE A 83 3.38 2.27 -3.33
N PHE A 84 4.41 2.45 -2.55
CA PHE A 84 5.07 1.26 -1.93
C PHE A 84 5.85 1.64 -0.68
N ALA A 85 6.24 0.65 0.07
CA ALA A 85 7.03 0.91 1.29
C ALA A 85 8.02 -0.25 1.50
N THR A 86 9.03 -0.05 2.32
CA THR A 86 9.99 -1.17 2.54
C THR A 86 10.97 -0.84 3.66
N GLY A 87 11.82 -1.77 3.98
CA GLY A 87 12.82 -1.55 5.07
C GLY A 87 13.69 -0.33 4.77
N TYR A 88 14.12 -0.15 3.54
CA TYR A 88 14.99 1.03 3.25
C TYR A 88 14.15 2.31 3.13
N GLY A 89 12.85 2.18 3.04
CA GLY A 89 12.00 3.41 2.97
C GLY A 89 12.05 4.02 1.57
N SER A 90 11.61 3.31 0.57
CA SER A 90 11.62 3.85 -0.82
C SER A 90 13.02 4.27 -1.24
N LYS A 91 13.45 3.85 -2.41
CA LYS A 91 14.80 4.21 -2.89
C LYS A 91 14.69 5.26 -3.99
N GLY A 92 13.92 6.29 -3.76
CA GLY A 92 13.76 7.34 -4.81
C GLY A 92 12.45 7.11 -5.57
N LEU A 93 11.80 5.99 -5.30
CA LEU A 93 10.51 5.63 -5.97
C LEU A 93 9.86 6.85 -6.65
N ASP A 94 9.65 6.77 -7.93
CA ASP A 94 9.02 7.91 -8.67
C ASP A 94 7.61 7.52 -9.13
N THR A 95 6.65 8.38 -8.98
CA THR A 95 5.28 8.02 -9.42
C THR A 95 4.40 9.26 -9.51
N ARG A 96 3.27 9.14 -10.16
CA ARG A 96 2.34 10.30 -10.27
C ARG A 96 1.70 10.58 -8.90
N TYR A 97 2.06 9.82 -7.90
CA TYR A 97 1.45 10.03 -6.55
C TYR A 97 2.18 11.16 -5.80
N SER A 98 3.18 11.74 -6.41
CA SER A 98 3.91 12.88 -5.77
C SER A 98 4.77 12.39 -4.59
N ASN A 99 5.26 11.17 -4.62
CA ASN A 99 6.11 10.68 -3.50
C ASN A 99 5.54 11.12 -2.15
N ILE A 100 4.83 10.26 -1.48
CA ILE A 100 4.23 10.63 -0.17
C ILE A 100 4.25 9.40 0.78
N PRO A 101 3.18 8.62 0.95
CA PRO A 101 3.28 7.44 1.87
C PRO A 101 4.20 6.38 1.29
N LEU A 102 5.42 6.68 1.03
CA LEU A 102 6.29 5.64 0.45
C LEU A 102 7.59 5.52 1.23
N LEU A 103 7.73 4.43 1.93
CA LEU A 103 8.96 4.17 2.74
C LEU A 103 8.63 3.15 3.84
N THR A 104 9.45 3.04 4.84
CA THR A 104 9.17 2.08 5.93
C THR A 104 7.87 2.45 6.65
N LYS A 105 6.94 1.53 6.77
CA LYS A 105 5.66 1.85 7.45
C LYS A 105 5.62 1.27 8.85
N PRO A 106 5.82 2.12 9.82
CA PRO A 106 5.79 1.69 11.23
C PRO A 106 4.35 1.56 11.73
N PHE A 107 3.78 2.62 12.24
CA PHE A 107 2.37 2.55 12.73
C PHE A 107 1.93 3.90 13.29
N LEU A 108 0.66 4.20 13.26
CA LEU A 108 0.19 5.51 13.79
C LEU A 108 0.85 6.63 12.98
N ASP A 109 2.08 6.95 13.29
CA ASP A 109 2.80 7.99 12.51
C ASP A 109 2.75 7.62 11.03
N SER A 110 2.46 6.38 10.75
CA SER A 110 2.38 5.91 9.34
C SER A 110 0.98 6.15 8.79
N GLU A 111 -0.02 5.76 9.55
CA GLU A 111 -1.42 5.95 9.08
C GLU A 111 -1.55 7.31 8.38
N LEU A 112 -0.88 8.31 8.88
CA LEU A 112 -0.99 9.64 8.22
C LEU A 112 -0.43 9.58 6.80
N GLU A 113 0.87 9.43 6.66
CA GLU A 113 1.46 9.38 5.31
C GLU A 113 0.59 8.56 4.34
N ALA A 114 0.28 7.34 4.69
CA ALA A 114 -0.54 6.50 3.76
C ALA A 114 -1.69 7.30 3.17
N VAL A 115 -2.37 8.10 3.96
CA VAL A 115 -3.49 8.89 3.40
C VAL A 115 -3.01 10.23 2.85
N LEU A 116 -2.01 10.82 3.47
CA LEU A 116 -1.49 12.12 2.98
C LEU A 116 -1.40 12.13 1.45
N VAL A 117 -1.20 10.97 0.89
CA VAL A 117 -1.07 10.83 -0.59
C VAL A 117 -2.17 11.59 -1.34
N GLN A 118 -3.41 11.43 -0.94
CA GLN A 118 -4.50 12.13 -1.66
C GLN A 118 -5.44 12.82 -0.68
N ILE A 119 -4.95 13.85 -0.05
CA ILE A 119 -5.79 14.58 0.94
C ILE A 119 -5.43 16.07 0.94
N SER A 120 -4.18 16.38 1.13
CA SER A 120 -3.74 17.82 1.15
C SER A 120 -2.24 17.88 1.39
N LYS A 121 -1.82 17.58 2.59
CA LYS A 121 -0.36 17.59 2.92
C LYS A 121 0.12 19.03 3.17
N GLU A 122 -0.77 19.86 3.64
CA GLU A 122 -0.39 21.28 3.93
C GLU A 122 -1.27 21.81 5.06
N VAL A 123 -1.86 20.90 5.80
CA VAL A 123 -2.74 21.30 6.94
C VAL A 123 -3.56 22.55 6.56
N GLY A 1 -27.06 -13.33 -4.08
CA GLY A 1 -25.76 -13.32 -4.80
C GLY A 1 -25.57 -11.97 -5.48
N SER A 2 -26.05 -10.92 -4.89
CA SER A 2 -25.90 -9.57 -5.50
C SER A 2 -24.90 -8.73 -4.71
N HIS A 3 -24.66 -7.53 -5.14
CA HIS A 3 -23.69 -6.65 -4.41
C HIS A 3 -23.92 -5.19 -4.79
N MET A 4 -24.03 -4.32 -3.82
CA MET A 4 -24.27 -2.88 -4.13
C MET A 4 -22.96 -2.12 -4.16
N THR A 5 -22.29 -2.09 -5.28
CA THR A 5 -21.01 -1.34 -5.36
C THR A 5 -21.02 -0.40 -6.56
N GLU A 6 -20.11 0.52 -6.58
CA GLU A 6 -20.03 1.48 -7.71
C GLU A 6 -18.78 2.36 -7.59
N ARG A 7 -18.22 2.49 -6.42
CA ARG A 7 -16.99 3.33 -6.26
C ARG A 7 -16.17 2.82 -5.07
N ARG A 8 -15.55 1.68 -5.22
CA ARG A 8 -14.73 1.15 -4.09
C ARG A 8 -13.25 1.35 -4.38
N LEU A 9 -12.52 1.83 -3.43
CA LEU A 9 -11.07 2.04 -3.65
C LEU A 9 -10.31 0.77 -3.30
N ARG A 10 -9.25 0.47 -3.98
CA ARG A 10 -8.52 -0.78 -3.66
C ARG A 10 -7.15 -0.46 -3.04
N VAL A 11 -6.78 -1.18 -2.02
CA VAL A 11 -5.46 -0.92 -1.36
C VAL A 11 -4.74 -2.24 -1.10
N LEU A 12 -4.04 -2.76 -2.07
CA LEU A 12 -3.31 -4.04 -1.86
C LEU A 12 -2.15 -3.83 -0.90
N VAL A 13 -2.40 -3.90 0.38
CA VAL A 13 -1.32 -3.69 1.36
C VAL A 13 -0.76 -5.03 1.82
N VAL A 14 0.54 -5.13 1.88
CA VAL A 14 1.15 -6.40 2.31
C VAL A 14 2.57 -6.14 2.85
N GLU A 15 2.95 -6.81 3.90
CA GLU A 15 4.32 -6.58 4.46
C GLU A 15 4.69 -7.67 5.48
N ASP A 16 3.79 -8.04 6.34
CA ASP A 16 4.12 -9.09 7.34
C ASP A 16 2.90 -9.98 7.62
N GLU A 17 2.18 -9.74 8.69
CA GLU A 17 1.02 -10.62 8.99
C GLU A 17 -0.02 -9.91 9.88
N SER A 18 0.28 -9.74 11.15
CA SER A 18 -0.70 -9.10 12.07
C SER A 18 -0.51 -7.59 12.16
N MET A 19 0.64 -7.08 11.78
CA MET A 19 0.86 -5.60 11.88
C MET A 19 0.17 -4.89 10.72
N ILE A 20 0.21 -5.48 9.56
CA ILE A 20 -0.44 -4.84 8.38
C ILE A 20 -1.87 -5.31 8.25
N ALA A 21 -2.35 -5.99 9.24
CA ALA A 21 -3.73 -6.49 9.20
C ALA A 21 -4.70 -5.39 9.63
N MET A 22 -4.89 -5.20 10.90
CA MET A 22 -5.80 -4.11 11.35
C MET A 22 -5.36 -2.80 10.68
N LEU A 23 -4.13 -2.75 10.25
CA LEU A 23 -3.61 -1.52 9.58
C LEU A 23 -4.44 -1.19 8.33
N ILE A 24 -5.05 -2.16 7.73
CA ILE A 24 -5.85 -1.87 6.50
C ILE A 24 -7.34 -1.78 6.83
N GLU A 25 -7.78 -2.54 7.80
CA GLU A 25 -9.23 -2.51 8.16
C GLU A 25 -9.54 -1.27 9.02
N ASP A 26 -8.54 -0.57 9.46
CA ASP A 26 -8.80 0.64 10.28
C ASP A 26 -8.95 1.88 9.38
N THR A 27 -8.05 2.08 8.46
CA THR A 27 -8.19 3.25 7.55
C THR A 27 -9.47 3.07 6.75
N LEU A 28 -9.82 1.84 6.48
CA LEU A 28 -11.07 1.56 5.72
C LEU A 28 -12.27 1.94 6.59
N CYS A 29 -12.21 1.66 7.86
CA CYS A 29 -13.35 1.99 8.77
C CYS A 29 -13.75 3.46 8.58
N GLU A 30 -12.81 4.31 8.33
CA GLU A 30 -13.13 5.76 8.16
C GLU A 30 -13.25 6.12 6.67
N LEU A 31 -12.72 5.31 5.80
CA LEU A 31 -12.81 5.64 4.34
C LEU A 31 -13.88 4.79 3.65
N GLY A 32 -13.79 3.49 3.74
CA GLY A 32 -14.80 2.62 3.08
C GLY A 32 -14.10 1.63 2.15
N HIS A 33 -12.80 1.73 2.02
CA HIS A 33 -12.04 0.81 1.12
C HIS A 33 -12.71 -0.56 1.03
N GLU A 34 -12.57 -1.22 -0.10
CA GLU A 34 -13.20 -2.57 -0.26
C GLU A 34 -12.26 -3.66 0.24
N VAL A 35 -11.33 -3.32 1.11
CA VAL A 35 -10.38 -4.34 1.61
C VAL A 35 -9.62 -4.95 0.44
N ALA A 36 -8.31 -4.85 0.44
CA ALA A 36 -7.53 -5.40 -0.69
C ALA A 36 -6.59 -6.51 -0.22
N ALA A 37 -5.38 -6.18 0.16
CA ALA A 37 -4.44 -7.25 0.60
C ALA A 37 -3.89 -6.97 1.99
N THR A 38 -3.45 -8.00 2.67
CA THR A 38 -2.88 -7.83 4.03
C THR A 38 -1.68 -8.78 4.20
N ALA A 39 -0.73 -8.43 5.00
CA ALA A 39 0.46 -9.31 5.18
C ALA A 39 1.23 -9.39 3.86
N SER A 40 2.41 -9.93 3.85
CA SER A 40 3.17 -9.99 2.57
C SER A 40 2.92 -11.32 1.87
N ARG A 41 2.49 -11.27 0.64
CA ARG A 41 2.21 -12.52 -0.12
C ARG A 41 2.69 -12.36 -1.56
N MET A 42 3.17 -13.41 -2.16
CA MET A 42 3.66 -13.32 -3.55
C MET A 42 2.49 -13.43 -4.55
N GLN A 43 1.49 -14.20 -4.23
CA GLN A 43 0.33 -14.32 -5.15
C GLN A 43 -0.41 -13.00 -5.24
N GLU A 44 -0.84 -12.46 -4.13
CA GLU A 44 -1.55 -11.16 -4.15
C GLU A 44 -0.68 -10.10 -4.81
N ALA A 45 0.57 -10.03 -4.43
CA ALA A 45 1.48 -9.02 -5.04
C ALA A 45 1.43 -9.12 -6.56
N LEU A 46 1.46 -10.32 -7.09
CA LEU A 46 1.40 -10.47 -8.57
C LEU A 46 0.15 -9.77 -9.10
N ASP A 47 -0.97 -10.00 -8.48
CA ASP A 47 -2.21 -9.33 -8.95
C ASP A 47 -1.97 -7.82 -8.90
N ILE A 48 -1.73 -7.30 -7.73
CA ILE A 48 -1.47 -5.83 -7.61
C ILE A 48 -0.30 -5.47 -8.53
N ALA A 49 0.48 -6.45 -8.91
CA ALA A 49 1.63 -6.17 -9.81
C ALA A 49 1.18 -6.16 -11.27
N ARG A 50 0.64 -7.24 -11.76
CA ARG A 50 0.19 -7.27 -13.18
C ARG A 50 -1.07 -6.42 -13.36
N LYS A 51 -1.72 -6.05 -12.29
CA LYS A 51 -2.95 -5.23 -12.41
C LYS A 51 -2.63 -3.86 -13.00
N GLY A 52 -1.61 -3.20 -12.51
CA GLY A 52 -1.29 -1.85 -13.06
C GLY A 52 -2.59 -1.06 -13.14
N GLN A 53 -3.53 -1.38 -12.30
CA GLN A 53 -4.84 -0.67 -12.33
C GLN A 53 -5.31 -0.36 -10.91
N PHE A 54 -5.04 -1.23 -9.96
CA PHE A 54 -5.48 -0.95 -8.57
C PHE A 54 -5.19 0.50 -8.20
N ASP A 55 -5.79 0.97 -7.13
CA ASP A 55 -5.56 2.39 -6.72
C ASP A 55 -4.22 2.56 -6.00
N ILE A 56 -3.99 1.81 -4.96
CA ILE A 56 -2.70 1.97 -4.21
C ILE A 56 -2.15 0.61 -3.77
N ALA A 57 -0.91 0.56 -3.34
CA ALA A 57 -0.33 -0.74 -2.90
C ALA A 57 0.69 -0.55 -1.78
N ILE A 58 1.05 -1.60 -1.10
CA ILE A 58 2.07 -1.49 -0.02
C ILE A 58 2.78 -2.84 0.14
N ILE A 59 4.06 -2.87 -0.11
CA ILE A 59 4.82 -4.15 -0.02
C ILE A 59 6.20 -3.91 0.60
N ASP A 60 6.28 -3.83 1.90
CA ASP A 60 7.60 -3.57 2.56
C ASP A 60 8.73 -4.30 1.82
N VAL A 61 9.81 -3.61 1.53
CA VAL A 61 10.94 -4.26 0.81
C VAL A 61 12.09 -4.56 1.78
N ASN A 62 11.81 -4.51 3.06
CA ASN A 62 12.88 -4.79 4.06
C ASN A 62 12.22 -5.04 5.42
N LEU A 63 11.00 -5.48 5.42
CA LEU A 63 10.30 -5.72 6.70
C LEU A 63 10.33 -7.20 7.07
N ASP A 64 10.50 -7.49 8.32
CA ASP A 64 10.53 -8.90 8.77
C ASP A 64 11.42 -9.79 7.88
N GLY A 65 12.26 -9.23 7.04
CA GLY A 65 13.11 -10.15 6.21
C GLY A 65 13.57 -9.48 4.92
N GLU A 66 12.73 -8.68 4.30
CA GLU A 66 13.08 -7.99 3.00
C GLU A 66 12.66 -8.83 1.79
N PRO A 67 11.54 -9.51 1.90
CA PRO A 67 11.06 -10.31 0.76
C PRO A 67 10.48 -9.40 -0.31
N SER A 68 9.26 -9.00 -0.13
CA SER A 68 8.58 -8.10 -1.14
C SER A 68 8.80 -8.60 -2.57
N TYR A 69 9.28 -9.80 -2.74
CA TYR A 69 9.51 -10.38 -4.10
C TYR A 69 10.18 -9.37 -5.05
N PRO A 70 10.55 -9.88 -6.19
CA PRO A 70 11.20 -9.05 -7.22
C PRO A 70 10.22 -8.02 -7.79
N VAL A 71 8.99 -8.04 -7.36
CA VAL A 71 8.03 -7.05 -7.90
C VAL A 71 8.06 -5.80 -7.03
N ALA A 72 7.66 -5.87 -5.79
CA ALA A 72 7.74 -4.66 -4.90
C ALA A 72 9.03 -3.94 -5.23
N ASP A 73 10.03 -4.73 -5.52
CA ASP A 73 11.35 -4.17 -5.91
C ASP A 73 11.21 -3.46 -7.25
N ILE A 74 10.71 -4.18 -8.22
CA ILE A 74 10.52 -3.59 -9.57
C ILE A 74 9.48 -2.48 -9.50
N LEU A 75 8.47 -2.68 -8.69
CA LEU A 75 7.42 -1.65 -8.54
C LEU A 75 8.07 -0.34 -8.11
N ALA A 76 9.18 -0.41 -7.45
CA ALA A 76 9.88 0.82 -7.01
C ALA A 76 10.63 1.48 -8.18
N GLU A 77 11.17 0.69 -9.06
CA GLU A 77 11.92 1.27 -10.21
C GLU A 77 10.96 1.85 -11.26
N ARG A 78 9.72 1.45 -11.25
CA ARG A 78 8.76 1.99 -12.27
C ARG A 78 7.44 2.43 -11.61
N ASN A 79 7.11 1.83 -10.48
CA ASN A 79 5.85 2.16 -9.73
C ASN A 79 4.84 3.00 -10.52
N VAL A 80 3.73 2.41 -10.84
CA VAL A 80 2.64 3.12 -11.59
C VAL A 80 1.82 3.95 -10.56
N PRO A 81 0.65 4.47 -10.91
CA PRO A 81 -0.11 5.25 -9.91
C PRO A 81 -0.45 4.34 -8.73
N PHE A 82 0.00 4.71 -7.56
CA PHE A 82 -0.22 3.86 -6.37
C PHE A 82 0.48 4.45 -5.13
N ILE A 83 0.98 3.60 -4.29
CA ILE A 83 1.74 4.01 -3.08
C ILE A 83 2.53 2.80 -2.61
N PHE A 84 3.46 2.97 -1.72
CA PHE A 84 4.26 1.81 -1.26
C PHE A 84 4.91 2.09 0.10
N ALA A 85 5.41 1.07 0.72
CA ALA A 85 6.06 1.27 2.03
C ALA A 85 7.29 0.36 2.15
N THR A 86 8.30 0.79 2.84
CA THR A 86 9.51 -0.05 2.97
C THR A 86 10.28 0.35 4.23
N GLY A 87 11.34 -0.35 4.55
CA GLY A 87 12.13 0.00 5.77
C GLY A 87 12.26 1.53 5.89
N TYR A 88 12.19 2.22 4.78
CA TYR A 88 12.29 3.71 4.83
C TYR A 88 11.12 4.35 4.10
N GLY A 89 9.99 3.69 4.09
CA GLY A 89 8.79 4.26 3.40
C GLY A 89 8.88 3.99 1.89
N SER A 90 9.81 4.63 1.23
CA SER A 90 9.95 4.42 -0.23
C SER A 90 11.08 5.31 -0.78
N LYS A 91 11.98 4.73 -1.53
CA LYS A 91 13.10 5.54 -2.09
C LYS A 91 12.56 6.57 -3.08
N GLY A 92 11.79 7.51 -2.62
CA GLY A 92 11.23 8.52 -3.55
C GLY A 92 10.48 7.81 -4.68
N LEU A 93 9.65 6.85 -4.34
CA LEU A 93 8.89 6.11 -5.39
C LEU A 93 8.40 7.11 -6.44
N ASP A 94 8.32 6.70 -7.68
CA ASP A 94 7.83 7.63 -8.73
C ASP A 94 6.46 7.21 -9.21
N THR A 95 5.52 8.13 -9.24
CA THR A 95 4.15 7.77 -9.68
C THR A 95 3.32 9.03 -9.88
N ARG A 96 2.06 8.87 -10.12
CA ARG A 96 1.19 10.06 -10.30
C ARG A 96 0.75 10.58 -8.93
N TYR A 97 1.33 10.06 -7.88
CA TYR A 97 0.91 10.52 -6.53
C TYR A 97 1.78 11.69 -6.02
N SER A 98 3.07 11.68 -6.33
CA SER A 98 4.01 12.79 -5.91
C SER A 98 4.73 12.49 -4.60
N ASN A 99 5.46 11.41 -4.52
CA ASN A 99 6.19 11.11 -3.25
C ASN A 99 5.31 11.46 -2.06
N ILE A 100 4.07 11.10 -2.16
CA ILE A 100 3.08 11.41 -1.08
C ILE A 100 3.42 10.59 0.19
N PRO A 101 2.46 10.37 1.08
CA PRO A 101 2.79 9.62 2.32
C PRO A 101 3.23 8.17 2.08
N LEU A 102 4.47 7.92 2.34
CA LEU A 102 5.02 6.53 2.22
C LEU A 102 5.23 6.02 3.63
N LEU A 103 5.36 4.73 3.86
CA LEU A 103 5.54 4.35 5.29
C LEU A 103 6.10 2.94 5.53
N THR A 104 6.13 2.57 6.78
CA THR A 104 6.64 1.25 7.22
C THR A 104 6.11 0.96 8.64
N LYS A 105 6.92 0.42 9.50
CA LYS A 105 6.47 0.14 10.90
C LYS A 105 5.07 -0.50 10.93
N PRO A 106 4.57 -0.69 12.12
CA PRO A 106 3.23 -1.29 12.31
C PRO A 106 2.14 -0.21 12.35
N PHE A 107 2.09 0.56 13.42
CA PHE A 107 1.04 1.62 13.52
C PHE A 107 1.67 2.97 13.89
N LEU A 108 0.90 3.88 14.42
CA LEU A 108 1.46 5.21 14.80
C LEU A 108 1.93 5.96 13.55
N ASP A 109 3.05 6.65 13.59
CA ASP A 109 3.55 7.40 12.40
C ASP A 109 3.18 6.67 11.11
N SER A 110 3.12 5.37 11.16
CA SER A 110 2.78 4.56 9.97
C SER A 110 1.48 5.00 9.29
N GLU A 111 0.36 4.81 9.94
CA GLU A 111 -0.94 5.16 9.33
C GLU A 111 -1.16 6.66 9.21
N LEU A 112 -0.84 7.42 10.21
CA LEU A 112 -1.09 8.89 10.10
C LEU A 112 -0.41 9.46 8.86
N GLU A 113 0.88 9.30 8.76
CA GLU A 113 1.59 9.81 7.55
C GLU A 113 0.91 9.29 6.29
N ALA A 114 0.87 7.99 6.15
CA ALA A 114 0.25 7.39 4.94
C ALA A 114 -1.06 8.10 4.54
N VAL A 115 -1.70 8.83 5.42
CA VAL A 115 -2.99 9.48 5.02
C VAL A 115 -2.95 11.02 4.94
N LEU A 116 -2.23 11.70 5.80
CA LEU A 116 -2.28 13.21 5.76
C LEU A 116 -1.16 13.85 4.91
N VAL A 117 -0.06 13.19 4.67
CA VAL A 117 1.02 13.85 3.86
C VAL A 117 0.43 14.49 2.60
N GLN A 118 -0.27 13.73 1.80
CA GLN A 118 -0.85 14.31 0.56
C GLN A 118 -1.51 15.65 0.87
N ILE A 119 -2.18 15.74 1.99
CA ILE A 119 -2.84 17.03 2.37
C ILE A 119 -3.38 17.76 1.14
N SER A 120 -3.77 17.02 0.13
CA SER A 120 -4.30 17.68 -1.11
C SER A 120 -3.45 18.89 -1.45
N LYS A 121 -2.17 18.70 -1.57
CA LYS A 121 -1.26 19.83 -1.88
C LYS A 121 -0.71 19.69 -3.30
N GLU A 122 -1.30 18.82 -4.07
CA GLU A 122 -0.84 18.58 -5.47
C GLU A 122 -1.52 17.32 -6.01
N VAL A 123 -2.78 17.14 -5.66
CA VAL A 123 -3.51 15.93 -6.13
C VAL A 123 -3.13 15.58 -7.57
N GLY A 1 -25.80 -1.91 -0.56
CA GLY A 1 -24.42 -2.24 -1.03
C GLY A 1 -23.41 -1.82 0.04
N SER A 2 -22.88 -2.76 0.78
CA SER A 2 -21.89 -2.41 1.84
C SER A 2 -22.49 -1.39 2.81
N HIS A 3 -21.70 -0.46 3.26
CA HIS A 3 -22.22 0.58 4.20
C HIS A 3 -21.52 1.91 3.94
N MET A 4 -22.26 2.94 3.64
CA MET A 4 -21.62 4.26 3.37
C MET A 4 -20.58 4.10 2.26
N THR A 5 -20.86 4.56 1.08
CA THR A 5 -19.88 4.41 -0.03
C THR A 5 -19.67 5.75 -0.73
N GLU A 6 -18.57 5.87 -1.43
CA GLU A 6 -18.29 7.14 -2.15
C GLU A 6 -17.01 6.96 -2.97
N ARG A 7 -17.05 6.13 -3.98
CA ARG A 7 -15.83 5.88 -4.78
C ARG A 7 -14.77 5.27 -3.87
N ARG A 8 -14.92 4.03 -3.52
CA ARG A 8 -13.93 3.38 -2.62
C ARG A 8 -12.86 2.69 -3.46
N LEU A 9 -11.63 2.87 -3.11
CA LEU A 9 -10.54 2.24 -3.89
C LEU A 9 -10.03 1.01 -3.14
N ARG A 10 -9.21 0.21 -3.76
CA ARG A 10 -8.69 -0.98 -3.04
C ARG A 10 -7.21 -0.79 -2.73
N VAL A 11 -6.75 -1.33 -1.64
CA VAL A 11 -5.32 -1.19 -1.28
C VAL A 11 -4.64 -2.55 -1.28
N LEU A 12 -4.05 -2.93 -2.39
CA LEU A 12 -3.37 -4.25 -2.43
C LEU A 12 -2.16 -4.20 -1.52
N VAL A 13 -2.38 -4.42 -0.25
CA VAL A 13 -1.25 -4.35 0.70
C VAL A 13 -0.72 -5.75 1.03
N VAL A 14 0.48 -5.82 1.50
CA VAL A 14 1.08 -7.14 1.78
C VAL A 14 2.37 -6.96 2.59
N GLU A 15 2.67 -7.87 3.49
CA GLU A 15 3.92 -7.71 4.30
C GLU A 15 4.13 -8.87 5.28
N ASP A 16 3.12 -9.29 6.01
CA ASP A 16 3.33 -10.39 6.97
C ASP A 16 2.00 -11.07 7.34
N GLU A 17 1.90 -12.31 6.98
CA GLU A 17 0.69 -13.15 7.25
C GLU A 17 -0.42 -12.44 8.04
N SER A 18 -0.46 -12.60 9.34
CA SER A 18 -1.57 -11.98 10.14
C SER A 18 -1.26 -10.55 10.62
N MET A 19 -0.06 -10.09 10.51
CA MET A 19 0.20 -8.69 10.96
C MET A 19 -0.56 -7.72 10.05
N ILE A 20 -0.19 -7.71 8.80
CA ILE A 20 -0.88 -6.82 7.81
C ILE A 20 -2.36 -7.20 7.72
N ALA A 21 -2.68 -8.44 8.01
CA ALA A 21 -4.09 -8.90 7.94
C ALA A 21 -5.02 -7.93 8.68
N MET A 22 -5.23 -8.12 9.96
CA MET A 22 -6.12 -7.20 10.71
C MET A 22 -5.80 -5.75 10.30
N LEU A 23 -4.59 -5.54 9.88
CA LEU A 23 -4.14 -4.19 9.43
C LEU A 23 -4.87 -3.77 8.15
N ILE A 24 -5.58 -4.68 7.54
CA ILE A 24 -6.28 -4.32 6.28
C ILE A 24 -7.80 -4.31 6.48
N GLU A 25 -8.30 -5.11 7.37
CA GLU A 25 -9.77 -5.11 7.60
C GLU A 25 -10.13 -3.97 8.55
N ASP A 26 -9.18 -3.52 9.33
CA ASP A 26 -9.44 -2.40 10.27
C ASP A 26 -9.15 -1.07 9.55
N THR A 27 -8.03 -0.99 8.87
CA THR A 27 -7.70 0.26 8.14
C THR A 27 -8.81 0.55 7.14
N LEU A 28 -9.31 -0.47 6.51
CA LEU A 28 -10.42 -0.27 5.53
C LEU A 28 -11.66 0.20 6.30
N CYS A 29 -11.90 -0.36 7.45
CA CYS A 29 -13.08 0.08 8.24
C CYS A 29 -13.02 1.59 8.46
N GLU A 30 -11.83 2.13 8.62
CA GLU A 30 -11.70 3.59 8.83
C GLU A 30 -11.65 4.32 7.48
N LEU A 31 -10.78 3.90 6.61
CA LEU A 31 -10.69 4.56 5.26
C LEU A 31 -11.97 4.31 4.46
N GLY A 32 -12.31 3.06 4.27
CA GLY A 32 -13.55 2.75 3.49
C GLY A 32 -13.16 2.14 2.14
N HIS A 33 -11.89 1.96 1.90
CA HIS A 33 -11.45 1.38 0.59
C HIS A 33 -12.17 0.05 0.34
N GLU A 34 -11.72 -0.69 -0.62
CA GLU A 34 -12.36 -2.00 -0.94
C GLU A 34 -11.34 -3.13 -0.76
N VAL A 35 -11.70 -4.12 0.02
CA VAL A 35 -10.79 -5.29 0.27
C VAL A 35 -9.75 -5.43 -0.84
N ALA A 36 -8.50 -5.65 -0.50
CA ALA A 36 -7.47 -5.76 -1.56
C ALA A 36 -6.50 -6.91 -1.29
N ALA A 37 -5.30 -6.62 -0.87
CA ALA A 37 -4.31 -7.72 -0.62
C ALA A 37 -3.78 -7.65 0.82
N THR A 38 -3.49 -8.77 1.40
CA THR A 38 -2.96 -8.79 2.79
C THR A 38 -1.96 -9.94 2.96
N ALA A 39 -0.85 -9.68 3.63
CA ALA A 39 0.21 -10.72 3.84
C ALA A 39 1.21 -10.62 2.69
N SER A 40 2.11 -11.55 2.53
CA SER A 40 3.05 -11.37 1.39
C SER A 40 3.17 -12.65 0.57
N ARG A 41 2.75 -12.56 -0.66
CA ARG A 41 2.81 -13.72 -1.56
C ARG A 41 3.40 -13.29 -2.90
N MET A 42 4.19 -14.12 -3.52
CA MET A 42 4.80 -13.74 -4.82
C MET A 42 3.77 -13.82 -5.95
N GLN A 43 2.89 -14.78 -5.91
CA GLN A 43 1.85 -14.89 -6.97
C GLN A 43 0.88 -13.72 -6.89
N GLU A 44 0.24 -13.54 -5.76
CA GLU A 44 -0.71 -12.41 -5.63
C GLU A 44 0.03 -11.10 -5.86
N ALA A 45 1.15 -10.91 -5.20
CA ALA A 45 1.92 -9.66 -5.43
C ALA A 45 2.05 -9.45 -6.93
N LEU A 46 2.31 -10.51 -7.63
CA LEU A 46 2.41 -10.44 -9.11
C LEU A 46 1.11 -9.84 -9.66
N ASP A 47 0.00 -10.38 -9.26
CA ASP A 47 -1.31 -9.84 -9.72
C ASP A 47 -1.37 -8.34 -9.49
N ILE A 48 -0.88 -7.88 -8.37
CA ILE A 48 -0.89 -6.42 -8.10
C ILE A 48 0.17 -5.74 -8.97
N ALA A 49 1.04 -6.52 -9.56
CA ALA A 49 2.10 -5.96 -10.43
C ALA A 49 1.63 -5.99 -11.89
N ARG A 50 0.96 -7.03 -12.30
CA ARG A 50 0.49 -7.12 -13.71
C ARG A 50 -0.93 -6.57 -13.83
N LYS A 51 -1.51 -6.13 -12.76
CA LYS A 51 -2.91 -5.62 -12.81
C LYS A 51 -2.94 -4.09 -12.94
N GLY A 52 -2.26 -3.40 -12.07
CA GLY A 52 -2.27 -1.91 -12.15
C GLY A 52 -3.69 -1.39 -11.95
N GLN A 53 -4.59 -2.23 -11.50
CA GLN A 53 -6.00 -1.79 -11.29
C GLN A 53 -6.42 -2.05 -9.85
N PHE A 54 -5.50 -1.93 -8.93
CA PHE A 54 -5.83 -2.16 -7.49
C PHE A 54 -5.63 -0.87 -6.69
N ASP A 55 -5.43 0.21 -7.38
CA ASP A 55 -5.22 1.52 -6.70
C ASP A 55 -3.87 1.58 -5.99
N ILE A 56 -3.61 0.74 -5.01
CA ILE A 56 -2.30 0.85 -4.30
C ILE A 56 -1.66 -0.50 -3.98
N ALA A 57 -0.37 -0.50 -3.70
CA ALA A 57 0.33 -1.78 -3.41
C ALA A 57 1.31 -1.65 -2.24
N ILE A 58 1.04 -2.29 -1.14
CA ILE A 58 1.98 -2.20 -0.01
C ILE A 58 2.74 -3.53 0.13
N ILE A 59 4.02 -3.47 0.12
CA ILE A 59 4.84 -4.70 0.23
C ILE A 59 6.08 -4.39 1.06
N ASP A 60 5.90 -4.09 2.31
CA ASP A 60 7.07 -3.74 3.18
C ASP A 60 8.26 -4.64 2.88
N VAL A 61 9.44 -4.11 2.90
CA VAL A 61 10.65 -4.93 2.61
C VAL A 61 11.75 -4.66 3.65
N ASN A 62 11.46 -4.82 4.91
CA ASN A 62 12.50 -4.58 5.96
C ASN A 62 12.03 -5.17 7.29
N LEU A 63 10.84 -4.83 7.71
CA LEU A 63 10.30 -5.37 8.99
C LEU A 63 9.03 -6.15 8.66
N ASP A 64 9.03 -7.44 8.91
CA ASP A 64 7.84 -8.29 8.55
C ASP A 64 7.66 -8.35 7.03
N GLY A 65 7.63 -7.20 6.37
CA GLY A 65 7.46 -7.19 4.89
C GLY A 65 8.72 -7.73 4.24
N GLU A 66 9.79 -7.86 5.01
CA GLU A 66 11.09 -8.42 4.46
C GLU A 66 10.82 -9.22 3.20
N PRO A 67 9.96 -10.18 3.34
CA PRO A 67 9.54 -11.02 2.19
C PRO A 67 8.82 -10.17 1.11
N SER A 68 9.40 -9.08 0.70
CA SER A 68 8.76 -8.23 -0.34
C SER A 68 9.35 -8.58 -1.72
N TYR A 69 10.16 -9.61 -1.77
CA TYR A 69 10.79 -10.04 -3.05
C TYR A 69 11.43 -8.86 -3.78
N PRO A 70 12.17 -9.21 -4.80
CA PRO A 70 12.87 -8.19 -5.61
C PRO A 70 11.87 -7.35 -6.40
N VAL A 71 10.60 -7.65 -6.31
CA VAL A 71 9.62 -6.83 -7.05
C VAL A 71 9.36 -5.55 -6.28
N ALA A 72 8.75 -5.64 -5.11
CA ALA A 72 8.54 -4.40 -4.32
C ALA A 72 9.81 -3.58 -4.41
N ASP A 73 10.92 -4.27 -4.39
CA ASP A 73 12.22 -3.61 -4.53
C ASP A 73 12.26 -2.87 -5.86
N ILE A 74 12.00 -3.59 -6.91
CA ILE A 74 12.00 -2.98 -8.27
C ILE A 74 10.85 -1.98 -8.36
N LEU A 75 9.72 -2.35 -7.83
CA LEU A 75 8.56 -1.43 -7.84
C LEU A 75 9.04 -0.04 -7.41
N ALA A 76 10.09 0.01 -6.65
CA ALA A 76 10.63 1.32 -6.19
C ALA A 76 11.60 1.88 -7.23
N GLU A 77 12.36 1.04 -7.87
CA GLU A 77 13.33 1.53 -8.89
C GLU A 77 12.62 2.39 -9.95
N ARG A 78 11.59 1.87 -10.56
CA ARG A 78 10.86 2.66 -11.60
C ARG A 78 9.53 3.19 -11.06
N ASN A 79 8.96 2.51 -10.10
CA ASN A 79 7.66 2.96 -9.51
C ASN A 79 6.58 3.13 -10.59
N VAL A 80 5.37 2.81 -10.23
CA VAL A 80 4.22 2.92 -11.17
C VAL A 80 3.04 3.52 -10.37
N PRO A 81 1.87 3.65 -10.97
CA PRO A 81 0.72 4.20 -10.21
C PRO A 81 0.43 3.25 -9.05
N PHE A 82 0.61 3.73 -7.84
CA PHE A 82 0.39 2.86 -6.65
C PHE A 82 0.82 3.59 -5.37
N ILE A 83 1.39 2.85 -4.46
CA ILE A 83 1.91 3.43 -3.20
C ILE A 83 2.70 2.34 -2.49
N PHE A 84 3.58 2.69 -1.58
CA PHE A 84 4.39 1.63 -0.92
C PHE A 84 4.94 2.07 0.44
N ALA A 85 5.42 1.12 1.20
CA ALA A 85 6.02 1.47 2.50
C ALA A 85 7.17 0.51 2.80
N THR A 86 8.33 1.02 3.05
CA THR A 86 9.49 0.13 3.38
C THR A 86 10.27 0.75 4.53
N GLY A 87 11.19 0.01 5.10
CA GLY A 87 11.96 0.55 6.26
C GLY A 87 12.72 1.83 5.88
N TYR A 88 12.76 2.22 4.62
CA TYR A 88 13.50 3.47 4.29
C TYR A 88 12.57 4.61 3.82
N GLY A 89 11.32 4.34 3.53
CA GLY A 89 10.41 5.46 3.14
C GLY A 89 10.24 5.58 1.62
N SER A 90 10.08 4.49 0.94
CA SER A 90 9.87 4.55 -0.55
C SER A 90 10.92 5.42 -1.25
N LYS A 91 12.00 5.74 -0.57
CA LYS A 91 13.08 6.59 -1.18
C LYS A 91 12.52 7.58 -2.20
N GLY A 92 11.41 8.22 -1.88
CA GLY A 92 10.82 9.19 -2.84
C GLY A 92 10.32 8.46 -4.08
N LEU A 93 9.47 7.50 -3.91
CA LEU A 93 8.94 6.74 -5.08
C LEU A 93 8.29 7.71 -6.09
N ASP A 94 8.24 7.34 -7.34
CA ASP A 94 7.60 8.23 -8.34
C ASP A 94 6.29 7.60 -8.83
N THR A 95 5.24 8.36 -8.95
CA THR A 95 3.95 7.79 -9.41
C THR A 95 2.90 8.88 -9.59
N ARG A 96 1.80 8.56 -10.20
CA ARG A 96 0.74 9.57 -10.39
C ARG A 96 0.12 9.94 -9.04
N TYR A 97 0.51 9.26 -8.01
CA TYR A 97 -0.05 9.57 -6.66
C TYR A 97 0.62 10.82 -6.09
N SER A 98 1.84 11.10 -6.54
CA SER A 98 2.60 12.31 -6.08
C SER A 98 3.32 12.02 -4.78
N ASN A 99 4.04 10.92 -4.71
CA ASN A 99 4.80 10.58 -3.47
C ASN A 99 3.84 10.38 -2.29
N ILE A 100 3.06 11.38 -2.00
CA ILE A 100 2.08 11.28 -0.89
C ILE A 100 2.69 10.56 0.32
N PRO A 101 1.84 10.15 1.24
CA PRO A 101 2.31 9.47 2.47
C PRO A 101 2.67 8.00 2.24
N LEU A 102 3.94 7.70 2.23
CA LEU A 102 4.42 6.29 2.03
C LEU A 102 5.58 6.04 3.02
N LEU A 103 5.70 4.87 3.59
CA LEU A 103 6.82 4.65 4.56
C LEU A 103 6.76 3.28 5.25
N THR A 104 6.40 3.22 6.51
CA THR A 104 6.38 1.88 7.17
C THR A 104 5.52 1.89 8.44
N LYS A 105 6.02 1.33 9.51
CA LYS A 105 5.26 1.26 10.79
C LYS A 105 3.99 0.42 10.57
N PRO A 106 3.50 -0.14 11.66
CA PRO A 106 2.28 -0.98 11.62
C PRO A 106 1.00 -0.19 11.95
N PHE A 107 -0.14 -0.81 11.70
CA PHE A 107 -1.48 -0.18 12.00
C PHE A 107 -1.50 1.35 11.82
N LEU A 108 -1.74 2.10 12.87
CA LEU A 108 -1.82 3.59 12.72
C LEU A 108 -0.59 4.13 12.00
N ASP A 109 0.49 3.39 12.05
CA ASP A 109 1.78 3.79 11.42
C ASP A 109 1.62 5.05 10.56
N SER A 110 1.60 4.91 9.29
CA SER A 110 1.43 6.10 8.42
C SER A 110 -0.05 6.31 8.16
N GLU A 111 -0.88 5.38 8.57
CA GLU A 111 -2.35 5.53 8.34
C GLU A 111 -2.72 6.99 8.50
N LEU A 112 -2.01 7.67 9.35
CA LEU A 112 -2.27 9.13 9.52
C LEU A 112 -1.73 9.83 8.27
N GLU A 113 -0.44 9.81 8.12
CA GLU A 113 0.16 10.42 6.91
C GLU A 113 -0.43 9.75 5.69
N ALA A 114 -0.30 8.45 5.61
CA ALA A 114 -0.84 7.68 4.45
C ALA A 114 -2.17 8.27 3.96
N VAL A 115 -2.95 8.83 4.84
CA VAL A 115 -4.26 9.40 4.38
C VAL A 115 -4.24 10.93 4.45
N LEU A 116 -3.36 11.52 5.22
CA LEU A 116 -3.33 13.01 5.33
C LEU A 116 -2.31 13.65 4.36
N VAL A 117 -1.31 12.93 3.94
CA VAL A 117 -0.31 13.54 3.02
C VAL A 117 -0.74 13.40 1.56
N GLN A 118 -1.71 12.59 1.29
CA GLN A 118 -2.15 12.42 -0.12
C GLN A 118 -3.09 13.55 -0.54
N ILE A 119 -3.15 14.61 0.20
CA ILE A 119 -4.05 15.73 -0.16
C ILE A 119 -3.39 16.59 -1.25
N SER A 120 -2.21 16.23 -1.66
CA SER A 120 -1.51 17.02 -2.71
C SER A 120 -2.23 16.87 -4.05
N LYS A 121 -3.10 17.80 -4.36
CA LYS A 121 -3.83 17.72 -5.65
C LYS A 121 -3.75 19.06 -6.38
N GLU A 122 -3.06 20.01 -5.80
CA GLU A 122 -2.91 21.34 -6.44
C GLU A 122 -1.68 22.05 -5.90
N VAL A 123 -0.76 21.31 -5.36
CA VAL A 123 0.48 21.92 -4.81
C VAL A 123 0.16 23.21 -4.05
N GLY A 1 -21.09 10.28 -5.08
CA GLY A 1 -21.96 9.47 -5.98
C GLY A 1 -22.88 8.58 -5.13
N SER A 2 -24.10 8.41 -5.56
CA SER A 2 -25.05 7.55 -4.79
C SER A 2 -25.03 7.96 -3.30
N HIS A 3 -25.29 7.03 -2.42
CA HIS A 3 -25.29 7.37 -0.97
C HIS A 3 -24.46 6.35 -0.18
N MET A 4 -24.97 5.17 0.00
CA MET A 4 -24.23 4.12 0.76
C MET A 4 -22.75 4.07 0.35
N THR A 5 -22.46 4.30 -0.91
CA THR A 5 -21.04 4.25 -1.35
C THR A 5 -20.66 5.50 -2.14
N GLU A 6 -19.39 5.73 -2.30
CA GLU A 6 -18.92 6.93 -3.06
C GLU A 6 -17.47 6.72 -3.47
N ARG A 7 -17.24 5.77 -4.34
CA ARG A 7 -15.85 5.48 -4.80
C ARG A 7 -15.05 4.86 -3.65
N ARG A 8 -14.91 3.56 -3.65
CA ARG A 8 -14.13 2.90 -2.57
C ARG A 8 -12.71 2.62 -3.08
N LEU A 9 -11.72 2.97 -2.31
CA LEU A 9 -10.33 2.73 -2.76
C LEU A 9 -9.86 1.36 -2.30
N ARG A 10 -8.77 0.89 -2.78
CA ARG A 10 -8.29 -0.45 -2.35
C ARG A 10 -6.80 -0.40 -2.01
N VAL A 11 -6.47 -0.43 -0.75
CA VAL A 11 -5.04 -0.38 -0.36
C VAL A 11 -4.46 -1.79 -0.29
N LEU A 12 -3.99 -2.30 -1.39
CA LEU A 12 -3.42 -3.69 -1.36
C LEU A 12 -2.15 -3.66 -0.53
N VAL A 13 -2.25 -3.95 0.73
CA VAL A 13 -1.04 -3.92 1.58
C VAL A 13 -0.70 -5.33 2.06
N VAL A 14 0.55 -5.72 1.98
CA VAL A 14 0.93 -7.08 2.43
C VAL A 14 2.28 -7.05 3.17
N GLU A 15 2.53 -8.03 4.00
CA GLU A 15 3.81 -8.05 4.76
C GLU A 15 4.04 -9.39 5.48
N ASP A 16 3.40 -9.61 6.60
CA ASP A 16 3.62 -10.89 7.33
C ASP A 16 2.33 -11.39 7.99
N GLU A 17 1.64 -12.28 7.33
CA GLU A 17 0.38 -12.88 7.88
C GLU A 17 -0.29 -12.04 8.98
N SER A 18 0.08 -12.26 10.21
CA SER A 18 -0.57 -11.53 11.34
C SER A 18 0.01 -10.13 11.59
N MET A 19 1.06 -9.76 10.91
CA MET A 19 1.63 -8.40 11.15
C MET A 19 0.86 -7.36 10.32
N ILE A 20 0.72 -7.60 9.06
CA ILE A 20 -0.02 -6.66 8.18
C ILE A 20 -1.52 -6.90 8.32
N ALA A 21 -1.89 -8.07 8.76
CA ALA A 21 -3.33 -8.39 8.93
C ALA A 21 -4.05 -7.31 9.75
N MET A 22 -4.09 -7.47 11.05
CA MET A 22 -4.79 -6.44 11.89
C MET A 22 -4.27 -5.05 11.54
N LEU A 23 -3.10 -4.97 10.95
CA LEU A 23 -2.53 -3.63 10.59
C LEU A 23 -3.35 -2.94 9.50
N ILE A 24 -4.07 -3.69 8.70
CA ILE A 24 -4.87 -3.03 7.61
C ILE A 24 -6.37 -3.13 7.89
N GLU A 25 -6.83 -4.26 8.36
CA GLU A 25 -8.29 -4.42 8.63
C GLU A 25 -8.76 -3.36 9.62
N ASP A 26 -7.85 -2.71 10.29
CA ASP A 26 -8.26 -1.66 11.27
C ASP A 26 -8.44 -0.32 10.56
N THR A 27 -7.53 0.07 9.72
CA THR A 27 -7.69 1.36 9.00
C THR A 27 -8.92 1.25 8.08
N LEU A 28 -8.96 0.23 7.27
CA LEU A 28 -10.13 0.05 6.38
C LEU A 28 -11.40 -0.02 7.23
N CYS A 29 -11.34 -0.69 8.35
CA CYS A 29 -12.54 -0.78 9.23
C CYS A 29 -13.14 0.62 9.40
N GLU A 30 -12.31 1.62 9.48
CA GLU A 30 -12.81 3.00 9.65
C GLU A 30 -12.89 3.72 8.30
N LEU A 31 -11.92 3.51 7.44
CA LEU A 31 -11.94 4.18 6.10
C LEU A 31 -13.14 3.69 5.28
N GLY A 32 -13.25 2.41 5.06
CA GLY A 32 -14.40 1.89 4.26
C GLY A 32 -13.89 1.26 2.96
N HIS A 33 -12.61 1.30 2.72
CA HIS A 33 -12.06 0.71 1.47
C HIS A 33 -12.79 -0.58 1.11
N GLU A 34 -12.70 -1.01 -0.13
CA GLU A 34 -13.39 -2.26 -0.54
C GLU A 34 -12.49 -3.48 -0.32
N VAL A 35 -11.95 -3.63 0.87
CA VAL A 35 -11.07 -4.80 1.14
C VAL A 35 -9.94 -4.85 0.12
N ALA A 36 -8.73 -4.57 0.53
CA ALA A 36 -7.61 -4.59 -0.44
C ALA A 36 -6.73 -5.83 -0.22
N ALA A 37 -5.54 -5.69 0.28
CA ALA A 37 -4.70 -6.90 0.47
C ALA A 37 -4.23 -7.02 1.93
N THR A 38 -4.20 -8.22 2.42
CA THR A 38 -3.75 -8.47 3.81
C THR A 38 -2.72 -9.61 3.81
N ALA A 39 -1.76 -9.57 4.69
CA ALA A 39 -0.73 -10.64 4.70
C ALA A 39 0.10 -10.51 3.42
N SER A 40 0.96 -11.44 3.13
CA SER A 40 1.75 -11.31 1.88
C SER A 40 1.59 -12.53 1.00
N ARG A 41 1.17 -12.29 -0.20
CA ARG A 41 0.93 -13.38 -1.16
C ARG A 41 1.61 -13.08 -2.50
N MET A 42 2.40 -14.01 -3.00
CA MET A 42 3.07 -13.77 -4.30
C MET A 42 2.04 -13.65 -5.42
N GLN A 43 1.04 -14.49 -5.40
CA GLN A 43 -0.01 -14.43 -6.46
C GLN A 43 -0.59 -13.01 -6.52
N GLU A 44 -0.87 -12.44 -5.38
CA GLU A 44 -1.43 -11.06 -5.35
C GLU A 44 -0.40 -10.06 -5.89
N ALA A 45 0.82 -10.17 -5.45
CA ALA A 45 1.87 -9.23 -5.94
C ALA A 45 1.72 -9.07 -7.45
N LEU A 46 1.58 -10.16 -8.15
CA LEU A 46 1.39 -10.08 -9.62
C LEU A 46 0.10 -9.30 -9.90
N ASP A 47 -0.98 -9.69 -9.29
CA ASP A 47 -2.26 -8.97 -9.50
C ASP A 47 -2.05 -7.48 -9.28
N ILE A 48 -1.33 -7.12 -8.25
CA ILE A 48 -1.08 -5.68 -7.98
C ILE A 48 0.10 -5.19 -8.83
N ALA A 49 0.74 -6.09 -9.53
CA ALA A 49 1.89 -5.68 -10.38
C ALA A 49 1.43 -5.41 -11.82
N ARG A 50 0.55 -6.22 -12.34
CA ARG A 50 0.09 -6.01 -13.74
C ARG A 50 -1.24 -5.26 -13.77
N LYS A 51 -2.00 -5.31 -12.71
CA LYS A 51 -3.32 -4.61 -12.70
C LYS A 51 -3.13 -3.10 -12.88
N GLY A 52 -2.21 -2.51 -12.18
CA GLY A 52 -2.03 -1.03 -12.32
C GLY A 52 -3.42 -0.37 -12.25
N GLN A 53 -3.98 -0.32 -11.08
CA GLN A 53 -5.35 0.28 -10.92
C GLN A 53 -5.88 0.01 -9.50
N PHE A 54 -5.36 -0.99 -8.84
CA PHE A 54 -5.82 -1.34 -7.45
C PHE A 54 -5.49 -0.24 -6.42
N ASP A 55 -5.61 1.01 -6.78
CA ASP A 55 -5.33 2.10 -5.81
C ASP A 55 -3.87 2.07 -5.30
N ILE A 56 -3.45 1.02 -4.62
CA ILE A 56 -2.02 1.02 -4.10
C ILE A 56 -1.48 -0.39 -3.83
N ALA A 57 -0.19 -0.52 -3.52
CA ALA A 57 0.40 -1.88 -3.28
C ALA A 57 1.53 -1.82 -2.24
N ILE A 58 1.32 -2.30 -1.04
CA ILE A 58 2.42 -2.25 -0.03
C ILE A 58 2.96 -3.64 0.23
N ILE A 59 4.27 -3.76 0.24
CA ILE A 59 4.91 -5.07 0.49
C ILE A 59 6.23 -4.84 1.23
N ASP A 60 6.19 -4.67 2.52
CA ASP A 60 7.47 -4.42 3.26
C ASP A 60 8.57 -5.38 2.78
N VAL A 61 9.72 -4.86 2.46
CA VAL A 61 10.82 -5.74 1.98
C VAL A 61 11.88 -5.92 3.06
N ASN A 62 11.47 -6.03 4.30
CA ASN A 62 12.46 -6.23 5.39
C ASN A 62 11.77 -6.69 6.67
N LEU A 63 10.59 -7.22 6.55
CA LEU A 63 9.87 -7.69 7.77
C LEU A 63 9.68 -9.20 7.67
N ASP A 64 10.06 -9.91 8.69
CA ASP A 64 9.92 -11.40 8.69
C ASP A 64 11.06 -12.03 7.86
N GLY A 65 11.79 -11.27 7.09
CA GLY A 65 12.90 -11.88 6.30
C GLY A 65 12.83 -11.44 4.84
N GLU A 66 12.54 -10.19 4.58
CA GLU A 66 12.49 -9.72 3.17
C GLU A 66 11.46 -10.53 2.35
N PRO A 67 10.24 -10.52 2.81
CA PRO A 67 9.17 -11.24 2.10
C PRO A 67 8.58 -10.37 0.97
N SER A 68 9.35 -9.44 0.46
CA SER A 68 8.85 -8.56 -0.62
C SER A 68 9.19 -9.16 -1.99
N TYR A 69 9.64 -10.38 -2.01
CA TYR A 69 9.99 -11.04 -3.31
C TYR A 69 10.95 -10.14 -4.10
N PRO A 70 11.51 -10.71 -5.13
CA PRO A 70 12.45 -9.97 -5.99
C PRO A 70 11.69 -8.91 -6.79
N VAL A 71 10.39 -8.87 -6.67
CA VAL A 71 9.62 -7.85 -7.42
C VAL A 71 9.47 -6.57 -6.60
N ALA A 72 8.74 -6.57 -5.50
CA ALA A 72 8.65 -5.31 -4.70
C ALA A 72 10.03 -4.68 -4.67
N ASP A 73 11.02 -5.52 -4.66
CA ASP A 73 12.42 -5.04 -4.68
C ASP A 73 12.69 -4.32 -6.00
N ILE A 74 12.38 -4.99 -7.07
CA ILE A 74 12.60 -4.40 -8.42
C ILE A 74 11.55 -3.32 -8.67
N LEU A 75 10.32 -3.59 -8.30
CA LEU A 75 9.27 -2.57 -8.49
C LEU A 75 9.81 -1.23 -7.99
N ALA A 76 10.52 -1.26 -6.89
CA ALA A 76 11.13 -0.02 -6.34
C ALA A 76 12.13 0.55 -7.35
N GLU A 77 12.96 -0.28 -7.91
CA GLU A 77 13.98 0.22 -8.90
C GLU A 77 13.31 1.10 -9.96
N ARG A 78 12.03 0.93 -10.20
CA ARG A 78 11.34 1.76 -11.22
C ARG A 78 9.91 2.10 -10.76
N ASN A 79 9.10 1.10 -10.53
CA ASN A 79 7.72 1.34 -10.04
C ASN A 79 6.88 2.18 -11.01
N VAL A 80 5.59 2.16 -10.82
CA VAL A 80 4.64 2.92 -11.70
C VAL A 80 3.56 3.56 -10.78
N PRO A 81 2.30 3.68 -11.20
CA PRO A 81 1.29 4.26 -10.26
C PRO A 81 1.05 3.24 -9.14
N PHE A 82 1.26 3.63 -7.91
CA PHE A 82 1.13 2.69 -6.77
C PHE A 82 1.69 3.34 -5.52
N ILE A 83 2.02 2.53 -4.57
CA ILE A 83 2.65 3.05 -3.34
C ILE A 83 3.34 1.89 -2.65
N PHE A 84 4.30 2.16 -1.81
CA PHE A 84 5.02 1.04 -1.15
C PHE A 84 5.71 1.45 0.15
N ALA A 85 6.11 0.49 0.92
CA ALA A 85 6.84 0.81 2.17
C ALA A 85 7.81 -0.33 2.49
N THR A 86 8.99 0.00 2.93
CA THR A 86 9.97 -1.08 3.25
C THR A 86 10.79 -0.69 4.47
N GLY A 87 11.18 -1.66 5.27
CA GLY A 87 12.00 -1.37 6.49
C GLY A 87 12.93 -0.19 6.22
N TYR A 88 13.38 -0.05 5.00
CA TYR A 88 14.29 1.08 4.68
C TYR A 88 13.53 2.42 4.76
N GLY A 89 12.42 2.55 4.08
CA GLY A 89 11.67 3.84 4.16
C GLY A 89 11.55 4.48 2.77
N SER A 90 11.68 3.71 1.72
CA SER A 90 11.56 4.28 0.34
C SER A 90 12.78 5.16 -0.01
N LYS A 91 13.45 4.85 -1.09
CA LYS A 91 14.62 5.67 -1.50
C LYS A 91 14.13 6.94 -2.22
N GLY A 92 12.85 7.15 -2.23
CA GLY A 92 12.26 8.32 -2.92
C GLY A 92 10.93 7.87 -3.50
N LEU A 93 10.95 6.75 -4.20
CA LEU A 93 9.69 6.19 -4.77
C LEU A 93 8.89 7.26 -5.51
N ASP A 94 8.81 7.16 -6.80
CA ASP A 94 8.04 8.16 -7.60
C ASP A 94 6.76 7.55 -8.17
N THR A 95 5.76 8.35 -8.40
CA THR A 95 4.49 7.81 -8.96
C THR A 95 3.44 8.91 -9.08
N ARG A 96 2.34 8.62 -9.73
CA ARG A 96 1.27 9.64 -9.85
C ARG A 96 0.57 9.81 -8.50
N TYR A 97 0.95 9.02 -7.53
CA TYR A 97 0.31 9.14 -6.18
C TYR A 97 0.95 10.28 -5.39
N SER A 98 1.93 10.93 -5.95
CA SER A 98 2.58 12.06 -5.25
C SER A 98 3.20 11.59 -3.94
N ASN A 99 3.58 10.34 -3.86
CA ASN A 99 4.18 9.83 -2.60
C ASN A 99 3.22 10.06 -1.43
N ILE A 100 2.75 8.99 -0.83
CA ILE A 100 1.78 9.12 0.30
C ILE A 100 2.18 8.15 1.46
N PRO A 101 1.59 6.96 1.59
CA PRO A 101 2.03 6.06 2.69
C PRO A 101 3.38 5.43 2.35
N LEU A 102 4.31 6.20 1.89
CA LEU A 102 5.63 5.62 1.54
C LEU A 102 6.56 5.68 2.74
N LEU A 103 6.89 4.53 3.28
CA LEU A 103 7.79 4.53 4.48
C LEU A 103 7.84 3.13 5.12
N THR A 104 8.03 3.07 6.41
CA THR A 104 8.07 1.77 7.11
C THR A 104 7.48 1.91 8.51
N LYS A 105 8.12 1.34 9.51
CA LYS A 105 7.59 1.45 10.89
C LYS A 105 6.18 0.87 10.97
N PRO A 106 5.73 0.64 12.18
CA PRO A 106 4.38 0.07 12.40
C PRO A 106 3.29 1.08 11.97
N PHE A 107 3.33 1.54 10.75
CA PHE A 107 2.30 2.49 10.27
C PHE A 107 1.96 3.52 11.36
N LEU A 108 0.72 3.61 11.77
CA LEU A 108 0.36 4.60 12.81
C LEU A 108 0.88 6.00 12.42
N ASP A 109 1.96 6.45 12.99
CA ASP A 109 2.49 7.79 12.61
C ASP A 109 2.73 7.81 11.10
N SER A 110 2.77 6.67 10.49
CA SER A 110 2.99 6.61 9.02
C SER A 110 1.66 6.69 8.28
N GLU A 111 0.77 5.78 8.56
CA GLU A 111 -0.56 5.76 7.88
C GLU A 111 -1.07 7.18 7.66
N LEU A 112 -0.85 8.07 8.58
CA LEU A 112 -1.33 9.47 8.39
C LEU A 112 -0.87 9.99 7.04
N GLU A 113 0.23 9.49 6.55
CA GLU A 113 0.73 9.95 5.24
C GLU A 113 -0.07 9.28 4.13
N ALA A 114 -0.60 8.14 4.42
CA ALA A 114 -1.38 7.40 3.40
C ALA A 114 -2.69 8.11 3.06
N VAL A 115 -3.25 8.82 3.98
CA VAL A 115 -4.55 9.50 3.68
C VAL A 115 -4.39 11.02 3.67
N LEU A 116 -3.64 11.57 4.59
CA LEU A 116 -3.49 13.05 4.61
C LEU A 116 -2.75 13.52 3.35
N VAL A 117 -1.87 12.70 2.85
CA VAL A 117 -1.11 13.10 1.63
C VAL A 117 -1.86 12.65 0.38
N GLN A 118 -2.69 11.66 0.52
CA GLN A 118 -3.46 11.16 -0.64
C GLN A 118 -4.81 11.88 -0.70
N ILE A 119 -4.85 13.09 -0.19
CA ILE A 119 -6.14 13.85 -0.23
C ILE A 119 -5.93 15.21 -0.89
N SER A 120 -4.71 15.66 -1.00
CA SER A 120 -4.44 16.97 -1.65
C SER A 120 -5.34 17.12 -2.89
N LYS A 121 -4.88 16.69 -4.03
CA LYS A 121 -5.71 16.80 -5.26
C LYS A 121 -6.45 18.13 -5.27
N GLU A 122 -5.80 19.18 -5.67
CA GLU A 122 -6.46 20.52 -5.67
C GLU A 122 -7.25 20.67 -4.37
N VAL A 123 -6.79 20.00 -3.34
CA VAL A 123 -7.44 20.03 -2.01
C VAL A 123 -8.91 20.47 -2.10
#